data_5KD1
# 
_entry.id   5KD1 
# 
_audit_conform.dict_name       mmcif_pdbx.dic 
_audit_conform.dict_version    5.379 
_audit_conform.dict_location   http://mmcif.pdb.org/dictionaries/ascii/mmcif_pdbx.dic 
# 
loop_
_database_2.database_id 
_database_2.database_code 
_database_2.pdbx_database_accession 
_database_2.pdbx_DOI 
PDB   5KD1         pdb_00005kd1 10.2210/pdb5kd1/pdb 
WWPDB D_1000222039 ?            ?                   
# 
_pdbx_database_status.status_code                     REL 
_pdbx_database_status.status_code_sf                  REL 
_pdbx_database_status.status_code_mr                  ? 
_pdbx_database_status.entry_id                        5KD1 
_pdbx_database_status.recvd_initial_deposition_date   2016-06-07 
_pdbx_database_status.SG_entry                        N 
_pdbx_database_status.deposit_site                    RCSB 
_pdbx_database_status.process_site                    RCSB 
_pdbx_database_status.status_code_cs                  ? 
_pdbx_database_status.methods_development_category    ? 
_pdbx_database_status.pdb_format_compatible           Y 
_pdbx_database_status.status_code_nmr_data            ? 
# 
loop_
_audit_author.name 
_audit_author.pdbx_ordinal 
'Wang, B.'           1 
'Guan, Y.'           2 
'Thomas, L.M.'       3 
'Richter-Addo, G.B.' 4 
# 
_citation.abstract                  ? 
_citation.abstract_id_CAS           ? 
_citation.book_id_ISBN              ? 
_citation.book_publisher            ? 
_citation.book_publisher_city       ? 
_citation.book_title                ? 
_citation.coordinate_linkage        ? 
_citation.country                   US 
_citation.database_id_Medline       ? 
_citation.details                   ? 
_citation.id                        primary 
_citation.journal_abbrev            'Nitric Oxide' 
_citation.journal_id_ASTM           ? 
_citation.journal_id_CSD            ? 
_citation.journal_id_ISSN           1089-8611 
_citation.journal_full              ? 
_citation.journal_issue             ? 
_citation.journal_volume            67 
_citation.language                  ? 
_citation.page_first                26 
_citation.page_last                 29 
_citation.title                     
'Nitrosoamphetamine binding to myoglobin and hemoglobin: Crystal structure of the H64A myoglobin-nitrosoamphetamine adduct.' 
_citation.year                      2017 
_citation.database_id_CSD           ? 
_citation.pdbx_database_id_DOI      10.1016/j.niox.2017.04.012 
_citation.pdbx_database_id_PubMed   28450187 
_citation.unpublished_flag          ? 
# 
loop_
_citation_author.citation_id 
_citation_author.name 
_citation_author.ordinal 
_citation_author.identifier_ORCID 
primary 'Wang, B.'           1 ? 
primary 'Powell, S.M.'       2 ? 
primary 'Guan, Y.'           3 ? 
primary 'Xu, N.'             4 ? 
primary 'Thomas, L.M.'       5 ? 
primary 'Richter-Addo, G.B.' 6 ? 
# 
_cell.entry_id           5KD1 
_cell.length_a           90.500 
_cell.length_b           90.500 
_cell.length_c           45.360 
_cell.angle_alpha        90.00 
_cell.angle_beta         90.00 
_cell.angle_gamma        120.00 
_cell.Z_PDB              6 
_cell.pdbx_unique_axis   ? 
# 
_symmetry.entry_id                         5KD1 
_symmetry.space_group_name_H-M             'P 6' 
_symmetry.pdbx_full_space_group_name_H-M   ? 
_symmetry.cell_setting                     ? 
_symmetry.Int_Tables_number                168 
# 
loop_
_entity.id 
_entity.type 
_entity.src_method 
_entity.pdbx_description 
_entity.formula_weight 
_entity.pdbx_number_of_molecules 
_entity.pdbx_ec 
_entity.pdbx_mutation 
_entity.pdbx_fragment 
_entity.details 
1 polymer     man Myoglobin                         17166.898 1   ? 'H65A, D122N' ? 
;ALA  A  64   UNP  P02185  HIS  65   ENGINEERED MUTATION  

ASN  A  122  UNP  P02185  ASP  123  VARIANT
;
2 non-polymer syn 'PROTOPORPHYRIN IX CONTAINING FE' 616.487   1   ? ?             ? ? 
3 non-polymer syn 'SULFATE ION'                     96.063    4   ? ?             ? ? 
4 non-polymer syn '[(2R)-2-nitrosopropyl]benzene'   149.190   1   ? ?             ? ? 
5 non-polymer syn GLYCEROL                          92.094    5   ? ?             ? ? 
6 water       nat water                             18.015    192 ? ?             ? ? 
# 
_entity_poly.entity_id                      1 
_entity_poly.type                           'polypeptide(L)' 
_entity_poly.nstd_linkage                   no 
_entity_poly.nstd_monomer                   no 
_entity_poly.pdbx_seq_one_letter_code       
;VLSEGEWQLVLHVWAKVEADVAGHGQDILIRLFKSHPETLEKFDRFKHLKTEAEMKASEDLKKAGVTVLTALGAILKKKG
HHEAELKPLAQSHATKHKIPIKYLEFISEAIIHVLHSRHPGNFGADAQGAMNKALELFRKDIAAKYKELGYQG
;
_entity_poly.pdbx_seq_one_letter_code_can   
;VLSEGEWQLVLHVWAKVEADVAGHGQDILIRLFKSHPETLEKFDRFKHLKTEAEMKASEDLKKAGVTVLTALGAILKKKG
HHEAELKPLAQSHATKHKIPIKYLEFISEAIIHVLHSRHPGNFGADAQGAMNKALELFRKDIAAKYKELGYQG
;
_entity_poly.pdbx_strand_id                 A 
_entity_poly.pdbx_target_identifier         ? 
# 
loop_
_entity_poly_seq.entity_id 
_entity_poly_seq.num 
_entity_poly_seq.mon_id 
_entity_poly_seq.hetero 
1 1   VAL n 
1 2   LEU n 
1 3   SER n 
1 4   GLU n 
1 5   GLY n 
1 6   GLU n 
1 7   TRP n 
1 8   GLN n 
1 9   LEU n 
1 10  VAL n 
1 11  LEU n 
1 12  HIS n 
1 13  VAL n 
1 14  TRP n 
1 15  ALA n 
1 16  LYS n 
1 17  VAL n 
1 18  GLU n 
1 19  ALA n 
1 20  ASP n 
1 21  VAL n 
1 22  ALA n 
1 23  GLY n 
1 24  HIS n 
1 25  GLY n 
1 26  GLN n 
1 27  ASP n 
1 28  ILE n 
1 29  LEU n 
1 30  ILE n 
1 31  ARG n 
1 32  LEU n 
1 33  PHE n 
1 34  LYS n 
1 35  SER n 
1 36  HIS n 
1 37  PRO n 
1 38  GLU n 
1 39  THR n 
1 40  LEU n 
1 41  GLU n 
1 42  LYS n 
1 43  PHE n 
1 44  ASP n 
1 45  ARG n 
1 46  PHE n 
1 47  LYS n 
1 48  HIS n 
1 49  LEU n 
1 50  LYS n 
1 51  THR n 
1 52  GLU n 
1 53  ALA n 
1 54  GLU n 
1 55  MET n 
1 56  LYS n 
1 57  ALA n 
1 58  SER n 
1 59  GLU n 
1 60  ASP n 
1 61  LEU n 
1 62  LYS n 
1 63  LYS n 
1 64  ALA n 
1 65  GLY n 
1 66  VAL n 
1 67  THR n 
1 68  VAL n 
1 69  LEU n 
1 70  THR n 
1 71  ALA n 
1 72  LEU n 
1 73  GLY n 
1 74  ALA n 
1 75  ILE n 
1 76  LEU n 
1 77  LYS n 
1 78  LYS n 
1 79  LYS n 
1 80  GLY n 
1 81  HIS n 
1 82  HIS n 
1 83  GLU n 
1 84  ALA n 
1 85  GLU n 
1 86  LEU n 
1 87  LYS n 
1 88  PRO n 
1 89  LEU n 
1 90  ALA n 
1 91  GLN n 
1 92  SER n 
1 93  HIS n 
1 94  ALA n 
1 95  THR n 
1 96  LYS n 
1 97  HIS n 
1 98  LYS n 
1 99  ILE n 
1 100 PRO n 
1 101 ILE n 
1 102 LYS n 
1 103 TYR n 
1 104 LEU n 
1 105 GLU n 
1 106 PHE n 
1 107 ILE n 
1 108 SER n 
1 109 GLU n 
1 110 ALA n 
1 111 ILE n 
1 112 ILE n 
1 113 HIS n 
1 114 VAL n 
1 115 LEU n 
1 116 HIS n 
1 117 SER n 
1 118 ARG n 
1 119 HIS n 
1 120 PRO n 
1 121 GLY n 
1 122 ASN n 
1 123 PHE n 
1 124 GLY n 
1 125 ALA n 
1 126 ASP n 
1 127 ALA n 
1 128 GLN n 
1 129 GLY n 
1 130 ALA n 
1 131 MET n 
1 132 ASN n 
1 133 LYS n 
1 134 ALA n 
1 135 LEU n 
1 136 GLU n 
1 137 LEU n 
1 138 PHE n 
1 139 ARG n 
1 140 LYS n 
1 141 ASP n 
1 142 ILE n 
1 143 ALA n 
1 144 ALA n 
1 145 LYS n 
1 146 TYR n 
1 147 LYS n 
1 148 GLU n 
1 149 LEU n 
1 150 GLY n 
1 151 TYR n 
1 152 GLN n 
1 153 GLY n 
# 
_entity_src_gen.entity_id                          1 
_entity_src_gen.pdbx_src_id                        1 
_entity_src_gen.pdbx_alt_source_flag               sample 
_entity_src_gen.pdbx_seq_type                      'Biological sequence' 
_entity_src_gen.pdbx_beg_seq_num                   1 
_entity_src_gen.pdbx_end_seq_num                   153 
_entity_src_gen.gene_src_common_name               'Sperm whale' 
_entity_src_gen.gene_src_genus                     ? 
_entity_src_gen.pdbx_gene_src_gene                 MB 
_entity_src_gen.gene_src_species                   ? 
_entity_src_gen.gene_src_strain                    ? 
_entity_src_gen.gene_src_tissue                    ? 
_entity_src_gen.gene_src_tissue_fraction           ? 
_entity_src_gen.gene_src_details                   ? 
_entity_src_gen.pdbx_gene_src_fragment             ? 
_entity_src_gen.pdbx_gene_src_scientific_name      'Physeter catodon' 
_entity_src_gen.pdbx_gene_src_ncbi_taxonomy_id     9755 
_entity_src_gen.pdbx_gene_src_variant              ? 
_entity_src_gen.pdbx_gene_src_cell_line            ? 
_entity_src_gen.pdbx_gene_src_atcc                 ? 
_entity_src_gen.pdbx_gene_src_organ                ? 
_entity_src_gen.pdbx_gene_src_organelle            ? 
_entity_src_gen.pdbx_gene_src_cell                 ? 
_entity_src_gen.pdbx_gene_src_cellular_location    ? 
_entity_src_gen.host_org_common_name               ? 
_entity_src_gen.pdbx_host_org_scientific_name      'Escherichia coli' 
_entity_src_gen.pdbx_host_org_ncbi_taxonomy_id     562 
_entity_src_gen.host_org_genus                     ? 
_entity_src_gen.pdbx_host_org_gene                 ? 
_entity_src_gen.pdbx_host_org_organ                ? 
_entity_src_gen.host_org_species                   ? 
_entity_src_gen.pdbx_host_org_tissue               ? 
_entity_src_gen.pdbx_host_org_tissue_fraction      ? 
_entity_src_gen.pdbx_host_org_strain               ? 
_entity_src_gen.pdbx_host_org_variant              ? 
_entity_src_gen.pdbx_host_org_cell_line            ? 
_entity_src_gen.pdbx_host_org_atcc                 ? 
_entity_src_gen.pdbx_host_org_culture_collection   ? 
_entity_src_gen.pdbx_host_org_cell                 ? 
_entity_src_gen.pdbx_host_org_organelle            ? 
_entity_src_gen.pdbx_host_org_cellular_location    ? 
_entity_src_gen.pdbx_host_org_vector_type          ? 
_entity_src_gen.pdbx_host_org_vector               ? 
_entity_src_gen.host_org_details                   ? 
_entity_src_gen.expression_system_id               ? 
_entity_src_gen.plasmid_name                       ? 
_entity_src_gen.plasmid_details                    ? 
_entity_src_gen.pdbx_description                   ? 
# 
_struct_ref.id                         1 
_struct_ref.db_name                    UNP 
_struct_ref.db_code                    MYG_PHYCD 
_struct_ref.pdbx_db_accession          P02185 
_struct_ref.pdbx_db_isoform            ? 
_struct_ref.entity_id                  1 
_struct_ref.pdbx_seq_one_letter_code   
;VLSEGEWQLVLHVWAKVEADVAGHGQDILIRLFKSHPETLEKFDRFKHLKTEAEMKASEDLKKHGVTVLTALGAILKKKG
HHEAELKPLAQSHATKHKIPIKYLEFISEAIIHVLHSRHPGDFGADAQGAMNKALELFRKDIAAKYKELGYQG
;
_struct_ref.pdbx_align_begin           2 
# 
_struct_ref_seq.align_id                      1 
_struct_ref_seq.ref_id                        1 
_struct_ref_seq.pdbx_PDB_id_code              5KD1 
_struct_ref_seq.pdbx_strand_id                A 
_struct_ref_seq.seq_align_beg                 1 
_struct_ref_seq.pdbx_seq_align_beg_ins_code   ? 
_struct_ref_seq.seq_align_end                 153 
_struct_ref_seq.pdbx_seq_align_end_ins_code   ? 
_struct_ref_seq.pdbx_db_accession             P02185 
_struct_ref_seq.db_align_beg                  2 
_struct_ref_seq.pdbx_db_align_beg_ins_code    ? 
_struct_ref_seq.db_align_end                  154 
_struct_ref_seq.pdbx_db_align_end_ins_code    ? 
_struct_ref_seq.pdbx_auth_seq_align_beg       1 
_struct_ref_seq.pdbx_auth_seq_align_end       153 
# 
loop_
_struct_ref_seq_dif.align_id 
_struct_ref_seq_dif.pdbx_pdb_id_code 
_struct_ref_seq_dif.mon_id 
_struct_ref_seq_dif.pdbx_pdb_strand_id 
_struct_ref_seq_dif.seq_num 
_struct_ref_seq_dif.pdbx_pdb_ins_code 
_struct_ref_seq_dif.pdbx_seq_db_name 
_struct_ref_seq_dif.pdbx_seq_db_accession_code 
_struct_ref_seq_dif.db_mon_id 
_struct_ref_seq_dif.pdbx_seq_db_seq_num 
_struct_ref_seq_dif.details 
_struct_ref_seq_dif.pdbx_auth_seq_num 
_struct_ref_seq_dif.pdbx_ordinal 
1 5KD1 ALA A 64  ? UNP P02185 HIS 65  'engineered mutation' 64  1 
1 5KD1 ASN A 122 ? UNP P02185 ASP 123 'engineered mutation' 122 2 
# 
loop_
_chem_comp.id 
_chem_comp.type 
_chem_comp.mon_nstd_flag 
_chem_comp.name 
_chem_comp.pdbx_synonyms 
_chem_comp.formula 
_chem_comp.formula_weight 
3QM non-polymer         . '[(2R)-2-nitrosopropyl]benzene'   2-nitroso-1-phenylpropane       'C9 H11 N O'       149.190 
ALA 'L-peptide linking' y ALANINE                           ?                               'C3 H7 N O2'       89.093  
ARG 'L-peptide linking' y ARGININE                          ?                               'C6 H15 N4 O2 1'   175.209 
ASN 'L-peptide linking' y ASPARAGINE                        ?                               'C4 H8 N2 O3'      132.118 
ASP 'L-peptide linking' y 'ASPARTIC ACID'                   ?                               'C4 H7 N O4'       133.103 
GLN 'L-peptide linking' y GLUTAMINE                         ?                               'C5 H10 N2 O3'     146.144 
GLU 'L-peptide linking' y 'GLUTAMIC ACID'                   ?                               'C5 H9 N O4'       147.129 
GLY 'peptide linking'   y GLYCINE                           ?                               'C2 H5 N O2'       75.067  
GOL non-polymer         . GLYCEROL                          'GLYCERIN; PROPANE-1,2,3-TRIOL' 'C3 H8 O3'         92.094  
HEM non-polymer         . 'PROTOPORPHYRIN IX CONTAINING FE' HEME                            'C34 H32 Fe N4 O4' 616.487 
HIS 'L-peptide linking' y HISTIDINE                         ?                               'C6 H10 N3 O2 1'   156.162 
HOH non-polymer         . WATER                             ?                               'H2 O'             18.015  
ILE 'L-peptide linking' y ISOLEUCINE                        ?                               'C6 H13 N O2'      131.173 
LEU 'L-peptide linking' y LEUCINE                           ?                               'C6 H13 N O2'      131.173 
LYS 'L-peptide linking' y LYSINE                            ?                               'C6 H15 N2 O2 1'   147.195 
MET 'L-peptide linking' y METHIONINE                        ?                               'C5 H11 N O2 S'    149.211 
PHE 'L-peptide linking' y PHENYLALANINE                     ?                               'C9 H11 N O2'      165.189 
PRO 'L-peptide linking' y PROLINE                           ?                               'C5 H9 N O2'       115.130 
SER 'L-peptide linking' y SERINE                            ?                               'C3 H7 N O3'       105.093 
SO4 non-polymer         . 'SULFATE ION'                     ?                               'O4 S -2'          96.063  
THR 'L-peptide linking' y THREONINE                         ?                               'C4 H9 N O3'       119.119 
TRP 'L-peptide linking' y TRYPTOPHAN                        ?                               'C11 H12 N2 O2'    204.225 
TYR 'L-peptide linking' y TYROSINE                          ?                               'C9 H11 N O3'      181.189 
VAL 'L-peptide linking' y VALINE                            ?                               'C5 H11 N O2'      117.146 
# 
_exptl.absorpt_coefficient_mu     ? 
_exptl.absorpt_correction_T_max   ? 
_exptl.absorpt_correction_T_min   ? 
_exptl.absorpt_correction_type    ? 
_exptl.absorpt_process_details    ? 
_exptl.entry_id                   5KD1 
_exptl.crystals_number            1 
_exptl.details                    ? 
_exptl.method                     'X-RAY DIFFRACTION' 
_exptl.method_details             ? 
# 
_exptl_crystal.colour                      ? 
_exptl_crystal.density_diffrn              ? 
_exptl_crystal.density_Matthews            3.12 
_exptl_crystal.density_method              ? 
_exptl_crystal.density_percent_sol         60.62 
_exptl_crystal.description                 ? 
_exptl_crystal.F_000                       ? 
_exptl_crystal.id                          1 
_exptl_crystal.preparation                 ? 
_exptl_crystal.size_max                    ? 
_exptl_crystal.size_mid                    ? 
_exptl_crystal.size_min                    ? 
_exptl_crystal.size_rad                    ? 
_exptl_crystal.colour_lustre               ? 
_exptl_crystal.colour_modifier             ? 
_exptl_crystal.colour_primary              ? 
_exptl_crystal.density_meas                ? 
_exptl_crystal.density_meas_esd            ? 
_exptl_crystal.density_meas_gt             ? 
_exptl_crystal.density_meas_lt             ? 
_exptl_crystal.density_meas_temp           ? 
_exptl_crystal.density_meas_temp_esd       ? 
_exptl_crystal.density_meas_temp_gt        ? 
_exptl_crystal.density_meas_temp_lt        ? 
_exptl_crystal.pdbx_crystal_image_url      ? 
_exptl_crystal.pdbx_crystal_image_format   ? 
_exptl_crystal.pdbx_mosaicity              ? 
_exptl_crystal.pdbx_mosaicity_esd          ? 
# 
_exptl_crystal_grow.apparatus       ? 
_exptl_crystal_grow.atmosphere      ? 
_exptl_crystal_grow.crystal_id      1 
_exptl_crystal_grow.details         ? 
_exptl_crystal_grow.method          'BATCH MODE' 
_exptl_crystal_grow.method_ref      ? 
_exptl_crystal_grow.pH              ? 
_exptl_crystal_grow.pressure        ? 
_exptl_crystal_grow.pressure_esd    ? 
_exptl_crystal_grow.seeding         ? 
_exptl_crystal_grow.seeding_ref     ? 
_exptl_crystal_grow.temp            296 
_exptl_crystal_grow.temp_details    ? 
_exptl_crystal_grow.temp_esd        ? 
_exptl_crystal_grow.time            ? 
_exptl_crystal_grow.pdbx_details    
;100 mM Tris-HCl, 1 mM EDTA, pH 9
2.3 M Ammonium Sulfate
;
_exptl_crystal_grow.pdbx_pH_range   ? 
# 
_diffrn.ambient_environment    ? 
_diffrn.ambient_temp           100 
_diffrn.ambient_temp_details   ? 
_diffrn.ambient_temp_esd       ? 
_diffrn.crystal_id             1 
_diffrn.crystal_support        ? 
_diffrn.crystal_treatment      ? 
_diffrn.details                ? 
_diffrn.id                     1 
_diffrn.ambient_pressure       ? 
_diffrn.ambient_pressure_esd   ? 
_diffrn.ambient_pressure_gt    ? 
_diffrn.ambient_pressure_lt    ? 
_diffrn.ambient_temp_gt        ? 
_diffrn.ambient_temp_lt        ? 
# 
_diffrn_detector.details                      ? 
_diffrn_detector.detector                     'IMAGE PLATE' 
_diffrn_detector.diffrn_id                    1 
_diffrn_detector.type                         'RIGAKU RAXIS IV' 
_diffrn_detector.area_resol_mean              ? 
_diffrn_detector.dtime                        ? 
_diffrn_detector.pdbx_frames_total            ? 
_diffrn_detector.pdbx_collection_time_total   ? 
_diffrn_detector.pdbx_collection_date         2013-07-10 
# 
_diffrn_radiation.collimation                      ? 
_diffrn_radiation.diffrn_id                        1 
_diffrn_radiation.filter_edge                      ? 
_diffrn_radiation.inhomogeneity                    ? 
_diffrn_radiation.monochromator                    ? 
_diffrn_radiation.polarisn_norm                    ? 
_diffrn_radiation.polarisn_ratio                   ? 
_diffrn_radiation.probe                            ? 
_diffrn_radiation.type                             ? 
_diffrn_radiation.xray_symbol                      ? 
_diffrn_radiation.wavelength_id                    1 
_diffrn_radiation.pdbx_monochromatic_or_laue_m_l   M 
_diffrn_radiation.pdbx_wavelength_list             ? 
_diffrn_radiation.pdbx_wavelength                  ? 
_diffrn_radiation.pdbx_diffrn_protocol             'SINGLE WAVELENGTH' 
_diffrn_radiation.pdbx_analyzer                    ? 
_diffrn_radiation.pdbx_scattering_type             x-ray 
# 
_diffrn_radiation_wavelength.id           1 
_diffrn_radiation_wavelength.wavelength   1.54178 
_diffrn_radiation_wavelength.wt           1.0 
# 
_diffrn_source.current                     ? 
_diffrn_source.details                     ? 
_diffrn_source.diffrn_id                   1 
_diffrn_source.power                       ? 
_diffrn_source.size                        ? 
_diffrn_source.source                      'ROTATING ANODE' 
_diffrn_source.target                      ? 
_diffrn_source.type                        'RIGAKU RUH3R' 
_diffrn_source.voltage                     ? 
_diffrn_source.take-off_angle              ? 
_diffrn_source.pdbx_wavelength_list        1.54178 
_diffrn_source.pdbx_wavelength             ? 
_diffrn_source.pdbx_synchrotron_beamline   ? 
_diffrn_source.pdbx_synchrotron_site       ? 
# 
_reflns.pdbx_diffrn_id               1 
_reflns.pdbx_ordinal                 1 
_reflns.entry_id                     5KD1 
_reflns.observed_criterion_sigma_I   ? 
_reflns.observed_criterion_sigma_F   ? 
_reflns.d_resolution_low             29.650 
_reflns.d_resolution_high            1.700 
_reflns.number_obs                   23468 
_reflns.number_all                   ? 
_reflns.percent_possible_obs         100.0 
_reflns.pdbx_Rmerge_I_obs            0.04800 
_reflns.pdbx_Rsym_value              ? 
_reflns.pdbx_netI_over_sigmaI        23.2000 
_reflns.B_iso_Wilson_estimate        ? 
_reflns.pdbx_redundancy              5.900 
# 
_reflns_shell.pdbx_diffrn_id         1 
_reflns_shell.pdbx_ordinal           1 
_reflns_shell.d_res_high             1.70 
_reflns_shell.d_res_low              1.73 
_reflns_shell.percent_possible_all   99.8 
_reflns_shell.Rmerge_I_obs           0.19100 
_reflns_shell.pdbx_Rsym_value        ? 
_reflns_shell.meanI_over_sigI_obs    ? 
_reflns_shell.pdbx_redundancy        5.30 
_reflns_shell.number_measured_obs    ? 
_reflns_shell.number_unique_all      ? 
# 
_refine.pdbx_refine_id                           'X-RAY DIFFRACTION' 
_refine.entry_id                                 5KD1 
_refine.pdbx_diffrn_id                           1 
_refine.pdbx_TLS_residual_ADP_flag               ? 
_refine.ls_number_reflns_obs                     22261 
_refine.ls_number_reflns_all                     ? 
_refine.pdbx_ls_sigma_I                          ? 
_refine.pdbx_ls_sigma_F                          0.000 
_refine.pdbx_data_cutoff_high_absF               ? 
_refine.pdbx_data_cutoff_low_absF                ? 
_refine.pdbx_data_cutoff_high_rms_absF           ? 
_refine.ls_d_res_low                             29.36 
_refine.ls_d_res_high                            1.70 
_refine.ls_percent_reflns_obs                    99.9 
_refine.ls_R_factor_obs                          0.149 
_refine.ls_R_factor_all                          ? 
_refine.ls_R_factor_R_work                       0.148 
_refine.ls_R_factor_R_free                       0.177 
_refine.ls_R_factor_R_free_error                 ? 
_refine.ls_R_factor_R_free_error_details         ? 
_refine.ls_percent_reflns_R_free                 5.100 
_refine.ls_number_reflns_R_free                  1206 
_refine.ls_number_parameters                     ? 
_refine.ls_number_restraints                     ? 
_refine.occupancy_min                            ? 
_refine.occupancy_max                            ? 
_refine.correlation_coeff_Fo_to_Fc               ? 
_refine.correlation_coeff_Fo_to_Fc_free          ? 
_refine.B_iso_mean                               16.64 
_refine.aniso_B[1][1]                            0.03000 
_refine.aniso_B[2][2]                            0.03000 
_refine.aniso_B[3][3]                            -0.10000 
_refine.aniso_B[1][2]                            0.01000 
_refine.aniso_B[1][3]                            0.00000 
_refine.aniso_B[2][3]                            0.00000 
_refine.solvent_model_details                    ? 
_refine.solvent_model_param_ksol                 ? 
_refine.solvent_model_param_bsol                 ? 
_refine.pdbx_solvent_vdw_probe_radii             ? 
_refine.pdbx_solvent_ion_probe_radii             ? 
_refine.pdbx_solvent_shrinkage_radii             ? 
_refine.pdbx_ls_cross_valid_method               THROUGHOUT 
_refine.details                                  'HYDROGENS HAVE BEEN ADDED IN THE RIDING' 
_refine.pdbx_starting_model                      2MBW 
_refine.pdbx_method_to_determine_struct          'MOLECULAR REPLACEMENT' 
_refine.pdbx_isotropic_thermal_model             ? 
_refine.pdbx_stereochemistry_target_values       ? 
_refine.pdbx_stereochem_target_val_spec_case     ? 
_refine.pdbx_R_Free_selection_details            RANDOM 
_refine.pdbx_overall_ESU_R                       0.079 
_refine.pdbx_overall_ESU_R_Free                  0.080 
_refine.overall_SU_ML                            0.045 
_refine.pdbx_overall_phase_error                 ? 
_refine.overall_SU_B                             1.329 
_refine.overall_SU_R_Cruickshank_DPI             ? 
_refine.pdbx_overall_SU_R_free_Cruickshank_DPI   ? 
_refine.pdbx_overall_SU_R_Blow_DPI               ? 
_refine.pdbx_overall_SU_R_free_Blow_DPI          ? 
# 
_refine_hist.pdbx_refine_id                   'X-RAY DIFFRACTION' 
_refine_hist.cycle_id                         LAST 
_refine_hist.pdbx_number_atoms_protein        1211 
_refine_hist.pdbx_number_atoms_nucleic_acid   0 
_refine_hist.pdbx_number_atoms_ligand         105 
_refine_hist.number_atoms_solvent             192 
_refine_hist.number_atoms_total               1508 
_refine_hist.d_res_high                       1.70 
_refine_hist.d_res_low                        29.36 
# 
_struct.entry_id                     5KD1 
_struct.title                        'Sperm whale myoglobin H64A with nitrosoamphetamine' 
_struct.pdbx_model_details           
;This stable porphyrin-Fe(?Ea)-nitrosoalkane complex was obtained from the reaction of sperm whale myoglobin ferric H64A and N-hydroxyamphetamine.
;
_struct.pdbx_formula_weight          ? 
_struct.pdbx_formula_weight_method   ? 
_struct.pdbx_model_type_details      ? 
_struct.pdbx_CASP_flag               N 
# 
_struct_keywords.entry_id        5KD1 
_struct_keywords.text            
'heme, myoglobin, nitrosoalkane, nitrosoamphetamine, 2-nitroso-1-phenylpropane, N-hydroxyamphetamine, C-nitroso, OXYGEN TRANSPORT' 
_struct_keywords.pdbx_keywords   'OXYGEN TRANSPORT' 
# 
loop_
_struct_asym.id 
_struct_asym.pdbx_blank_PDB_chainid_flag 
_struct_asym.pdbx_modified 
_struct_asym.entity_id 
_struct_asym.details 
A N N 1 ? 
B N N 2 ? 
C N N 3 ? 
D N N 3 ? 
E N N 3 ? 
F N N 3 ? 
G N N 4 ? 
H N N 5 ? 
I N N 5 ? 
J N N 5 ? 
K N N 5 ? 
L N N 5 ? 
M N N 6 ? 
# 
_struct_biol.id        1 
_struct_biol.details   'monomer according to gel filtration' 
# 
loop_
_struct_conf.conf_type_id 
_struct_conf.id 
_struct_conf.pdbx_PDB_helix_id 
_struct_conf.beg_label_comp_id 
_struct_conf.beg_label_asym_id 
_struct_conf.beg_label_seq_id 
_struct_conf.pdbx_beg_PDB_ins_code 
_struct_conf.end_label_comp_id 
_struct_conf.end_label_asym_id 
_struct_conf.end_label_seq_id 
_struct_conf.pdbx_end_PDB_ins_code 
_struct_conf.beg_auth_comp_id 
_struct_conf.beg_auth_asym_id 
_struct_conf.beg_auth_seq_id 
_struct_conf.end_auth_comp_id 
_struct_conf.end_auth_asym_id 
_struct_conf.end_auth_seq_id 
_struct_conf.pdbx_PDB_helix_class 
_struct_conf.details 
_struct_conf.pdbx_PDB_helix_length 
HELX_P HELX_P1 AA1 SER A 3   ? GLU A 18  ? SER A 3   GLU A 18  1 ? 16 
HELX_P HELX_P2 AA2 ASP A 20  ? HIS A 36  ? ASP A 20  HIS A 36  1 ? 17 
HELX_P HELX_P3 AA3 PRO A 37  ? PHE A 43  ? PRO A 37  PHE A 43  5 ? 7  
HELX_P HELX_P4 AA4 THR A 51  ? SER A 58  ? THR A 51  SER A 58  1 ? 8  
HELX_P HELX_P5 AA5 SER A 58  ? LYS A 78  ? SER A 58  LYS A 78  1 ? 21 
HELX_P HELX_P6 AA6 HIS A 82  ? LYS A 96  ? HIS A 82  LYS A 96  1 ? 15 
HELX_P HELX_P7 AA7 PRO A 100 ? HIS A 119 ? PRO A 100 HIS A 119 1 ? 20 
HELX_P HELX_P8 AA8 GLY A 124 ? GLY A 150 ? GLY A 124 GLY A 150 1 ? 27 
# 
_struct_conf_type.id          HELX_P 
_struct_conf_type.criteria    ? 
_struct_conf_type.reference   ? 
# 
loop_
_struct_conn.id 
_struct_conn.conn_type_id 
_struct_conn.pdbx_leaving_atom_flag 
_struct_conn.pdbx_PDB_id 
_struct_conn.ptnr1_label_asym_id 
_struct_conn.ptnr1_label_comp_id 
_struct_conn.ptnr1_label_seq_id 
_struct_conn.ptnr1_label_atom_id 
_struct_conn.pdbx_ptnr1_label_alt_id 
_struct_conn.pdbx_ptnr1_PDB_ins_code 
_struct_conn.pdbx_ptnr1_standard_comp_id 
_struct_conn.ptnr1_symmetry 
_struct_conn.ptnr2_label_asym_id 
_struct_conn.ptnr2_label_comp_id 
_struct_conn.ptnr2_label_seq_id 
_struct_conn.ptnr2_label_atom_id 
_struct_conn.pdbx_ptnr2_label_alt_id 
_struct_conn.pdbx_ptnr2_PDB_ins_code 
_struct_conn.ptnr1_auth_asym_id 
_struct_conn.ptnr1_auth_comp_id 
_struct_conn.ptnr1_auth_seq_id 
_struct_conn.ptnr2_auth_asym_id 
_struct_conn.ptnr2_auth_comp_id 
_struct_conn.ptnr2_auth_seq_id 
_struct_conn.ptnr2_symmetry 
_struct_conn.pdbx_ptnr3_label_atom_id 
_struct_conn.pdbx_ptnr3_label_seq_id 
_struct_conn.pdbx_ptnr3_label_comp_id 
_struct_conn.pdbx_ptnr3_label_asym_id 
_struct_conn.pdbx_ptnr3_label_alt_id 
_struct_conn.pdbx_ptnr3_PDB_ins_code 
_struct_conn.details 
_struct_conn.pdbx_dist_value 
_struct_conn.pdbx_value_order 
_struct_conn.pdbx_role 
metalc1 metalc ? ? A HIS 93 NE2 ? ? ? 1_555 B HEM . FE ? ? A HIS 93  A HEM 201 1_555 ? ? ? ? ? ? ? 2.142 ? ? 
metalc2 metalc ? ? B HEM .  FE  ? ? ? 1_555 G 3QM . N7 ? ? A HEM 201 A 3QM 206 1_555 ? ? ? ? ? ? ? 1.909 ? ? 
metalc3 metalc ? ? B HEM .  FE  ? ? ? 1_555 G 3QM . O1 ? ? A HEM 201 A 3QM 206 1_555 ? ? ? ? ? ? ? 2.577 ? ? 
# 
_struct_conn_type.id          metalc 
_struct_conn_type.criteria    ? 
_struct_conn_type.reference   ? 
# 
loop_
_struct_site.id 
_struct_site.pdbx_evidence_code 
_struct_site.pdbx_auth_asym_id 
_struct_site.pdbx_auth_comp_id 
_struct_site.pdbx_auth_seq_id 
_struct_site.pdbx_auth_ins_code 
_struct_site.pdbx_num_residues 
_struct_site.details 
AC1 Software A HEM 201 ? 17 'binding site for residue HEM A 201' 
AC2 Software A SO4 202 ? 7  'binding site for residue SO4 A 202' 
AC3 Software A SO4 203 ? 8  'binding site for residue SO4 A 203' 
AC4 Software A SO4 204 ? 7  'binding site for residue SO4 A 204' 
AC5 Software A SO4 205 ? 5  'binding site for residue SO4 A 205' 
AC6 Software A 3QM 206 ? 3  'binding site for residue 3QM A 206' 
AC7 Software A GOL 207 ? 7  'binding site for residue GOL A 207' 
AC8 Software A GOL 208 ? 3  'binding site for residue GOL A 208' 
AC9 Software A GOL 209 ? 10 'binding site for residue GOL A 209' 
AD1 Software A GOL 210 ? 9  'binding site for residue GOL A 210' 
AD2 Software A GOL 211 ? 4  'binding site for residue GOL A 211' 
# 
loop_
_struct_site_gen.id 
_struct_site_gen.site_id 
_struct_site_gen.pdbx_num_res 
_struct_site_gen.label_comp_id 
_struct_site_gen.label_asym_id 
_struct_site_gen.label_seq_id 
_struct_site_gen.pdbx_auth_ins_code 
_struct_site_gen.auth_comp_id 
_struct_site_gen.auth_asym_id 
_struct_site_gen.auth_seq_id 
_struct_site_gen.label_atom_id 
_struct_site_gen.label_alt_id 
_struct_site_gen.symmetry 
_struct_site_gen.details 
1  AC1 17 LYS A 42  ? LYS A 42  . ? 1_555 ? 
2  AC1 17 PHE A 43  ? PHE A 43  . ? 1_555 ? 
3  AC1 17 ARG A 45  ? ARG A 45  . ? 1_555 ? 
4  AC1 17 THR A 67  ? THR A 67  . ? 1_555 ? 
5  AC1 17 VAL A 68  ? VAL A 68  . ? 1_555 ? 
6  AC1 17 LEU A 89  ? LEU A 89  . ? 1_555 ? 
7  AC1 17 SER A 92  ? SER A 92  . ? 1_555 ? 
8  AC1 17 HIS A 93  ? HIS A 93  . ? 1_555 ? 
9  AC1 17 HIS A 97  ? HIS A 97  . ? 1_555 ? 
10 AC1 17 ILE A 99  ? ILE A 99  . ? 1_555 ? 
11 AC1 17 TYR A 103 ? TYR A 103 . ? 1_555 ? 
12 AC1 17 LEU A 104 ? LEU A 104 . ? 1_555 ? 
13 AC1 17 3QM G .   ? 3QM A 206 . ? 1_555 ? 
14 AC1 17 HOH M .   ? HOH A 329 . ? 1_555 ? 
15 AC1 17 HOH M .   ? HOH A 331 . ? 1_555 ? 
16 AC1 17 HOH M .   ? HOH A 359 . ? 1_555 ? 
17 AC1 17 HOH M .   ? HOH A 407 . ? 1_555 ? 
18 AC2 7  SER A 3   ? SER A 3   . ? 1_554 ? 
19 AC2 7  GLU A 4   ? GLU A 4   . ? 1_554 ? 
20 AC2 7  THR A 51  ? THR A 51  . ? 1_555 ? 
21 AC2 7  GLU A 52  ? GLU A 52  . ? 1_555 ? 
22 AC2 7  ALA A 53  ? ALA A 53  . ? 1_555 ? 
23 AC2 7  HOH M .   ? HOH A 308 . ? 1_555 ? 
24 AC2 7  HOH M .   ? HOH A 344 . ? 1_554 ? 
25 AC3 8  ALA A 15  ? ALA A 15  . ? 2_755 ? 
26 AC3 8  ALA A 15  ? ALA A 15  . ? 1_555 ? 
27 AC3 8  ALA A 15  ? ALA A 15  . ? 3_775 ? 
28 AC3 8  LYS A 16  ? LYS A 16  . ? 2_755 ? 
29 AC3 8  LYS A 16  ? LYS A 16  . ? 3_775 ? 
30 AC3 8  LYS A 16  ? LYS A 16  . ? 1_555 ? 
31 AC3 8  HOH M .   ? HOH A 437 . ? 1_555 ? 
32 AC3 8  HOH M .   ? HOH A 437 . ? 3_775 ? 
33 AC4 7  LYS A 87  ? LYS A 87  . ? 1_555 ? 
34 AC4 7  GLY A 124 ? GLY A 124 . ? 6_545 ? 
35 AC4 7  ALA A 125 ? ALA A 125 . ? 6_545 ? 
36 AC4 7  ASP A 126 ? ASP A 126 . ? 6_545 ? 
37 AC4 7  GOL J .   ? GOL A 209 . ? 6_545 ? 
38 AC4 7  HOH M .   ? HOH A 301 . ? 1_555 ? 
39 AC4 7  HOH M .   ? HOH A 433 . ? 1_555 ? 
40 AC5 5  SER A 3   ? SER A 3   . ? 1_555 ? 
41 AC5 5  GLY A 5   ? GLY A 5   . ? 1_555 ? 
42 AC5 5  HOH M .   ? HOH A 344 . ? 1_555 ? 
43 AC5 5  HOH M .   ? HOH A 430 . ? 1_555 ? 
44 AC5 5  HOH M .   ? HOH A 434 . ? 1_555 ? 
45 AC6 3  ALA A 64  ? ALA A 64  . ? 1_555 ? 
46 AC6 3  VAL A 68  ? VAL A 68  . ? 1_555 ? 
47 AC6 3  HEM B .   ? HEM A 201 . ? 1_555 ? 
48 AC7 7  ALA A 57  ? ALA A 57  . ? 1_555 ? 
49 AC7 7  SER A 58  ? SER A 58  . ? 1_555 ? 
50 AC7 7  GLU A 59  ? GLU A 59  . ? 1_555 ? 
51 AC7 7  ASP A 60  ? ASP A 60  . ? 1_555 ? 
52 AC7 7  HOH M .   ? HOH A 311 . ? 1_555 ? 
53 AC7 7  HOH M .   ? HOH A 321 . ? 1_555 ? 
54 AC7 7  HOH M .   ? HOH A 364 . ? 1_555 ? 
55 AC8 3  ARG A 31  ? ARG A 31  . ? 1_555 ? 
56 AC8 3  LYS A 98  ? LYS A 98  . ? 5_665 ? 
57 AC8 3  HIS A 113 ? HIS A 113 . ? 1_555 ? 
58 AC9 10 GLY A 121 ? GLY A 121 . ? 1_555 ? 
59 AC9 10 ASN A 122 ? ASN A 122 . ? 1_555 ? 
60 AC9 10 PHE A 123 ? PHE A 123 . ? 1_555 ? 
61 AC9 10 GLY A 124 ? GLY A 124 . ? 1_555 ? 
62 AC9 10 ASP A 126 ? ASP A 126 . ? 1_555 ? 
63 AC9 10 ALA A 127 ? ALA A 127 . ? 1_555 ? 
64 AC9 10 SO4 E .   ? SO4 A 204 . ? 5_665 ? 
65 AC9 10 HOH M .   ? HOH A 348 . ? 1_555 ? 
66 AC9 10 HOH M .   ? HOH A 353 . ? 1_555 ? 
67 AC9 10 HOH M .   ? HOH A 379 . ? 2_755 ? 
68 AD1 9  LYS A 78  ? LYS A 78  . ? 1_555 ? 
69 AD1 9  HIS A 81  ? HIS A 81  . ? 1_555 ? 
70 AD1 9  HIS A 82  ? HIS A 82  . ? 1_555 ? 
71 AD1 9  GLU A 83  ? GLU A 83  . ? 1_555 ? 
72 AD1 9  ALA A 84  ? ALA A 84  . ? 1_555 ? 
73 AD1 9  GLU A 85  ? GLU A 85  . ? 1_555 ? 
74 AD1 9  GOL L .   ? GOL A 211 . ? 1_555 ? 
75 AD1 9  HOH M .   ? HOH A 320 . ? 1_555 ? 
76 AD1 9  HOH M .   ? HOH A 465 . ? 1_555 ? 
77 AD2 4  HIS A 48  ? HIS A 48  . ? 1_556 ? 
78 AD2 4  HIS A 81  ? HIS A 81  . ? 1_555 ? 
79 AD2 4  GOL K .   ? GOL A 210 . ? 1_555 ? 
80 AD2 4  HOH M .   ? HOH A 354 . ? 1_556 ? 
# 
_atom_sites.entry_id                    5KD1 
_atom_sites.fract_transf_matrix[1][1]   0.01065658 
_atom_sites.fract_transf_matrix[1][2]   0.00289846 
_atom_sites.fract_transf_matrix[1][3]   -0.00639086 
_atom_sites.fract_transf_matrix[2][1]   0.00165101 
_atom_sites.fract_transf_matrix[2][2]   0.01176721 
_atom_sites.fract_transf_matrix[2][3]   -0.00464748 
_atom_sites.fract_transf_matrix[3][1]   0.00965298 
_atom_sites.fract_transf_matrix[3][2]   0.00609447 
_atom_sites.fract_transf_matrix[3][3]   0.01886010 
_atom_sites.fract_transf_vector[1]      1.137926 
_atom_sites.fract_transf_vector[2]      0.431649 
_atom_sites.fract_transf_vector[3]      -0.139394 
# 
loop_
_atom_type.symbol 
C  
FE 
N  
O  
S  
# 
loop_
_atom_site.group_PDB 
_atom_site.id 
_atom_site.type_symbol 
_atom_site.label_atom_id 
_atom_site.label_alt_id 
_atom_site.label_comp_id 
_atom_site.label_asym_id 
_atom_site.label_entity_id 
_atom_site.label_seq_id 
_atom_site.pdbx_PDB_ins_code 
_atom_site.Cartn_x 
_atom_site.Cartn_y 
_atom_site.Cartn_z 
_atom_site.occupancy 
_atom_site.B_iso_or_equiv 
_atom_site.pdbx_formal_charge 
_atom_site.auth_seq_id 
_atom_site.auth_comp_id 
_atom_site.auth_asym_id 
_atom_site.auth_atom_id 
_atom_site.pdbx_PDB_model_num 
ATOM   1    N  N   . VAL A 1 1   ? 10.511  -2.034  15.743  1.00 24.85 ? 1   VAL A N   1 
ATOM   2    C  CA  . VAL A 1 1   ? 10.664  -0.504  15.763  1.00 22.14 ? 1   VAL A CA  1 
ATOM   3    C  C   . VAL A 1 1   ? 11.745  0.081   14.781  1.00 18.44 ? 1   VAL A C   1 
ATOM   4    O  O   . VAL A 1 1   ? 12.953  -0.224  14.852  1.00 17.58 ? 1   VAL A O   1 
ATOM   5    C  CB  . VAL A 1 1   ? 11.011  0.009   17.165  1.00 27.60 ? 1   VAL A CB  1 
ATOM   6    C  CG1 . VAL A 1 1   ? 11.057  1.522   17.187  1.00 24.22 ? 1   VAL A CG1 1 
ATOM   7    C  CG2 . VAL A 1 1   ? 9.964   -0.441  18.207  1.00 31.40 ? 1   VAL A CG2 1 
ATOM   8    N  N   . LEU A 1 2   ? 11.346  1.012   13.913  1.00 13.43 ? 2   LEU A N   1 
ATOM   9    C  CA  . LEU A 1 2   ? 12.283  1.573   13.006  1.00 12.41 ? 2   LEU A CA  1 
ATOM   10   C  C   . LEU A 1 2   ? 13.122  2.685   13.669  1.00 12.35 ? 2   LEU A C   1 
ATOM   11   O  O   . LEU A 1 2   ? 12.608  3.428   14.554  1.00 13.10 ? 2   LEU A O   1 
ATOM   12   C  CB  . LEU A 1 2   ? 11.626  2.213   11.770  1.00 12.37 ? 2   LEU A CB  1 
ATOM   13   C  CG  . LEU A 1 2   ? 11.185  1.294   10.664  1.00 11.52 ? 2   LEU A CG  1 
ATOM   14   C  CD1 . LEU A 1 2   ? 10.022  0.445   11.108  1.00 12.85 ? 2   LEU A CD1 1 
ATOM   15   C  CD2 . LEU A 1 2   ? 10.877  1.991   9.321   1.00 11.96 ? 2   LEU A CD2 1 
ATOM   16   N  N   . SER A 1 3   ? 14.348  2.862   13.184  1.00 11.66 ? 3   SER A N   1 
ATOM   17   C  CA  . SER A 1 3   ? 15.129  3.951   13.616  1.00 12.15 ? 3   SER A CA  1 
ATOM   18   C  C   . SER A 1 3   ? 14.720  5.207   12.870  1.00 11.00 ? 3   SER A C   1 
ATOM   19   O  O   . SER A 1 3   ? 14.079  5.127   11.799  1.00 11.18 ? 3   SER A O   1 
ATOM   20   C  CB  . SER A 1 3   ? 16.593  3.673   13.341  1.00 13.11 ? 3   SER A CB  1 
ATOM   21   O  OG  . SER A 1 3   ? 16.891  3.672   11.949  1.00 13.43 ? 3   SER A OG  1 
ATOM   22   N  N   . GLU A 1 4   ? 15.166  6.348   13.354  1.00 10.92 ? 4   GLU A N   1 
ATOM   23   C  CA  . GLU A 1 4   ? 14.868  7.612   12.652  1.00 11.85 ? 4   GLU A CA  1 
ATOM   24   C  C   . GLU A 1 4   ? 15.551  7.547   11.269  1.00 11.19 ? 4   GLU A C   1 
ATOM   25   O  O   . GLU A 1 4   ? 14.946  8.077   10.299  1.00 11.28 ? 4   GLU A O   1 
ATOM   26   C  CB  . GLU A 1 4   ? 15.381  8.868   13.433  1.00 13.31 ? 4   GLU A CB  1 
ATOM   27   C  CG  . GLU A 1 4   ? 15.271  10.184  12.738  1.00 13.48 ? 4   GLU A CG  1 
ATOM   28   C  CD  . GLU A 1 4   ? 13.925  10.676  12.396  1.00 14.19 ? 4   GLU A CD  1 
ATOM   29   O  OE1 . GLU A 1 4   ? 12.894  10.105  12.833  1.00 12.91 ? 4   GLU A OE1 1 
ATOM   30   O  OE2 . GLU A 1 4   ? 13.832  11.766  11.724  1.00 16.53 ? 4   GLU A OE2 1 
ATOM   31   N  N   . GLY A 1 5   ? 16.768  6.985   11.189  1.00 12.61 ? 5   GLY A N   1 
ATOM   32   C  CA  . GLY A 1 5   ? 17.474  6.919   9.896   1.00 12.82 ? 5   GLY A CA  1 
ATOM   33   C  C   . GLY A 1 5   ? 16.630  6.110   8.883   1.00 10.91 ? 5   GLY A C   1 
ATOM   34   O  O   . GLY A 1 5   ? 16.542  6.471   7.724   1.00 10.73 ? 5   GLY A O   1 
ATOM   35   N  N   . GLU A 1 6   ? 15.989  5.059   9.366   1.00 10.52 ? 6   GLU A N   1 
ATOM   36   C  CA  . GLU A 1 6   ? 15.159  4.186   8.556   1.00 10.74 ? 6   GLU A CA  1 
ATOM   37   C  C   . GLU A 1 6   ? 13.939  4.979   8.089   1.00 10.68 ? 6   GLU A C   1 
ATOM   38   O  O   . GLU A 1 6   ? 13.582  4.989   6.881   1.00 8.77  ? 6   GLU A O   1 
ATOM   39   C  CB  . GLU A 1 6   ? 14.792  2.936   9.264   1.00 11.20 ? 6   GLU A CB  1 
ATOM   40   C  CG  . GLU A 1 6   ? 15.999  1.940   9.363   1.00 11.60 ? 6   GLU A CG  1 
ATOM   41   C  CD  . GLU A 1 6   ? 15.757  0.783   10.274  1.00 14.59 ? 6   GLU A CD  1 
ATOM   42   O  OE1 . GLU A 1 6   ? 14.949  0.775   11.182  1.00 12.52 ? 6   GLU A OE1 1 
ATOM   43   O  OE2 . GLU A 1 6   ? 16.464  -0.255  10.054  1.00 16.22 ? 6   GLU A OE2 1 
ATOM   44   N  N   . TRP A 1 7   ? 13.279  5.660   9.009   1.00 9.98  ? 7   TRP A N   1 
ATOM   45   C  CA  . TRP A 1 7   ? 12.166  6.485   8.656   1.00 9.25  ? 7   TRP A CA  1 
ATOM   46   C  C   . TRP A 1 7   ? 12.547  7.565   7.588   1.00 8.81  ? 7   TRP A C   1 
ATOM   47   O  O   . TRP A 1 7   ? 11.816  7.813   6.638   1.00 9.32  ? 7   TRP A O   1 
ATOM   48   C  CB  . TRP A 1 7   ? 11.490  7.214   9.859   1.00 9.40  ? 7   TRP A CB  1 
ATOM   49   C  CG  . TRP A 1 7   ? 10.653  6.269   10.703  1.00 8.89  ? 7   TRP A CG  1 
ATOM   50   C  CD1 . TRP A 1 7   ? 10.848  5.942   12.039  1.00 9.09  ? 7   TRP A CD1 1 
ATOM   51   C  CD2 . TRP A 1 7   ? 9.517   5.531   10.274  1.00 9.34  ? 7   TRP A CD2 1 
ATOM   52   N  NE1 . TRP A 1 7   ? 9.939   5.075   12.432  1.00 9.88  ? 7   TRP A NE1 1 
ATOM   53   C  CE2 . TRP A 1 7   ? 9.086   4.777   11.383  1.00 9.74  ? 7   TRP A CE2 1 
ATOM   54   C  CE3 . TRP A 1 7   ? 8.788   5.461   9.087   1.00 9.65  ? 7   TRP A CE3 1 
ATOM   55   C  CZ2 . TRP A 1 7   ? 7.988   3.926   11.318  1.00 9.43  ? 7   TRP A CZ2 1 
ATOM   56   C  CZ3 . TRP A 1 7   ? 7.688   4.641   9.026   1.00 9.91  ? 7   TRP A CZ3 1 
ATOM   57   C  CH2 . TRP A 1 7   ? 7.334   3.864   10.129  1.00 10.20 ? 7   TRP A CH2 1 
ATOM   58   N  N   . GLN A 1 8   ? 13.721  8.180   7.726   1.00 9.29  ? 8   GLN A N   1 
ATOM   59   C  CA  . GLN A 1 8   ? 14.162  9.125   6.749   1.00 9.96  ? 8   GLN A CA  1 
ATOM   60   C  C   . GLN A 1 8   ? 14.405  8.505   5.354   1.00 9.69  ? 8   GLN A C   1 
ATOM   61   O  O   . GLN A 1 8   ? 13.990  9.177   4.373   1.00 9.56  ? 8   GLN A O   1 
ATOM   62   C  CB  . GLN A 1 8   ? 15.392  9.919   7.195   1.00 11.81 ? 8   GLN A CB  1 
ATOM   63   C  CG  . GLN A 1 8   ? 15.001  10.889  8.355   1.00 13.12 ? 8   GLN A CG  1 
ATOM   64   C  CD  . GLN A 1 8   ? 13.955  11.889  8.009   1.00 17.62 ? 8   GLN A CD  1 
ATOM   65   O  OE1 . GLN A 1 8   ? 13.842  12.289  6.855   1.00 21.64 ? 8   GLN A OE1 1 
ATOM   66   N  NE2 . GLN A 1 8   ? 13.125  12.308  8.978   1.00 19.86 ? 8   GLN A NE2 1 
ATOM   67   N  N   . LEU A 1 9   ? 14.858  7.266   5.299   1.00 10.06 ? 9   LEU A N   1 
ATOM   68   C  CA  . LEU A 1 9   ? 14.969  6.592   3.984   1.00 9.97  ? 9   LEU A CA  1 
ATOM   69   C  C   . LEU A 1 9   ? 13.558  6.375   3.385   1.00 10.27 ? 9   LEU A C   1 
ATOM   70   O  O   . LEU A 1 9   ? 13.337  6.550   2.165   1.00 10.76 ? 9   LEU A O   1 
ATOM   71   C  CB  . LEU A 1 9   ? 15.708  5.306   4.076   1.00 11.02 ? 9   LEU A CB  1 
ATOM   72   C  CG  . LEU A 1 9   ? 17.195  5.423   4.444   1.00 12.41 ? 9   LEU A CG  1 
ATOM   73   C  CD1 . LEU A 1 9   ? 17.766  4.082   4.756   1.00 14.78 ? 9   LEU A CD1 1 
ATOM   74   C  CD2 . LEU A 1 9   ? 17.917  6.170   3.318   1.00 15.19 ? 9   LEU A CD2 1 
ATOM   75   N  N   . VAL A 1 10  ? 12.597  6.014   4.237   1.00 8.93  ? 10  VAL A N   1 
ATOM   76   C  CA  . VAL A 1 10  ? 11.206  5.859   3.789   1.00 8.94  ? 10  VAL A CA  1 
ATOM   77   C  C   . VAL A 1 10  ? 10.685  7.191   3.242   1.00 8.85  ? 10  VAL A C   1 
ATOM   78   O  O   . VAL A 1 10  ? 10.084  7.274   2.192   1.00 7.69  ? 10  VAL A O   1 
ATOM   79   C  CB  . VAL A 1 10  ? 10.366  5.327   4.951   1.00 8.40  ? 10  VAL A CB  1 
ATOM   80   C  CG1 . VAL A 1 10  ? 8.842   5.434   4.676   1.00 10.07 ? 10  VAL A CG1 1 
ATOM   81   C  CG2 . VAL A 1 10  ? 10.790  3.907   5.246   1.00 9.21  ? 10  VAL A CG2 1 
ATOM   82   N  N   . LEU A 1 11  ? 10.810  8.262   4.051   1.00 9.44  ? 11  LEU A N   1 
ATOM   83   C  CA  . LEU A 1 11  ? 10.216  9.530   3.702   1.00 9.94  ? 11  LEU A CA  1 
ATOM   84   C  C   . LEU A 1 11  ? 10.955  10.190  2.542   1.00 9.57  ? 11  LEU A C   1 
ATOM   85   O  O   . LEU A 1 11  ? 10.275  10.885  1.750   1.00 10.23 ? 11  LEU A O   1 
ATOM   86   C  CB  . LEU A 1 11  ? 10.145  10.467  4.930   1.00 12.19 ? 11  LEU A CB  1 
ATOM   87   C  CG  . LEU A 1 11  ? 9.283   9.943   6.051   1.00 13.37 ? 11  LEU A CG  1 
ATOM   88   C  CD1 . LEU A 1 11  ? 9.471   10.814  7.241   1.00 16.68 ? 11  LEU A CD1 1 
ATOM   89   C  CD2 . LEU A 1 11  ? 7.837   9.713   5.601   1.00 16.85 ? 11  LEU A CD2 1 
ATOM   90   N  N   . HIS A 1 12  ? 12.230  9.938   2.343   1.00 9.61  ? 12  HIS A N   1 
ATOM   91   C  CA  . HIS A 1 12  ? 12.915  10.522  1.160   1.00 11.76 ? 12  HIS A CA  1 
ATOM   92   C  C   . HIS A 1 12  ? 12.511  9.874   -0.152  1.00 10.62 ? 12  HIS A C   1 
ATOM   93   O  O   . HIS A 1 12  ? 12.460  10.546  -1.160  1.00 11.46 ? 12  HIS A O   1 
ATOM   94   C  CB  . HIS A 1 12  ? 14.443  10.442  1.337   1.00 14.96 ? 12  HIS A CB  1 
ATOM   95   C  CG  . HIS A 1 12  ? 14.931  11.583  2.170   1.00 19.95 ? 12  HIS A CG  1 
ATOM   96   N  ND1 . HIS A 1 12  ? 14.729  11.655  3.531   1.00 23.91 ? 12  HIS A ND1 1 
ATOM   97   C  CD2 . HIS A 1 12  ? 15.466  12.779  1.814   1.00 29.45 ? 12  HIS A CD2 1 
ATOM   98   C  CE1 . HIS A 1 12  ? 15.172  12.813  3.996   1.00 25.26 ? 12  HIS A CE1 1 
ATOM   99   N  NE2 . HIS A 1 12  ? 15.633  13.510  2.983   1.00 25.48 ? 12  HIS A NE2 1 
ATOM   100  N  N   . VAL A 1 13  ? 12.174  8.585   -0.186  1.00 9.20  ? 13  VAL A N   1 
ATOM   101  C  CA  . VAL A 1 13  ? 11.558  8.051   -1.421  1.00 8.09  ? 13  VAL A CA  1 
ATOM   102  C  C   . VAL A 1 13  ? 10.136  8.493   -1.535  1.00 7.83  ? 13  VAL A C   1 
ATOM   103  O  O   . VAL A 1 13  ? 9.665   8.721   -2.649  1.00 7.65  ? 13  VAL A O   1 
ATOM   104  C  CB  . VAL A 1 13  ? 11.729  6.527   -1.613  1.00 8.66  ? 13  VAL A CB  1 
ATOM   105  C  CG1 . VAL A 1 13  ? 10.872  5.679   -0.663  1.00 8.71  ? 13  VAL A CG1 1 
ATOM   106  C  CG2 . VAL A 1 13  ? 11.485  6.107   -3.052  1.00 8.12  ? 13  VAL A CG2 1 
ATOM   107  N  N   . TRP A 1 14  ? 9.390   8.623   -0.420  1.00 7.05  ? 14  TRP A N   1 
ATOM   108  C  CA  . TRP A 1 14  ? 7.997   9.076   -0.493  1.00 7.50  ? 14  TRP A CA  1 
ATOM   109  C  C   . TRP A 1 14  ? 7.871   10.450  -1.098  1.00 7.91  ? 14  TRP A C   1 
ATOM   110  O  O   . TRP A 1 14  ? 6.950   10.762  -1.841  1.00 7.46  ? 14  TRP A O   1 
ATOM   111  C  CB  . TRP A 1 14  ? 7.215   8.920   0.795   1.00 7.52  ? 14  TRP A CB  1 
ATOM   112  C  CG  . TRP A 1 14  ? 5.794   8.580   0.587   1.00 7.50  ? 14  TRP A CG  1 
ATOM   113  C  CD1 . TRP A 1 14  ? 4.666   9.401   0.607   1.00 8.93  ? 14  TRP A CD1 1 
ATOM   114  C  CD2 . TRP A 1 14  ? 5.314   7.315   0.163   1.00 8.75  ? 14  TRP A CD2 1 
ATOM   115  N  NE1 . TRP A 1 14  ? 3.608   8.736   0.248   1.00 9.42  ? 14  TRP A NE1 1 
ATOM   116  C  CE2 . TRP A 1 14  ? 3.916   7.440   -0.039  1.00 9.57  ? 14  TRP A CE2 1 
ATOM   117  C  CE3 . TRP A 1 14  ? 5.926   6.105   -0.077  1.00 9.67  ? 14  TRP A CE3 1 
ATOM   118  C  CZ2 . TRP A 1 14  ? 3.130   6.370   -0.427  1.00 10.26 ? 14  TRP A CZ2 1 
ATOM   119  C  CZ3 . TRP A 1 14  ? 5.101   5.037   -0.495  1.00 11.76 ? 14  TRP A CZ3 1 
ATOM   120  C  CH2 . TRP A 1 14  ? 3.738   5.220   -0.666  1.00 9.95  ? 14  TRP A CH2 1 
ATOM   121  N  N   . ALA A 1 15  ? 8.879   11.274  -0.809  1.00 8.58  ? 15  ALA A N   1 
ATOM   122  C  CA  . ALA A 1 15  ? 8.889   12.593  -1.385  1.00 9.46  ? 15  ALA A CA  1 
ATOM   123  C  C   . ALA A 1 15  ? 8.885   12.574  -2.912  1.00 9.18  ? 15  ALA A C   1 
ATOM   124  O  O   . ALA A 1 15  ? 8.359   13.493  -3.548  1.00 8.39  ? 15  ALA A O   1 
ATOM   125  C  CB  . ALA A 1 15  ? 10.152  13.318  -0.886  1.00 10.76 ? 15  ALA A CB  1 
ATOM   126  N  N   . LYS A 1 16  ? 9.514   11.561  -3.504  1.00 8.05  ? 16  LYS A N   1 
ATOM   127  C  CA  . LYS A 1 16  ? 9.528   11.443  -4.958  1.00 8.49  ? 16  LYS A CA  1 
ATOM   128  C  C   . LYS A 1 16  ? 8.201   10.913  -5.489  1.00 9.02  ? 16  LYS A C   1 
ATOM   129  O  O   . LYS A 1 16  ? 7.697   11.383  -6.484  1.00 8.21  ? 16  LYS A O   1 
ATOM   130  C  CB  . LYS A 1 16  ? 10.674  10.524  -5.436  1.00 8.95  ? 16  LYS A CB  1 
ATOM   131  C  CG  . LYS A 1 16  ? 12.056  10.881  -4.949  1.00 12.08 ? 16  LYS A CG  1 
ATOM   132  C  CD  . LYS A 1 16  ? 12.352  12.352  -5.267  1.00 15.03 ? 16  LYS A CD  1 
ATOM   133  C  CE  . LYS A 1 16  ? 13.292  13.015  -4.354  1.00 23.69 ? 16  LYS A CE  1 
ATOM   134  N  NZ  . LYS A 1 16  ? 13.358  14.535  -4.630  1.00 24.24 ? 16  LYS A NZ  1 
ATOM   135  N  N   . VAL A 1 17  ? 7.585   9.922   -4.794  1.00 8.14  ? 17  VAL A N   1 
ATOM   136  C  CA  . VAL A 1 17  ? 6.226   9.501   -5.047  1.00 7.78  ? 17  VAL A CA  1 
ATOM   137  C  C   . VAL A 1 17  ? 5.303   10.728  -5.182  1.00 7.49  ? 17  VAL A C   1 
ATOM   138  O  O   . VAL A 1 17  ? 4.455   10.843  -6.094  1.00 7.18  ? 17  VAL A O   1 
ATOM   139  C  CB  . VAL A 1 17  ? 5.671   8.515   -3.966  1.00 8.02  ? 17  VAL A CB  1 
ATOM   140  C  CG1 . VAL A 1 17  ? 4.214   8.234   -4.158  1.00 8.78  ? 17  VAL A CG1 1 
ATOM   141  C  CG2 . VAL A 1 17  ? 6.538   7.284   -4.004  1.00 8.66  ? 17  VAL A CG2 1 
ATOM   142  N  N   . GLU A 1 18  ? 5.467   11.629  -4.236  1.00 8.17  ? 18  GLU A N   1 
ATOM   143  C  CA  . GLU A 1 18  ? 4.576   12.781  -4.209  1.00 8.80  ? 18  GLU A CA  1 
ATOM   144  C  C   . GLU A 1 18  ? 4.805   13.823  -5.286  1.00 8.07  ? 18  GLU A C   1 
ATOM   145  O  O   . GLU A 1 18  ? 3.973   14.713  -5.466  1.00 8.14  ? 18  GLU A O   1 
ATOM   146  C  CB  . GLU A 1 18  ? 4.719   13.445  -2.823  1.00 8.59  ? 18  GLU A CB  1 
ATOM   147  C  CG  . GLU A 1 18  ? 4.100   12.621  -1.725  1.00 9.42  ? 18  GLU A CG  1 
ATOM   148  C  CD  . GLU A 1 18  ? 4.305   13.212  -0.350  1.00 9.58  ? 18  GLU A CD  1 
ATOM   149  O  OE1 . GLU A 1 18  ? 5.217   14.006  -0.075  1.00 9.87  ? 18  GLU A OE1 1 
ATOM   150  O  OE2 . GLU A 1 18  ? 3.421   12.852  0.534   1.00 9.55  ? 18  GLU A OE2 1 
ATOM   151  N  N   . ALA A 1 19  ? 5.798   13.664  -6.146  1.00 7.75  ? 19  ALA A N   1 
ATOM   152  C  CA  . ALA A 1 19  ? 5.879   14.473  -7.359  1.00 8.07  ? 19  ALA A CA  1 
ATOM   153  C  C   . ALA A 1 19  ? 4.682   14.166  -8.239  1.00 8.17  ? 19  ALA A C   1 
ATOM   154  O  O   . ALA A 1 19  ? 4.245   15.026  -9.018  1.00 8.39  ? 19  ALA A O   1 
ATOM   155  C  CB  . ALA A 1 19  ? 7.194   14.225  -8.085  1.00 8.21  ? 19  ALA A CB  1 
ATOM   156  N  N   . ASP A 1 20  ? 4.147   12.930  -8.198  1.00 8.03  ? 20  ASP A N   1 
ATOM   157  C  CA  . ASP A 1 20  ? 3.078   12.518  -9.071  1.00 7.57  ? 20  ASP A CA  1 
ATOM   158  C  C   . ASP A 1 20  ? 2.442   11.279  -8.450  1.00 7.51  ? 20  ASP A C   1 
ATOM   159  O  O   . ASP A 1 20  ? 2.621   10.142  -8.902  1.00 7.14  ? 20  ASP A O   1 
ATOM   160  C  CB  . ASP A 1 20  ? 3.631   12.173  -10.454 1.00 8.85  ? 20  ASP A CB  1 
ATOM   161  C  CG  . ASP A 1 20  ? 2.573   11.566  -11.421 1.00 9.42  ? 20  ASP A CG  1 
ATOM   162  O  OD1 . ASP A 1 20  ? 1.386   11.689  -11.198 1.00 9.36  ? 20  ASP A OD1 1 
ATOM   163  O  OD2 . ASP A 1 20  ? 3.050   10.924  -12.394 1.00 13.80 ? 20  ASP A OD2 1 
ATOM   164  N  N   . VAL A 1 21  ? 1.623   11.495  -7.437  1.00 6.96  ? 21  VAL A N   1 
ATOM   165  C  CA  . VAL A 1 21  ? 1.061   10.366  -6.738  1.00 7.43  ? 21  VAL A CA  1 
ATOM   166  C  C   . VAL A 1 21  ? 0.137   9.552   -7.635  1.00 7.29  ? 21  VAL A C   1 
ATOM   167  O  O   . VAL A 1 21  ? 0.124   8.323   -7.585  1.00 7.25  ? 21  VAL A O   1 
ATOM   168  C  CB  . VAL A 1 21  ? 0.388   10.729  -5.384  1.00 7.94  ? 21  VAL A CB  1 
ATOM   169  C  CG1 . VAL A 1 21  ? -0.867  11.549  -5.433  1.00 8.46  ? 21  VAL A CG1 1 
ATOM   170  C  CG2 . VAL A 1 21  ? 0.124   9.463   -4.565  1.00 8.44  ? 21  VAL A CG2 1 
ATOM   171  N  N   . ALA A 1 22  ? -0.598  10.221  -8.490  1.00 7.64  ? 22  ALA A N   1 
ATOM   172  C  CA  . ALA A 1 22  ? -1.551  9.481   -9.390  1.00 8.21  ? 22  ALA A CA  1 
ATOM   173  C  C   . ALA A 1 22  ? -0.792  8.491   -10.286 1.00 8.45  ? 22  ALA A C   1 
ATOM   174  O  O   . ALA A 1 22  ? -1.230  7.359   -10.414 1.00 8.39  ? 22  ALA A O   1 
ATOM   175  C  CB  . ALA A 1 22  ? -2.307  10.484  -10.242 1.00 8.33  ? 22  ALA A CB  1 
ATOM   176  N  N   . GLY A 1 23  ? 0.332   8.883   -10.903 1.00 8.28  ? 23  GLY A N   1 
ATOM   177  C  CA  . GLY A 1 23  ? 1.050   8.042   -11.749 1.00 8.68  ? 23  GLY A CA  1 
ATOM   178  C  C   . GLY A 1 23  ? 1.634   6.846   -11.019 1.00 8.42  ? 23  GLY A C   1 
ATOM   179  O  O   . GLY A 1 23  ? 1.672   5.700   -11.540 1.00 8.88  ? 23  GLY A O   1 
ATOM   180  N  N   . HIS A 1 24  ? 2.165   7.123   -9.839  1.00 7.63  ? 24  HIS A N   1 
ATOM   181  C  CA  . HIS A 1 24  ? 2.737   6.049   -9.009  1.00 7.56  ? 24  HIS A CA  1 
ATOM   182  C  C   . HIS A 1 24  ? 1.620   5.080   -8.655  1.00 7.94  ? 24  HIS A C   1 
ATOM   183  O  O   . HIS A 1 24  ? 1.832   3.851   -8.622  1.00 8.55  ? 24  HIS A O   1 
ATOM   184  C  CB  . HIS A 1 24  ? 3.404   6.635   -7.778  1.00 7.58  ? 24  HIS A CB  1 
ATOM   185  C  CG  . HIS A 1 24  ? 4.732   7.278   -8.028  1.00 7.76  ? 24  HIS A CG  1 
ATOM   186  N  ND1 . HIS A 1 24  ? 4.884   8.548   -8.547  1.00 7.12  ? 24  HIS A ND1 1 
ATOM   187  C  CD2 . HIS A 1 24  ? 5.980   6.792   -7.836  1.00 7.99  ? 24  HIS A CD2 1 
ATOM   188  C  CE1 . HIS A 1 24  ? 6.184   8.823   -8.628  1.00 7.84  ? 24  HIS A CE1 1 
ATOM   189  N  NE2 . HIS A 1 24  ? 6.861   7.772   -8.225  1.00 7.86  ? 24  HIS A NE2 1 
ATOM   190  N  N   . GLY A 1 25  ? 0.448   5.632   -8.269  1.00 7.79  ? 25  GLY A N   1 
ATOM   191  C  CA  . GLY A 1 25  ? -0.680  4.767   -7.827  1.00 9.08  ? 25  GLY A CA  1 
ATOM   192  C  C   . GLY A 1 25  ? -1.219  3.913   -8.968  1.00 8.90  ? 25  GLY A C   1 
ATOM   193  O  O   . GLY A 1 25  ? -1.525  2.724   -8.733  1.00 8.92  ? 25  GLY A O   1 
ATOM   194  N  N   . GLN A 1 26  ? -1.321  4.435   -10.174 1.00 9.92  ? 26  GLN A N   1 
ATOM   195  C  CA  . GLN A 1 26  ? -1.654  3.653   -11.333 1.00 10.54 ? 26  GLN A CA  1 
ATOM   196  C  C   . GLN A 1 26  ? -0.644  2.497   -11.529 1.00 9.90  ? 26  GLN A C   1 
ATOM   197  O  O   . GLN A 1 26  ? -1.010  1.316   -11.642 1.00 9.87  ? 26  GLN A O   1 
ATOM   198  C  CB  . GLN A 1 26  ? -1.638  4.453   -12.618 1.00 12.28 ? 26  GLN A CB  1 
ATOM   199  C  CG  . GLN A 1 26  ? -2.784  5.410   -12.714 1.00 14.48 ? 26  GLN A CG  1 
ATOM   200  C  CD  . GLN A 1 26  ? -2.604  6.294   -13.883 1.00 17.61 ? 26  GLN A CD  1 
ATOM   201  O  OE1 . GLN A 1 26  ? -1.583  6.992   -13.993 1.00 18.59 ? 26  GLN A OE1 1 
ATOM   202  N  NE2 . GLN A 1 26  ? -3.570  6.275   -14.795 1.00 18.59 ? 26  GLN A NE2 1 
ATOM   203  N  N   . ASP A 1 27  ? 0.644   2.791   -11.469 1.00 8.58  ? 27  ASP A N   1 
ATOM   204  C  CA  . ASP A 1 27  ? 1.635   1.735   -11.715 1.00 9.11  ? 27  ASP A CA  1 
ATOM   205  C  C   . ASP A 1 27  ? 1.525   0.620   -10.633 1.00 9.02  ? 27  ASP A C   1 
ATOM   206  O  O   . ASP A 1 27  ? 1.614   -0.581  -10.945 1.00 8.13  ? 27  ASP A O   1 
ATOM   207  C  CB  . ASP A 1 27  ? 3.078   2.254   -11.660 1.00 9.47  ? 27  ASP A CB  1 
ATOM   208  C  CG  . ASP A 1 27  ? 3.521   3.062   -12.873 1.00 12.56 ? 27  ASP A CG  1 
ATOM   209  O  OD1 . ASP A 1 27  ? 2.696   3.222   -13.772 1.00 13.02 ? 27  ASP A OD1 1 
ATOM   210  O  OD2 . ASP A 1 27  ? 4.709   3.547   -12.847 1.00 13.82 ? 27  ASP A OD2 1 
ATOM   211  N  N   . ILE A 1 28  ? 1.345   1.050   -9.359  1.00 8.06  ? 28  ILE A N   1 
ATOM   212  C  CA  . ILE A 1 28  ? 1.268   0.129   -8.276  1.00 7.72  ? 28  ILE A CA  1 
ATOM   213  C  C   . ILE A 1 28  ? -0.002  -0.753  -8.340  1.00 8.03  ? 28  ILE A C   1 
ATOM   214  O  O   . ILE A 1 28  ? 0.085   -1.980  -8.152  1.00 9.50  ? 28  ILE A O   1 
ATOM   215  C  CB  . ILE A 1 28  ? 1.416   0.895   -6.922  1.00 8.05  ? 28  ILE A CB  1 
ATOM   216  C  CG1 . ILE A 1 28  ? 2.862   1.289   -6.788  1.00 8.08  ? 28  ILE A CG1 1 
ATOM   217  C  CG2 . ILE A 1 28  ? 1.038   0.013   -5.740  1.00 9.28  ? 28  ILE A CG2 1 
ATOM   218  C  CD1 . ILE A 1 28  ? 3.112   2.332   -5.707  1.00 7.72  ? 28  ILE A CD1 1 
ATOM   219  N  N   . LEU A 1 29  ? -1.154  -0.158  -8.570  1.00 8.15  ? 29  LEU A N   1 
ATOM   220  C  CA  . LEU A 1 29  ? -2.382  -0.964  -8.651  1.00 9.01  ? 29  LEU A CA  1 
ATOM   221  C  C   . LEU A 1 29  ? -2.327  -1.887  -9.891  1.00 10.27 ? 29  LEU A C   1 
ATOM   222  O  O   . LEU A 1 29  ? -2.740  -3.077  -9.762  1.00 11.40 ? 29  LEU A O   1 
ATOM   223  C  CB  . LEU A 1 29  ? -3.633  -0.109  -8.670  1.00 8.37  ? 29  LEU A CB  1 
ATOM   224  C  CG  . LEU A 1 29  ? -3.923  0.602   -7.369  1.00 8.80  ? 29  LEU A CG  1 
ATOM   225  C  CD1 . LEU A 1 29  ? -5.192  1.425   -7.517  1.00 9.16  ? 29  LEU A CD1 1 
ATOM   226  C  CD2 . LEU A 1 29  ? -4.055  -0.398  -6.225  1.00 9.14  ? 29  LEU A CD2 1 
ATOM   227  N  N   . ILE A 1 30  ? -1.792  -1.403  -11.009 1.00 9.72  ? 30  ILE A N   1 
ATOM   228  C  CA  . ILE A 1 30  ? -1.678  -2.271  -12.181 1.00 10.88 ? 30  ILE A CA  1 
ATOM   229  C  C   . ILE A 1 30  ? -0.751  -3.439  -11.871 1.00 10.83 ? 30  ILE A C   1 
ATOM   230  O  O   . ILE A 1 30  ? -1.054  -4.584  -12.277 1.00 11.28 ? 30  ILE A O   1 
ATOM   231  C  CB  . ILE A 1 30  ? -1.270  -1.428  -13.394 1.00 11.71 ? 30  ILE A CB  1 
ATOM   232  C  CG1 . ILE A 1 30  ? -2.417  -0.539  -13.779 1.00 12.16 ? 30  ILE A CG1 1 
ATOM   233  C  CG2 . ILE A 1 30  ? -0.804  -2.346  -14.527 1.00 12.77 ? 30  ILE A CG2 1 
ATOM   234  C  CD1 . ILE A 1 30  ? -2.111  0.455   -14.902 1.00 13.47 ? 30  ILE A CD1 1 
ATOM   235  N  N   . ARG A 1 31  ? 0.388   -3.199  -11.169 1.00 9.51  ? 31  ARG A N   1 
ATOM   236  C  CA  . ARG A 1 31  ? 1.275   -4.246  -10.833 1.00 10.42 ? 31  ARG A CA  1 
ATOM   237  C  C   . ARG A 1 31  ? 0.593   -5.256  -9.959  1.00 12.40 ? 31  ARG A C   1 
ATOM   238  O  O   . ARG A 1 31  ? 0.763   -6.493  -10.135 1.00 11.23 ? 31  ARG A O   1 
ATOM   239  C  CB  . ARG A 1 31  ? 2.546   -3.698  -10.223 1.00 11.20 ? 31  ARG A CB  1 
ATOM   240  C  CG  . ARG A 1 31  ? 3.511   -4.725  -9.660  1.00 12.50 ? 31  ARG A CG  1 
ATOM   241  C  CD  . ARG A 1 31  ? 4.199   -5.439  -10.841 1.00 16.31 ? 31  ARG A CD  1 
ATOM   242  N  NE  . ARG A 1 31  ? 5.044   -6.450  -10.236 1.00 21.68 ? 31  ARG A NE  1 
ATOM   243  C  CZ  . ARG A 1 31  ? 5.845   -7.246  -10.888 1.00 22.74 ? 31  ARG A CZ  1 
ATOM   244  N  NH1 . ARG A 1 31  ? 5.960   -7.110  -12.197 1.00 26.49 ? 31  ARG A NH1 1 
ATOM   245  N  NH2 . ARG A 1 31  ? 6.474   -8.186  -10.189 1.00 27.14 ? 31  ARG A NH2 1 
ATOM   246  N  N   . LEU A 1 32  ? -0.169  -4.768  -8.967  1.00 10.58 ? 32  LEU A N   1 
ATOM   247  C  CA  . LEU A 1 32  ? -0.891  -5.696  -8.099  1.00 12.01 ? 32  LEU A CA  1 
ATOM   248  C  C   . LEU A 1 32  ? -1.861  -6.573  -8.915  1.00 12.38 ? 32  LEU A C   1 
ATOM   249  O  O   . LEU A 1 32  ? -1.874  -7.806  -8.672  1.00 14.12 ? 32  LEU A O   1 
ATOM   250  C  CB  . LEU A 1 32  ? -1.740  -4.876  -7.110  1.00 12.02 ? 32  LEU A CB  1 
ATOM   251  C  CG  . LEU A 1 32  ? -2.638  -5.627  -6.132  1.00 11.22 ? 32  LEU A CG  1 
ATOM   252  C  CD1 . LEU A 1 32  ? -1.874  -6.584  -5.252  1.00 12.31 ? 32  LEU A CD1 1 
ATOM   253  C  CD2 . LEU A 1 32  ? -3.403  -4.610  -5.288  1.00 11.63 ? 32  LEU A CD2 1 
ATOM   254  N  N   . PHE A 1 33  ? -2.636  -5.926  -9.791  1.00 11.31 ? 33  PHE A N   1 
ATOM   255  C  CA  . PHE A 1 33  ? -3.721  -6.602  -10.548 1.00 14.52 ? 33  PHE A CA  1 
ATOM   256  C  C   . PHE A 1 33  ? -3.129  -7.538  -11.579 1.00 20.43 ? 33  PHE A C   1 
ATOM   257  O  O   . PHE A 1 33  ? -3.739  -8.627  -11.827 1.00 20.04 ? 33  PHE A O   1 
ATOM   258  C  CB  . PHE A 1 33  ? -4.630  -5.681  -11.146 1.00 14.68 ? 33  PHE A CB  1 
ATOM   259  C  CG  . PHE A 1 33  ? -5.400  -4.841  -10.193 1.00 15.70 ? 33  PHE A CG  1 
ATOM   260  C  CD1 . PHE A 1 33  ? -5.769  -5.299  -8.940  1.00 15.21 ? 33  PHE A CD1 1 
ATOM   261  C  CD2 . PHE A 1 33  ? -5.834  -3.559  -10.580 1.00 16.31 ? 33  PHE A CD2 1 
ATOM   262  C  CE1 . PHE A 1 33  ? -6.484  -4.515  -8.114  1.00 15.80 ? 33  PHE A CE1 1 
ATOM   263  C  CE2 . PHE A 1 33  ? -6.601  -2.800  -9.740  1.00 17.66 ? 33  PHE A CE2 1 
ATOM   264  C  CZ  . PHE A 1 33  ? -6.930  -3.269  -8.479  1.00 16.89 ? 33  PHE A CZ  1 
ATOM   265  N  N   . LYS A 1 34  ? -1.915  -7.237  -12.046 1.00 17.63 ? 34  LYS A N   1 
ATOM   266  C  CA  . LYS A 1 34  ? -1.238  -8.165  -12.968 1.00 21.18 ? 34  LYS A CA  1 
ATOM   267  C  C   . LYS A 1 34  ? -0.576  -9.313  -12.279 1.00 20.88 ? 34  LYS A C   1 
ATOM   268  O  O   . LYS A 1 34  ? -0.760  -10.470 -12.783 1.00 22.38 ? 34  LYS A O   1 
ATOM   269  C  CB  . LYS A 1 34  ? -0.288  -7.420  -13.904 1.00 24.57 ? 34  LYS A CB  1 
ATOM   270  C  CG  . LYS A 1 34  ? -1.023  -6.568  -14.944 1.00 26.59 ? 34  LYS A CG  1 
ATOM   271  C  CD  . LYS A 1 34  ? -0.054  -5.697  -15.784 1.00 31.22 ? 34  LYS A CD  1 
ATOM   272  C  CE  . LYS A 1 34  ? 1.421   -6.141  -15.924 1.00 37.20 ? 34  LYS A CE  1 
ATOM   273  N  NZ  . LYS A 1 34  ? 2.273   -5.051  -16.532 1.00 39.46 ? 34  LYS A NZ  1 
ATOM   274  N  N   . SER A 1 35  ? 0.080   -9.122  -11.126 1.00 18.30 ? 35  SER A N   1 
ATOM   275  C  CA  . SER A 1 35  ? 0.819   -10.107 -10.417 1.00 18.25 ? 35  SER A CA  1 
ATOM   276  C  C   . SER A 1 35  ? -0.154  -11.059 -9.657  1.00 20.62 ? 35  SER A C   1 
ATOM   277  O  O   . SER A 1 35  ? 0.225   -12.254 -9.434  1.00 20.14 ? 35  SER A O   1 
ATOM   278  C  CB  . SER A 1 35  ? 1.832   -9.518  -9.494  1.00 22.27 ? 35  SER A CB  1 
ATOM   279  O  OG  . SER A 1 35  ? 2.861   -8.763  -10.201 1.00 23.68 ? 35  SER A OG  1 
ATOM   280  N  N   . HIS A 1 36  ? -1.295  -10.500 -9.226  1.00 17.33 ? 36  HIS A N   1 
ATOM   281  C  CA  . HIS A 1 36  ? -2.294  -11.258 -8.396  1.00 17.62 ? 36  HIS A CA  1 
ATOM   282  C  C   . HIS A 1 36  ? -3.650  -10.926 -8.845  1.00 18.09 ? 36  HIS A C   1 
ATOM   283  O  O   . HIS A 1 36  ? -4.417  -10.190 -8.220  1.00 16.12 ? 36  HIS A O   1 
ATOM   284  C  CB  . HIS A 1 36  ? -2.036  -10.941 -6.922  1.00 17.70 ? 36  HIS A CB  1 
ATOM   285  C  CG  . HIS A 1 36  ? -0.623  -11.142 -6.503  1.00 18.77 ? 36  HIS A CG  1 
ATOM   286  N  ND1 . HIS A 1 36  ? -0.113  -12.359 -6.164  1.00 20.70 ? 36  HIS A ND1 1 
ATOM   287  C  CD2 . HIS A 1 36  ? 0.417   -10.287 -6.418  1.00 20.17 ? 36  HIS A CD2 1 
ATOM   288  C  CE1 . HIS A 1 36  ? 1.141   -12.252 -5.805  1.00 20.67 ? 36  HIS A CE1 1 
ATOM   289  N  NE2 . HIS A 1 36  ? 1.483   -10.995 -5.945  1.00 20.28 ? 36  HIS A NE2 1 
ATOM   290  N  N   . PRO A 1 37  ? -4.083  -11.447 -10.007 1.00 15.48 ? 37  PRO A N   1 
ATOM   291  C  CA  . PRO A 1 37  ? -5.344  -11.061 -10.601 1.00 16.24 ? 37  PRO A CA  1 
ATOM   292  C  C   . PRO A 1 37  ? -6.612  -11.274 -9.718  1.00 15.11 ? 37  PRO A C   1 
ATOM   293  O  O   . PRO A 1 37  ? -7.637  -10.637 -9.901  1.00 16.90 ? 37  PRO A O   1 
ATOM   294  C  CB  . PRO A 1 37  ? -5.437  -11.885 -11.911 1.00 21.08 ? 37  PRO A CB  1 
ATOM   295  C  CG  . PRO A 1 37  ? -4.081  -12.366 -12.078 1.00 22.42 ? 37  PRO A CG  1 
ATOM   296  C  CD  . PRO A 1 37  ? -3.230  -12.299 -10.891 1.00 19.62 ? 37  PRO A CD  1 
ATOM   297  N  N   . GLU A 1 38  ? -6.467  -12.202 -8.825  1.00 16.74 ? 38  GLU A N   1 
ATOM   298  C  CA  . GLU A 1 38  ? -7.554  -12.503 -7.841  1.00 18.86 ? 38  GLU A CA  1 
ATOM   299  C  C   . GLU A 1 38  ? -7.902  -11.297 -7.008  1.00 19.20 ? 38  GLU A C   1 
ATOM   300  O  O   . GLU A 1 38  ? -9.085  -11.104 -6.632  1.00 20.75 ? 38  GLU A O   1 
ATOM   301  C  CB  . GLU A 1 38  ? -7.176  -13.693 -6.925  1.00 18.67 ? 38  GLU A CB  1 
ATOM   302  C  CG  . GLU A 1 38  ? -6.047  -13.496 -5.968  1.00 20.27 ? 38  GLU A CG  1 
ATOM   303  C  CD  . GLU A 1 38  ? -4.669  -13.830 -6.481  1.00 19.60 ? 38  GLU A CD  1 
ATOM   304  O  OE1 . GLU A 1 38  ? -4.398  -13.793 -7.741  1.00 23.38 ? 38  GLU A OE1 1 
ATOM   305  O  OE2 . GLU A 1 38  ? -3.894  -14.274 -5.617  1.00 27.18 ? 38  GLU A OE2 1 
ATOM   306  N  N   . THR A 1 39  ? -6.917  -10.409 -6.802  1.00 19.21 ? 39  THR A N   1 
ATOM   307  C  CA  . THR A 1 39  ? -7.204  -9.187  -6.043  1.00 18.41 ? 39  THR A CA  1 
ATOM   308  C  C   . THR A 1 39  ? -8.215  -8.268  -6.709  1.00 19.80 ? 39  THR A C   1 
ATOM   309  O  O   . THR A 1 39  ? -8.945  -7.527  -6.100  1.00 18.87 ? 39  THR A O   1 
ATOM   310  C  CB  . THR A 1 39  ? -5.900  -8.431  -5.674  1.00 16.53 ? 39  THR A CB  1 
ATOM   311  O  OG1 . THR A 1 39  ? -5.257  -7.992  -6.890  1.00 15.48 ? 39  THR A OG1 1 
ATOM   312  C  CG2 . THR A 1 39  ? -4.948  -9.217  -4.892  1.00 15.46 ? 39  THR A CG2 1 
ATOM   313  N  N   . LEU A 1 40  ? -8.283  -8.314  -8.022  1.00 19.46 ? 40  LEU A N   1 
ATOM   314  C  CA  . LEU A 1 40  ? -9.272  -7.559  -8.717  1.00 20.83 ? 40  LEU A CA  1 
ATOM   315  C  C   . LEU A 1 40  ? -10.707 -7.884  -8.382  1.00 18.82 ? 40  LEU A C   1 
ATOM   316  O  O   . LEU A 1 40  ? -11.571 -7.034  -8.485  1.00 21.46 ? 40  LEU A O   1 
ATOM   317  C  CB  . LEU A 1 40  ? -8.951  -7.760  -10.232 1.00 24.03 ? 40  LEU A CB  1 
ATOM   318  C  CG  . LEU A 1 40  ? -9.203  -6.814  -11.290 1.00 25.41 ? 40  LEU A CG  1 
ATOM   319  C  CD1 . LEU A 1 40  ? -8.957  -5.363  -10.944 1.00 23.18 ? 40  LEU A CD1 1 
ATOM   320  C  CD2 . LEU A 1 40  ? -8.521  -7.438  -12.559 1.00 28.43 ? 40  LEU A CD2 1 
ATOM   321  N  N   . GLU A 1 41  ? -10.981 -9.114  -7.947  1.00 22.50 ? 41  GLU A N   1 
ATOM   322  C  CA  . GLU A 1 41  ? -12.325 -9.515  -7.631  1.00 25.60 ? 41  GLU A CA  1 
ATOM   323  C  C   . GLU A 1 41  ? -12.889 -8.807  -6.412  1.00 26.14 ? 41  GLU A C   1 
ATOM   324  O  O   . GLU A 1 41  ? -14.107 -8.799  -6.216  1.00 24.23 ? 41  GLU A O   1 
ATOM   325  C  CB  . GLU A 1 41  ? -12.376 -10.979 -7.377  1.00 29.54 ? 41  GLU A CB  1 
ATOM   326  C  CG  . GLU A 1 41  ? -12.013 -11.892 -8.520  1.00 33.92 ? 41  GLU A CG  1 
ATOM   327  C  CD  . GLU A 1 41  ? -11.944 -13.330 -8.007  1.00 39.86 ? 41  GLU A CD  1 
ATOM   328  O  OE1 . GLU A 1 41  ? -12.784 -13.706 -7.170  1.00 44.92 ? 41  GLU A OE1 1 
ATOM   329  O  OE2 . GLU A 1 41  ? -11.008 -14.073 -8.337  1.00 46.17 ? 41  GLU A OE2 1 
ATOM   330  N  N   . LYS A 1 42  ? -12.038 -8.129  -5.651  1.00 22.16 ? 42  LYS A N   1 
ATOM   331  C  CA  . LYS A 1 42  ? -12.506 -7.406  -4.458  1.00 20.62 ? 42  LYS A CA  1 
ATOM   332  C  C   . LYS A 1 42  ? -13.108 -6.115  -4.791  1.00 22.95 ? 42  LYS A C   1 
ATOM   333  O  O   . LYS A 1 42  ? -13.667 -5.402  -3.946  1.00 23.71 ? 42  LYS A O   1 
ATOM   334  C  CB  . LYS A 1 42  ? -11.341 -7.262  -3.448  1.00 20.28 ? 42  LYS A CB  1 
ATOM   335  C  CG  . LYS A 1 42  ? -10.890 -8.568  -2.869  1.00 19.53 ? 42  LYS A CG  1 
ATOM   336  C  CD  . LYS A 1 42  ? -11.879 -9.035  -1.800  1.00 20.27 ? 42  LYS A CD  1 
ATOM   337  C  CE  . LYS A 1 42  ? -11.448 -10.403 -1.292  1.00 22.66 ? 42  LYS A CE  1 
ATOM   338  N  NZ  . LYS A 1 42  ? -12.393 -10.911 -0.244  1.00 21.80 ? 42  LYS A NZ  1 
ATOM   339  N  N   . PHE A 1 43  ? -12.987 -5.707  -6.035  1.00 23.37 ? 43  PHE A N   1 
ATOM   340  C  CA  . PHE A 1 43  ? -13.384 -4.404  -6.432  1.00 22.48 ? 43  PHE A CA  1 
ATOM   341  C  C   . PHE A 1 43  ? -14.553 -4.444  -7.371  1.00 27.36 ? 43  PHE A C   1 
ATOM   342  O  O   . PHE A 1 43  ? -14.400 -4.825  -8.541  1.00 23.19 ? 43  PHE A O   1 
ATOM   343  C  CB  . PHE A 1 43  ? -12.259 -3.665  -7.111  1.00 20.82 ? 43  PHE A CB  1 
ATOM   344  C  CG  . PHE A 1 43  ? -11.050 -3.492  -6.278  1.00 20.69 ? 43  PHE A CG  1 
ATOM   345  C  CD1 . PHE A 1 43  ? -10.137 -4.487  -6.153  1.00 19.75 ? 43  PHE A CD1 1 
ATOM   346  C  CD2 . PHE A 1 43  ? -10.843 -2.328  -5.566  1.00 22.34 ? 43  PHE A CD2 1 
ATOM   347  C  CE1 . PHE A 1 43  ? -9.009  -4.333  -5.374  1.00 20.47 ? 43  PHE A CE1 1 
ATOM   348  C  CE2 . PHE A 1 43  ? -9.740  -2.213  -4.737  1.00 20.67 ? 43  PHE A CE2 1 
ATOM   349  C  CZ  . PHE A 1 43  ? -8.812  -3.182  -4.690  1.00 19.08 ? 43  PHE A CZ  1 
ATOM   350  N  N   . ASP A 1 44  ? -15.691 -3.954  -6.894  1.00 28.03 ? 44  ASP A N   1 
ATOM   351  C  CA  . ASP A 1 44  ? -16.852 -3.833  -7.794  1.00 31.93 ? 44  ASP A CA  1 
ATOM   352  C  C   . ASP A 1 44  ? -16.602 -2.884  -8.900  1.00 29.35 ? 44  ASP A C   1 
ATOM   353  O  O   . ASP A 1 44  ? -17.091 -3.115  -9.967  1.00 30.09 ? 44  ASP A O   1 
ATOM   354  C  CB  . ASP A 1 44  ? -18.125 -3.347  -7.094  1.00 36.92 ? 44  ASP A CB  1 
ATOM   355  C  CG  . ASP A 1 44  ? -18.805 -4.440  -6.305  1.00 49.45 ? 44  ASP A CG  1 
ATOM   356  O  OD1 . ASP A 1 44  ? -18.594 -5.661  -6.616  1.00 51.94 ? 44  ASP A OD1 1 
ATOM   357  O  OD2 . ASP A 1 44  ? -19.569 -4.040  -5.379  1.00 47.54 ? 44  ASP A OD2 1 
ATOM   358  N  N   . ARG A 1 45  ? -15.902 -1.791  -8.633  1.00 26.63 ? 45  ARG A N   1 
ATOM   359  C  CA  . ARG A 1 45  ? -15.619 -0.805  -9.668  1.00 31.85 ? 45  ARG A CA  1 
ATOM   360  C  C   . ARG A 1 45  ? -14.643 -1.356  -10.724 1.00 21.97 ? 45  ARG A C   1 
ATOM   361  O  O   . ARG A 1 45  ? -14.570 -0.777  -11.769 1.00 28.31 ? 45  ARG A O   1 
ATOM   362  C  CB  . ARG A 1 45  ? -14.965 0.486   -9.067  1.00 42.66 ? 45  ARG A CB  1 
ATOM   363  C  CG  . ARG A 1 45  ? -15.865 1.518   -8.423  1.00 51.55 ? 45  ARG A CG  1 
ATOM   364  C  CD  . ARG A 1 45  ? -15.159 2.131   -7.206  1.00 60.96 ? 45  ARG A CD  1 
ATOM   365  N  NE  . ARG A 1 45  ? -14.365 3.326   -7.459  1.00 71.58 ? 45  ARG A NE  1 
ATOM   366  C  CZ  . ARG A 1 45  ? -14.881 4.542   -7.719  1.00 84.46 ? 45  ARG A CZ  1 
ATOM   367  N  NH1 . ARG A 1 45  ? -16.208 4.733   -7.788  1.00 79.38 ? 45  ARG A NH1 1 
ATOM   368  N  NH2 . ARG A 1 45  ? -14.072 5.590   -7.945  1.00 81.84 ? 45  ARG A NH2 1 
ATOM   369  N  N   . PHE A 1 46  ? -13.843 -2.383  -10.446 1.00 21.83 ? 46  PHE A N   1 
ATOM   370  C  CA  . PHE A 1 46  ? -12.707 -2.828  -11.375 1.00 19.88 ? 46  PHE A CA  1 
ATOM   371  C  C   . PHE A 1 46  ? -12.633 -4.269  -11.811 1.00 21.50 ? 46  PHE A C   1 
ATOM   372  O  O   . PHE A 1 46  ? -11.766 -4.615  -12.633 1.00 21.77 ? 46  PHE A O   1 
ATOM   373  C  CB  . PHE A 1 46  ? -11.304 -2.598  -10.690 1.00 20.33 ? 46  PHE A CB  1 
ATOM   374  C  CG  . PHE A 1 46  ? -11.085 -1.192  -10.193 1.00 20.56 ? 46  PHE A CG  1 
ATOM   375  C  CD1 . PHE A 1 46  ? -11.561 -0.138  -10.900 1.00 20.74 ? 46  PHE A CD1 1 
ATOM   376  C  CD2 . PHE A 1 46  ? -10.511 -0.942  -8.920  1.00 24.01 ? 46  PHE A CD2 1 
ATOM   377  C  CE1 . PHE A 1 46  ? -11.403 1.188   -10.448 1.00 22.18 ? 46  PHE A CE1 1 
ATOM   378  C  CE2 . PHE A 1 46  ? -10.376 0.362   -8.482  1.00 21.28 ? 46  PHE A CE2 1 
ATOM   379  C  CZ  . PHE A 1 46  ? -10.842 1.409   -9.208  1.00 23.20 ? 46  PHE A CZ  1 
ATOM   380  N  N   . LYS A 1 47  ? -13.441 -5.140  -11.225 1.00 19.56 ? 47  LYS A N   1 
ATOM   381  C  CA  . LYS A 1 47  ? -13.365 -6.590  -11.498 1.00 23.96 ? 47  LYS A CA  1 
ATOM   382  C  C   . LYS A 1 47  ? -13.587 -6.847  -12.962 1.00 23.53 ? 47  LYS A C   1 
ATOM   383  O  O   . LYS A 1 47  ? -13.234 -7.917  -13.436 1.00 24.46 ? 47  LYS A O   1 
ATOM   384  C  CB  . LYS A 1 47  ? -14.368 -7.379  -10.652 1.00 25.34 ? 47  LYS A CB  1 
ATOM   385  C  CG  . LYS A 1 47  ? -15.806 -6.950  -10.811 1.00 31.27 ? 47  LYS A CG  1 
ATOM   386  C  CD  . LYS A 1 47  ? -16.774 -7.836  -9.977  1.00 38.42 ? 47  LYS A CD  1 
ATOM   387  C  CE  . LYS A 1 47  ? -18.134 -7.169  -9.896  1.00 50.63 ? 47  LYS A CE  1 
ATOM   388  N  NZ  . LYS A 1 47  ? -18.992 -7.587  -8.733  1.00 58.21 ? 47  LYS A NZ  1 
ATOM   389  N  N   . HIS A 1 48  ? -14.223 -5.913  -13.667 1.00 21.61 ? 48  HIS A N   1 
ATOM   390  C  CA  . HIS A 1 48  ? -14.400 -6.058  -15.123 1.00 21.74 ? 48  HIS A CA  1 
ATOM   391  C  C   . HIS A 1 48  ? -13.228 -5.747  -16.022 1.00 21.91 ? 48  HIS A C   1 
ATOM   392  O  O   . HIS A 1 48  ? -13.233 -6.123  -17.215 1.00 20.35 ? 48  HIS A O   1 
ATOM   393  C  CB  . HIS A 1 48  ? -15.581 -5.203  -15.603 1.00 22.25 ? 48  HIS A CB  1 
ATOM   394  C  CG  . HIS A 1 48  ? -15.293 -3.734  -15.624 1.00 27.77 ? 48  HIS A CG  1 
ATOM   395  N  ND1 . HIS A 1 48  ? -15.158 -2.985  -14.462 1.00 29.94 ? 48  HIS A ND1 1 
ATOM   396  C  CD2 . HIS A 1 48  ? -15.067 -2.874  -16.655 1.00 28.03 ? 48  HIS A CD2 1 
ATOM   397  C  CE1 . HIS A 1 48  ? -14.869 -1.722  -14.778 1.00 31.94 ? 48  HIS A CE1 1 
ATOM   398  N  NE2 . HIS A 1 48  ? -14.798 -1.630  -16.102 1.00 36.50 ? 48  HIS A NE2 1 
ATOM   399  N  N   . LEU A 1 49  ? -12.221 -5.020  -15.530 1.00 18.87 ? 49  LEU A N   1 
ATOM   400  C  CA  . LEU A 1 49  ? -11.091 -4.596  -16.382 1.00 17.69 ? 49  LEU A CA  1 
ATOM   401  C  C   . LEU A 1 49  ? -10.298 -5.758  -16.813 1.00 15.89 ? 49  LEU A C   1 
ATOM   402  O  O   . LEU A 1 49  ? -9.949  -6.659  -16.032 1.00 17.94 ? 49  LEU A O   1 
ATOM   403  C  CB  . LEU A 1 49  ? -10.195 -3.616  -15.578 1.00 18.18 ? 49  LEU A CB  1 
ATOM   404  C  CG  . LEU A 1 49  ? -10.804 -2.307  -15.173 1.00 20.71 ? 49  LEU A CG  1 
ATOM   405  C  CD1 . LEU A 1 49  ? -9.890  -1.555  -14.187 1.00 21.57 ? 49  LEU A CD1 1 
ATOM   406  C  CD2 . LEU A 1 49  ? -11.129 -1.377  -16.319 1.00 24.82 ? 49  LEU A CD2 1 
ATOM   407  N  N   . LYS A 1 50  ? -10.091 -5.903  -18.158 1.00 15.11 ? 50  LYS A N   1 
ATOM   408  C  CA  . LYS A 1 50  ? -9.499  -7.068  -18.710 1.00 16.01 ? 50  LYS A CA  1 
ATOM   409  C  C   . LYS A 1 50  ? -7.984  -6.994  -19.027 1.00 17.84 ? 50  LYS A C   1 
ATOM   410  O  O   . LYS A 1 50  ? -7.324  -8.025  -19.108 1.00 20.12 ? 50  LYS A O   1 
ATOM   411  C  CB  . LYS A 1 50  ? -10.231 -7.365  -20.040 1.00 17.13 ? 50  LYS A CB  1 
ATOM   412  C  CG  . LYS A 1 50  ? -11.686 -7.800  -19.839 1.00 17.16 ? 50  LYS A CG  1 
ATOM   413  C  CD  . LYS A 1 50  ? -12.380 -8.147  -21.212 1.00 17.65 ? 50  LYS A CD  1 
ATOM   414  C  CE  . LYS A 1 50  ? -13.862 -8.462  -21.085 1.00 17.57 ? 50  LYS A CE  1 
ATOM   415  N  NZ  . LYS A 1 50  ? -14.101 -9.700  -20.359 1.00 18.01 ? 50  LYS A NZ  1 
ATOM   416  N  N   . THR A 1 51  ? -7.505  -5.793  -19.280 1.00 13.79 ? 51  THR A N   1 
ATOM   417  C  CA  . THR A 1 51  ? -6.213  -5.564  -19.843 1.00 13.19 ? 51  THR A CA  1 
ATOM   418  C  C   . THR A 1 51  ? -5.513  -4.387  -19.119 1.00 13.27 ? 51  THR A C   1 
ATOM   419  O  O   . THR A 1 51  ? -6.166  -3.515  -18.541 1.00 12.82 ? 51  THR A O   1 
ATOM   420  C  CB  . THR A 1 51  ? -6.249  -5.194  -21.345 1.00 13.44 ? 51  THR A CB  1 
ATOM   421  O  OG1 . THR A 1 51  ? -6.913  -3.961  -21.502 1.00 14.09 ? 51  THR A OG1 1 
ATOM   422  C  CG2 . THR A 1 51  ? -6.908  -6.310  -22.122 1.00 14.25 ? 51  THR A CG2 1 
ATOM   423  N  N   . GLU A 1 52  ? -4.171  -4.327  -19.192 1.00 14.42 ? 52  GLU A N   1 
ATOM   424  C  CA  . GLU A 1 52  ? -3.439  -3.162  -18.697 1.00 14.28 ? 52  GLU A CA  1 
ATOM   425  C  C   . GLU A 1 52  ? -3.858  -1.859  -19.371 1.00 15.29 ? 52  GLU A C   1 
ATOM   426  O  O   . GLU A 1 52  ? -3.975  -0.793  -18.731 1.00 14.55 ? 52  GLU A O   1 
ATOM   427  C  CB  . GLU A 1 52  ? -1.916  -3.388  -18.826 1.00 16.02 ? 52  GLU A CB  1 
ATOM   428  C  CG  . GLU A 1 52  ? -1.067  -2.192  -18.467 1.00 17.32 ? 52  GLU A CG  1 
ATOM   429  C  CD  . GLU A 1 52  ? 0.417   -2.517  -18.305 1.00 23.56 ? 52  GLU A CD  1 
ATOM   430  O  OE1 . GLU A 1 52  ? 0.847   -3.653  -18.570 1.00 23.14 ? 52  GLU A OE1 1 
ATOM   431  O  OE2 . GLU A 1 52  ? 1.141   -1.616  -17.855 1.00 22.86 ? 52  GLU A OE2 1 
ATOM   432  N  N   . ALA A 1 53  ? -4.175  -1.929  -20.695 1.00 12.50 ? 53  ALA A N   1 
ATOM   433  C  CA  . ALA A 1 53  ? -4.665  -0.755  -21.336 1.00 13.82 ? 53  ALA A CA  1 
ATOM   434  C  C   . ALA A 1 53  ? -5.933  -0.205  -20.744 1.00 12.07 ? 53  ALA A C   1 
ATOM   435  O  O   . ALA A 1 53  ? -6.038  1.001   -20.542 1.00 14.04 ? 53  ALA A O   1 
ATOM   436  C  CB  . ALA A 1 53  ? -4.823  -1.044  -22.859 1.00 15.46 ? 53  ALA A CB  1 
ATOM   437  N  N   . GLU A 1 54  ? -6.885  -1.076  -20.430 1.00 12.74 ? 54  GLU A N   1 
ATOM   438  C  CA  . GLU A 1 54  ? -8.121  -0.682  -19.787 1.00 13.35 ? 54  GLU A CA  1 
ATOM   439  C  C   . GLU A 1 54  ? -7.819  -0.064  -18.418 1.00 12.04 ? 54  GLU A C   1 
ATOM   440  O  O   . GLU A 1 54  ? -8.415  0.903   -18.062 1.00 12.44 ? 54  GLU A O   1 
ATOM   441  C  CB  . GLU A 1 54  ? -9.075  -1.841  -19.655 1.00 15.03 ? 54  GLU A CB  1 
ATOM   442  C  CG  . GLU A 1 54  ? -9.653  -2.250  -21.067 1.00 15.94 ? 54  GLU A CG  1 
ATOM   443  C  CD  . GLU A 1 54  ? -10.692 -3.312  -20.988 1.00 19.04 ? 54  GLU A CD  1 
ATOM   444  O  OE1 . GLU A 1 54  ? -10.962 -3.845  -19.908 1.00 20.07 ? 54  GLU A OE1 1 
ATOM   445  O  OE2 . GLU A 1 54  ? -11.301 -3.590  -22.085 1.00 20.03 ? 54  GLU A OE2 1 
ATOM   446  N  N   . MET A 1 55  ? -6.918  -0.711  -17.699 1.00 12.70 ? 55  MET A N   1 
ATOM   447  C  CA  . MET A 1 55  ? -6.520  -0.185  -16.391 1.00 12.61 ? 55  MET A CA  1 
ATOM   448  C  C   . MET A 1 55  ? -5.932  1.218   -16.474 1.00 12.26 ? 55  MET A C   1 
ATOM   449  O  O   . MET A 1 55  ? -6.307  2.096   -15.677 1.00 12.89 ? 55  MET A O   1 
ATOM   450  C  CB  . MET A 1 55  ? -5.559  -1.149  -15.732 1.00 12.30 ? 55  MET A CB  1 
ATOM   451  C  CG  . MET A 1 55  ? -6.204  -2.423  -15.324 1.00 13.35 ? 55  MET A CG  1 
ATOM   452  S  SD  . MET A 1 55  ? -4.939  -3.607  -14.776 1.00 15.37 ? 55  MET A SD  1 
ATOM   453  C  CE  . MET A 1 55  ? -5.847  -5.172  -14.844 1.00 18.60 ? 55  MET A CE  1 
ATOM   454  N  N   . LYS A 1 56  ? -5.047  1.450   -17.447 1.00 13.53 ? 56  LYS A N   1 
ATOM   455  C  CA  . LYS A 1 56  ? -4.396  2.751   -17.625 1.00 15.14 ? 56  LYS A CA  1 
ATOM   456  C  C   . LYS A 1 56  ? -5.353  3.853   -18.001 1.00 17.29 ? 56  LYS A C   1 
ATOM   457  O  O   . LYS A 1 56  ? -5.184  5.013   -17.633 1.00 17.94 ? 56  LYS A O   1 
ATOM   458  C  CB  . LYS A 1 56  ? -3.304  2.623   -18.635 1.00 18.42 ? 56  LYS A CB  1 
ATOM   459  C  CG  . LYS A 1 56  ? -2.079  1.941   -18.120 1.00 23.14 ? 56  LYS A CG  1 
ATOM   460  C  CD  . LYS A 1 56  ? -1.003  1.889   -19.178 1.00 27.72 ? 56  LYS A CD  1 
ATOM   461  C  CE  . LYS A 1 56  ? 0.342   1.554   -18.619 1.00 30.61 ? 56  LYS A CE  1 
ATOM   462  N  NZ  . LYS A 1 56  ? 1.142   1.269   -19.862 1.00 38.93 ? 56  LYS A NZ  1 
ATOM   463  N  N   . ALA A 1 57  ? -6.441  3.485   -18.696 1.00 15.13 ? 57  ALA A N   1 
ATOM   464  C  CA  . ALA A 1 57  ? -7.469  4.408   -19.127 1.00 15.51 ? 57  ALA A CA  1 
ATOM   465  C  C   . ALA A 1 57  ? -8.525  4.699   -18.122 1.00 15.58 ? 57  ALA A C   1 
ATOM   466  O  O   . ALA A 1 57  ? -9.319  5.595   -18.326 1.00 18.73 ? 57  ALA A O   1 
ATOM   467  C  CB  . ALA A 1 57  ? -8.127  3.866   -20.434 1.00 15.88 ? 57  ALA A CB  1 
ATOM   468  N  N   . SER A 1 58  ? -8.561  3.957   -16.995 1.00 14.02 ? 58  SER A N   1 
ATOM   469  C  CA  . SER A 1 58  ? -9.595  4.072   -16.017 1.00 12.81 ? 58  SER A CA  1 
ATOM   470  C  C   . SER A 1 58  ? -9.366  5.258   -15.086 1.00 14.21 ? 58  SER A C   1 
ATOM   471  O  O   . SER A 1 58  ? -8.440  5.254   -14.277 1.00 14.06 ? 58  SER A O   1 
ATOM   472  C  CB  . SER A 1 58  ? -9.686  2.830   -15.178 1.00 14.41 ? 58  SER A CB  1 
ATOM   473  O  OG  . SER A 1 58  ? -10.585 2.978   -14.105 1.00 11.96 ? 58  SER A OG  1 
ATOM   474  N  N   . GLU A 1 59  ? -10.267 6.221   -15.143 1.00 15.73 ? 59  GLU A N   1 
ATOM   475  C  CA  . GLU A 1 59  ? -10.172 7.348   -14.253 1.00 16.53 ? 59  GLU A CA  1 
ATOM   476  C  C   . GLU A 1 59  ? -10.463 6.889   -12.847 1.00 14.82 ? 59  GLU A C   1 
ATOM   477  O  O   . GLU A 1 59  ? -9.798  7.395   -11.914 1.00 14.77 ? 59  GLU A O   1 
ATOM   478  C  CB  . GLU A 1 59  ? -11.153 8.456   -14.665 1.00 20.21 ? 59  GLU A CB  1 
ATOM   479  C  CG  . GLU A 1 59  ? -11.015 9.666   -13.766 1.00 26.69 ? 59  GLU A CG  1 
ATOM   480  C  CD  . GLU A 1 59  ? -9.751  10.523  -14.025 1.00 32.70 ? 59  GLU A CD  1 
ATOM   481  O  OE1 . GLU A 1 59  ? -8.947  10.296  -14.998 1.00 32.45 ? 59  GLU A OE1 1 
ATOM   482  O  OE2 . GLU A 1 59  ? -9.603  11.491  -13.172 1.00 41.28 ? 59  GLU A OE2 1 
ATOM   483  N  N   . ASP A 1 60  ? -11.395 5.979   -12.638 1.00 13.57 ? 60  ASP A N   1 
ATOM   484  C  CA  . ASP A 1 60  ? -11.652 5.411   -11.284 1.00 14.52 ? 60  ASP A CA  1 
ATOM   485  C  C   . ASP A 1 60  ? -10.391 4.717   -10.680 1.00 13.11 ? 60  ASP A C   1 
ATOM   486  O  O   . ASP A 1 60  ? -10.128 4.935   -9.488  1.00 13.87 ? 60  ASP A O   1 
ATOM   487  C  CB  . ASP A 1 60  ? -12.772 4.406   -11.248 1.00 18.91 ? 60  ASP A CB  1 
ATOM   488  C  CG  . ASP A 1 60  ? -14.172 5.069   -11.251 1.00 24.30 ? 60  ASP A CG  1 
ATOM   489  O  OD1 . ASP A 1 60  ? -14.279 6.266   -11.065 1.00 26.35 ? 60  ASP A OD1 1 
ATOM   490  O  OD2 . ASP A 1 60  ? -15.131 4.328   -11.509 1.00 28.14 ? 60  ASP A OD2 1 
ATOM   491  N  N   . LEU A 1 61  ? -9.634  4.002   -11.501 1.00 11.57 ? 61  LEU A N   1 
ATOM   492  C  CA  . LEU A 1 61  ? -8.426  3.312   -10.998 1.00 11.04 ? 61  LEU A CA  1 
ATOM   493  C  C   . LEU A 1 61  ? -7.364  4.377   -10.626 1.00 10.98 ? 61  LEU A C   1 
ATOM   494  O  O   . LEU A 1 61  ? -6.715  4.246   -9.588  1.00 10.94 ? 61  LEU A O   1 
ATOM   495  C  CB  . LEU A 1 61  ? -7.894  2.319   -11.974 1.00 12.57 ? 61  LEU A CB  1 
ATOM   496  C  CG  . LEU A 1 61  ? -6.763  1.415   -11.493 1.00 12.34 ? 61  LEU A CG  1 
ATOM   497  C  CD1 . LEU A 1 61  ? -6.770  0.128   -12.309 1.00 12.53 ? 61  LEU A CD1 1 
ATOM   498  C  CD2 . LEU A 1 61  ? -5.396  1.999   -11.730 1.00 16.04 ? 61  LEU A CD2 1 
ATOM   499  N  N   . LYS A 1 62  ? -7.227  5.424   -11.435 1.00 11.53 ? 62  LYS A N   1 
ATOM   500  C  CA  . LYS A 1 62  ? -6.295  6.501   -11.105 1.00 12.05 ? 62  LYS A CA  1 
ATOM   501  C  C   . LYS A 1 62  ? -6.692  7.126   -9.782  1.00 12.01 ? 62  LYS A C   1 
ATOM   502  O  O   . LYS A 1 62  ? -5.806  7.365   -8.921  1.00 11.30 ? 62  LYS A O   1 
ATOM   503  C  CB  . LYS A 1 62  ? -6.324  7.534   -12.231 1.00 13.73 ? 62  LYS A CB  1 
ATOM   504  C  CG  . LYS A 1 62  ? -5.363  8.610   -11.941 1.00 16.00 ? 62  LYS A CG  1 
ATOM   505  C  CD  . LYS A 1 62  ? -5.668  9.736   -12.863 1.00 23.89 ? 62  LYS A CD  1 
ATOM   506  C  CE  . LYS A 1 62  ? -5.148  9.476   -14.208 1.00 30.99 ? 62  LYS A CE  1 
ATOM   507  N  NZ  . LYS A 1 62  ? -4.835  10.887  -14.747 1.00 41.67 ? 62  LYS A NZ  1 
ATOM   508  N  N   . LYS A 1 63  ? -7.952  7.413   -9.584  1.00 11.30 ? 63  LYS A N   1 
ATOM   509  C  CA  . LYS A 1 63  ? -8.371  7.989   -8.303  1.00 12.96 ? 63  LYS A CA  1 
ATOM   510  C  C   . LYS A 1 63  ? -8.080  7.036   -7.143  1.00 11.92 ? 63  LYS A C   1 
ATOM   511  O  O   . LYS A 1 63  ? -7.677  7.487   -6.043  1.00 12.32 ? 63  LYS A O   1 
ATOM   512  C  CB  . LYS A 1 63  ? -9.873  8.278   -8.341  1.00 14.70 ? 63  LYS A CB  1 
ATOM   513  C  CG  . LYS A 1 63  ? -10.140 9.516   -9.196  1.00 19.80 ? 63  LYS A CG  1 
ATOM   514  C  CD  . LYS A 1 63  ? -11.652 9.655   -9.483  1.00 26.47 ? 63  LYS A CD  1 
ATOM   515  C  CE  . LYS A 1 63  ? -11.952 10.892  -10.314 1.00 34.84 ? 63  LYS A CE  1 
ATOM   516  N  NZ  . LYS A 1 63  ? -13.426 11.063  -10.398 1.00 39.90 ? 63  LYS A NZ  1 
ATOM   517  N  N   . ALA A 1 64  ? -8.307  5.744   -7.348  1.00 10.08 ? 64  ALA A N   1 
ATOM   518  C  CA  . ALA A 1 64  ? -8.002  4.775   -6.346  1.00 10.29 ? 64  ALA A CA  1 
ATOM   519  C  C   . ALA A 1 64  ? -6.520  4.781   -6.004  1.00 9.32  ? 64  ALA A C   1 
ATOM   520  O  O   . ALA A 1 64  ? -6.137  4.591   -4.816  1.00 10.02 ? 64  ALA A O   1 
ATOM   521  C  CB  . ALA A 1 64  ? -8.458  3.415   -6.826  1.00 10.49 ? 64  ALA A CB  1 
ATOM   522  N  N   . GLY A 1 65  ? -5.673  4.873   -7.013  1.00 9.49  ? 65  GLY A N   1 
ATOM   523  C  CA  . GLY A 1 65  ? -4.262  4.940   -6.770  1.00 9.87  ? 65  GLY A CA  1 
ATOM   524  C  C   . GLY A 1 65  ? -3.869  6.138   -5.872  1.00 8.65  ? 65  GLY A C   1 
ATOM   525  O  O   . GLY A 1 65  ? -3.032  6.006   -5.010  1.00 8.31  ? 65  GLY A O   1 
ATOM   526  N  N   . VAL A 1 66  ? -4.433  7.279   -6.156  1.00 8.59  ? 66  VAL A N   1 
ATOM   527  C  CA  . VAL A 1 66  ? -4.212  8.447   -5.329  1.00 8.41  ? 66  VAL A CA  1 
ATOM   528  C  C   . VAL A 1 66  ? -4.675  8.160   -3.893  1.00 8.00  ? 66  VAL A C   1 
ATOM   529  O  O   . VAL A 1 66  ? -3.978  8.540   -2.943  1.00 8.20  ? 66  VAL A O   1 
ATOM   530  C  CB  . VAL A 1 66  ? -4.938  9.683   -5.889  1.00 8.74  ? 66  VAL A CB  1 
ATOM   531  C  CG1 . VAL A 1 66  ? -4.815  10.805  -4.901  1.00 9.49  ? 66  VAL A CG1 1 
ATOM   532  C  CG2 . VAL A 1 66  ? -4.352  10.059  -7.237  1.00 10.14 ? 66  VAL A CG2 1 
ATOM   533  N  N   . THR A 1 67  ? -5.853  7.557   -3.766  1.00 7.92  ? 67  THR A N   1 
ATOM   534  C  CA  . THR A 1 67  ? -6.391  7.296   -2.435  1.00 8.83  ? 67  THR A CA  1 
ATOM   535  C  C   . THR A 1 67  ? -5.474  6.382   -1.595  1.00 8.57  ? 67  THR A C   1 
ATOM   536  O  O   . THR A 1 67  ? -5.182  6.682   -0.405  1.00 8.02  ? 67  THR A O   1 
ATOM   537  C  CB  . THR A 1 67  ? -7.838  6.745   -2.568  1.00 9.33  ? 67  THR A CB  1 
ATOM   538  O  OG1 . THR A 1 67  ? -8.665  7.737   -3.165  1.00 11.09 ? 67  THR A OG1 1 
ATOM   539  C  CG2 . THR A 1 67  ? -8.349  6.381   -1.249  1.00 11.76 ? 67  THR A CG2 1 
ATOM   540  N  N   . VAL A 1 68  ? -5.087  5.246   -2.153  1.00 8.17  ? 68  VAL A N   1 
ATOM   541  C  CA  . VAL A 1 68  ? -4.291  4.313   -1.413  1.00 7.61  ? 68  VAL A CA  1 
ATOM   542  C  C   . VAL A 1 68  ? -2.963  4.887   -0.979  1.00 7.72  ? 68  VAL A C   1 
ATOM   543  O  O   . VAL A 1 68  ? -2.495  4.765   0.144   1.00 7.65  ? 68  VAL A O   1 
ATOM   544  C  CB  . VAL A 1 68  ? -4.061  2.966   -2.195  1.00 8.18  ? 68  VAL A CB  1 
ATOM   545  C  CG1 . VAL A 1 68  ? -3.238  3.069   -3.448  1.00 10.63 ? 68  VAL A CG1 1 
ATOM   546  C  CG2 . VAL A 1 68  ? -3.487  1.941   -1.278  1.00 9.14  ? 68  VAL A CG2 1 
ATOM   547  N  N   . LEU A 1 69  ? -2.311  5.546   -1.938  1.00 7.56  ? 69  LEU A N   1 
ATOM   548  C  CA  . LEU A 1 69  ? -0.978  6.074   -1.608  1.00 7.87  ? 69  LEU A CA  1 
ATOM   549  C  C   . LEU A 1 69  ? -1.008  7.264   -0.694  1.00 7.36  ? 69  LEU A C   1 
ATOM   550  O  O   . LEU A 1 69  ? -0.064  7.417   0.105   1.00 7.92  ? 69  LEU A O   1 
ATOM   551  C  CB  . LEU A 1 69  ? -0.162  6.360   -2.859  1.00 8.35  ? 69  LEU A CB  1 
ATOM   552  C  CG  . LEU A 1 69  ? 0.175   5.220   -3.862  1.00 8.47  ? 69  LEU A CG  1 
ATOM   553  C  CD1 . LEU A 1 69  ? 1.069   5.776   -4.977  1.00 8.93  ? 69  LEU A CD1 1 
ATOM   554  C  CD2 . LEU A 1 69  ? 0.754   4.012   -3.124  1.00 9.34  ? 69  LEU A CD2 1 
ATOM   555  N  N   . THR A 1 70  ? -2.076  8.079   -0.808  1.00 7.19  ? 70  THR A N   1 
ATOM   556  C  CA  . THR A 1 70  ? -2.188  9.206   0.154   1.00 8.19  ? 70  THR A CA  1 
ATOM   557  C  C   . THR A 1 70  ? -2.450  8.744   1.563   1.00 8.20  ? 70  THR A C   1 
ATOM   558  O  O   . THR A 1 70  ? -1.867  9.218   2.515   1.00 8.21  ? 70  THR A O   1 
ATOM   559  C  CB  . THR A 1 70  ? -3.230  10.216  -0.359  1.00 9.66  ? 70  THR A CB  1 
ATOM   560  O  OG1 . THR A 1 70  ? -2.847  10.648  -1.677  1.00 9.78  ? 70  THR A OG1 1 
ATOM   561  C  CG2 . THR A 1 70  ? -3.350  11.424  0.610   1.00 11.02 ? 70  THR A CG2 1 
ATOM   562  N  N   . ALA A 1 71  ? -3.306  7.705   1.683   1.00 7.83  ? 71  ALA A N   1 
ATOM   563  C  CA  . ALA A 1 71  ? -3.576  7.126   3.012   1.00 8.15  ? 71  ALA A CA  1 
ATOM   564  C  C   . ALA A 1 71  ? -2.346  6.459   3.586   1.00 9.26  ? 71  ALA A C   1 
ATOM   565  O  O   . ALA A 1 71  ? -2.014  6.615   4.766   1.00 7.81  ? 71  ALA A O   1 
ATOM   566  C  CB  . ALA A 1 71  ? -4.714  6.122   2.951   1.00 8.60  ? 71  ALA A CB  1 
ATOM   567  N  N   . LEU A 1 72  ? -1.624  5.701   2.745   1.00 8.68  ? 72  LEU A N   1 
ATOM   568  C  CA  . LEU A 1 72  ? -0.355  5.123   3.174   1.00 8.68  ? 72  LEU A CA  1 
ATOM   569  C  C   . LEU A 1 72  ? 0.677   6.136   3.533   1.00 8.42  ? 72  LEU A C   1 
ATOM   570  O  O   . LEU A 1 72  ? 1.383   6.017   4.553   1.00 9.29  ? 72  LEU A O   1 
ATOM   571  C  CB  . LEU A 1 72  ? 0.205   4.142   2.164   1.00 8.78  ? 72  LEU A CB  1 
ATOM   572  C  CG  . LEU A 1 72  ? 1.473   3.442   2.531   1.00 8.99  ? 72  LEU A CG  1 
ATOM   573  C  CD1 . LEU A 1 72  ? 1.295   2.624   3.832   1.00 10.75 ? 72  LEU A CD1 1 
ATOM   574  C  CD2 . LEU A 1 72  ? 1.863   2.510   1.401   1.00 9.44  ? 72  LEU A CD2 1 
ATOM   575  N  N   . GLY A 1 73  ? 0.774   7.174   2.742   1.00 7.84  ? 73  GLY A N   1 
ATOM   576  C  CA  . GLY A 1 73  ? 1.704   8.268   3.022   1.00 8.43  ? 73  GLY A CA  1 
ATOM   577  C  C   . GLY A 1 73  ? 1.450   8.897   4.399   1.00 8.02  ? 73  GLY A C   1 
ATOM   578  O  O   . GLY A 1 73  ? 2.364   9.216   5.127   1.00 8.28  ? 73  GLY A O   1 
ATOM   579  N  N   . ALA A 1 74  ? 0.160   9.103   4.729   1.00 8.67  ? 74  ALA A N   1 
ATOM   580  C  CA  . ALA A 1 74  ? -0.166  9.701   6.052   1.00 9.52  ? 74  ALA A CA  1 
ATOM   581  C  C   . ALA A 1 74  ? 0.241   8.774   7.178   1.00 10.30 ? 74  ALA A C   1 
ATOM   582  O  O   . ALA A 1 74  ? 0.789   9.245   8.207   1.00 10.38 ? 74  ALA A O   1 
ATOM   583  C  CB  . ALA A 1 74  ? -1.645  10.019  6.136   1.00 10.47 ? 74  ALA A CB  1 
ATOM   584  N  N   . ILE A 1 75  ? 0.131   7.483   6.959   1.00 8.74  ? 75  ILE A N   1 
ATOM   585  C  CA  . ILE A 1 75  ? 0.590   6.492   7.923   1.00 9.01  ? 75  ILE A CA  1 
ATOM   586  C  C   . ILE A 1 75  ? 2.102   6.543   8.080   1.00 9.58  ? 75  ILE A C   1 
ATOM   587  O  O   . ILE A 1 75  ? 2.607   6.645   9.216   1.00 9.41  ? 75  ILE A O   1 
ATOM   588  C  CB  . ILE A 1 75  ? 0.057   5.120   7.573   1.00 10.02 ? 75  ILE A CB  1 
ATOM   589  C  CG1 . ILE A 1 75  ? -1.468  5.026   7.794   1.00 10.54 ? 75  ILE A CG1 1 
ATOM   590  C  CG2 . ILE A 1 75  ? 0.843   4.006   8.267   1.00 10.59 ? 75  ILE A CG2 1 
ATOM   591  C  CD1 . ILE A 1 75  ? -2.151  3.927   6.967   1.00 13.25 ? 75  ILE A CD1 1 
ATOM   592  N  N   . LEU A 1 76  ? 2.819   6.552   6.954   1.00 8.48  ? 76  LEU A N   1 
ATOM   593  C  CA  . LEU A 1 76  ? 4.268   6.569   7.013   1.00 8.56  ? 76  LEU A CA  1 
ATOM   594  C  C   . LEU A 1 76  ? 4.799   7.803   7.704   1.00 8.66  ? 76  LEU A C   1 
ATOM   595  O  O   . LEU A 1 76  ? 5.741   7.737   8.483   1.00 9.35  ? 76  LEU A O   1 
ATOM   596  C  CB  . LEU A 1 76  ? 4.796   6.424   5.572   1.00 8.90  ? 76  LEU A CB  1 
ATOM   597  C  CG  . LEU A 1 76  ? 4.554   5.091   4.901   1.00 10.16 ? 76  LEU A CG  1 
ATOM   598  C  CD1 . LEU A 1 76  ? 5.027   5.156   3.412   1.00 10.44 ? 76  LEU A CD1 1 
ATOM   599  C  CD2 . LEU A 1 76  ? 5.179   3.847   5.574   1.00 11.39 ? 76  LEU A CD2 1 
ATOM   600  N  N   . LYS A 1 77  ? 4.170   8.948   7.449   1.00 8.25  ? 77  LYS A N   1 
ATOM   601  C  CA  . LYS A 1 77  ? 4.573   10.183  8.080   1.00 8.37  ? 77  LYS A CA  1 
ATOM   602  C  C   . LYS A 1 77  ? 4.432   10.189  9.598   1.00 8.85  ? 77  LYS A C   1 
ATOM   603  O  O   . LYS A 1 77  ? 5.085   11.024  10.246  1.00 9.54  ? 77  LYS A O   1 
ATOM   604  C  CB  . LYS A 1 77  ? 3.886   11.395  7.417   1.00 8.39  ? 77  LYS A CB  1 
ATOM   605  C  CG  . LYS A 1 77  ? 4.346   11.602  5.990   1.00 9.56  ? 77  LYS A CG  1 
ATOM   606  C  CD  . LYS A 1 77  ? 3.465   12.587  5.291   1.00 9.23  ? 77  LYS A CD  1 
ATOM   607  C  CE  . LYS A 1 77  ? 3.717   12.594  3.788   1.00 9.98  ? 77  LYS A CE  1 
ATOM   608  N  NZ  . LYS A 1 77  ? 3.017   13.693  3.066   1.00 11.19 ? 77  LYS A NZ  1 
ATOM   609  N  N   . LYS A 1 78  ? 3.556   9.348   10.140  1.00 9.38  ? 78  LYS A N   1 
ATOM   610  C  CA  . LYS A 1 78  ? 3.448   9.157   11.598  1.00 9.85  ? 78  LYS A CA  1 
ATOM   611  C  C   . LYS A 1 78  ? 4.630   8.406   12.188  1.00 9.81  ? 78  LYS A C   1 
ATOM   612  O  O   . LYS A 1 78  ? 4.789   8.412   13.439  1.00 9.61  ? 78  LYS A O   1 
ATOM   613  C  CB  . LYS A 1 78  ? 2.160   8.463   12.010  1.00 11.48 ? 78  LYS A CB  1 
ATOM   614  C  CG  . LYS A 1 78  ? 0.901   9.280   11.716  1.00 14.65 ? 78  LYS A CG  1 
ATOM   615  C  CD  . LYS A 1 78  ? 0.934   10.673  12.175  1.00 18.72 ? 78  LYS A CD  1 
ATOM   616  C  CE  . LYS A 1 78  ? 0.821   10.813  13.600  1.00 26.28 ? 78  LYS A CE  1 
ATOM   617  N  NZ  . LYS A 1 78  ? -0.682  10.968  13.752  1.00 35.62 ? 78  LYS A NZ  1 
ATOM   618  N  N   . LYS A 1 79  ? 5.467   7.756   11.369  1.00 8.81  ? 79  LYS A N   1 
ATOM   619  C  CA  . LYS A 1 79  ? 6.672   7.063   11.857  1.00 8.65  ? 79  LYS A CA  1 
ATOM   620  C  C   . LYS A 1 79  ? 6.357   6.113   12.981  1.00 9.30  ? 79  LYS A C   1 
ATOM   621  O  O   . LYS A 1 79  ? 7.038   6.079   14.007  1.00 10.05 ? 79  LYS A O   1 
ATOM   622  C  CB  . LYS A 1 79  ? 7.773   8.094   12.175  1.00 9.79  ? 79  LYS A CB  1 
ATOM   623  C  CG  . LYS A 1 79  ? 8.116   9.048   11.039  1.00 11.58 ? 79  LYS A CG  1 
ATOM   624  C  CD  . LYS A 1 79  ? 9.424   9.809   11.310  1.00 15.73 ? 79  LYS A CD  1 
ATOM   625  C  CE  . LYS A 1 79  ? 9.343   10.660  12.500  1.00 20.98 ? 79  LYS A CE  1 
ATOM   626  N  NZ  . LYS A 1 79  ? 10.541  11.646  12.438  1.00 20.61 ? 79  LYS A NZ  1 
ATOM   627  N  N   . GLY A 1 80  ? 5.305   5.306   12.751  1.00 9.08  ? 80  GLY A N   1 
ATOM   628  C  CA  . GLY A 1 80  ? 4.924   4.285   13.643  1.00 10.64 ? 80  GLY A CA  1 
ATOM   629  C  C   . GLY A 1 80  ? 3.828   4.672   14.635  1.00 10.40 ? 80  GLY A C   1 
ATOM   630  O  O   . GLY A 1 80  ? 3.199   3.751   15.218  1.00 12.74 ? 80  GLY A O   1 
ATOM   631  N  N   . HIS A 1 81  ? 3.592   5.935   14.808  1.00 10.25 ? 81  HIS A N   1 
ATOM   632  C  CA  . HIS A 1 81  ? 2.545   6.448   15.708  1.00 11.55 ? 81  HIS A CA  1 
ATOM   633  C  C   . HIS A 1 81  ? 1.220   6.586   14.960  1.00 11.09 ? 81  HIS A C   1 
ATOM   634  O  O   . HIS A 1 81  ? 0.631   7.672   14.876  1.00 11.91 ? 81  HIS A O   1 
ATOM   635  C  CB  . HIS A 1 81  ? 2.976   7.759   16.284  1.00 12.34 ? 81  HIS A CB  1 
ATOM   636  C  CG  . HIS A 1 81  ? 4.183   7.687   17.137  1.00 13.55 ? 81  HIS A CG  1 
ATOM   637  N  ND1 . HIS A 1 81  ? 5.463   7.955   16.720  1.00 17.23 ? 81  HIS A ND1 1 
ATOM   638  C  CD2 . HIS A 1 81  ? 4.283   7.368   18.450  1.00 14.73 ? 81  HIS A CD2 1 
ATOM   639  C  CE1 . HIS A 1 81  ? 6.310   7.829   17.737  1.00 14.27 ? 81  HIS A CE1 1 
ATOM   640  N  NE2 . HIS A 1 81  ? 5.614   7.474   18.797  1.00 20.65 ? 81  HIS A NE2 1 
ATOM   641  N  N   . HIS A 1 82  ? 0.725   5.464   14.464  1.00 11.10 ? 82  HIS A N   1 
ATOM   642  C  CA  . HIS A 1 82  ? -0.362  5.485   13.448  1.00 10.73 ? 82  HIS A CA  1 
ATOM   643  C  C   . HIS A 1 82  ? -1.613  4.790   13.919  1.00 13.22 ? 82  HIS A C   1 
ATOM   644  O  O   . HIS A 1 82  ? -2.466  4.445   13.113  1.00 12.69 ? 82  HIS A O   1 
ATOM   645  C  CB  . HIS A 1 82  ? 0.218   4.828   12.167  1.00 10.82 ? 82  HIS A CB  1 
ATOM   646  C  CG  . HIS A 1 82  ? 0.792   3.488   12.400  1.00 10.47 ? 82  HIS A CG  1 
ATOM   647  N  ND1 . HIS A 1 82  ? 1.923   3.080   11.706  1.00 11.45 ? 82  HIS A ND1 1 
ATOM   648  C  CD2 . HIS A 1 82  ? 0.415   2.443   13.197  1.00 10.30 ? 82  HIS A CD2 1 
ATOM   649  C  CE1 . HIS A 1 82  ? 2.224   1.855   12.106  1.00 11.49 ? 82  HIS A CE1 1 
ATOM   650  N  NE2 . HIS A 1 82  ? 1.321   1.444   12.996  1.00 10.05 ? 82  HIS A NE2 1 
ATOM   651  N  N   . GLU A 1 83  ? -1.782  4.676   15.234  1.00 12.98 ? 83  GLU A N   1 
ATOM   652  C  CA  . GLU A 1 83  ? -2.996  3.980   15.772  1.00 17.96 ? 83  GLU A CA  1 
ATOM   653  C  C   . GLU A 1 83  ? -4.243  4.646   15.214  1.00 14.65 ? 83  GLU A C   1 
ATOM   654  O  O   . GLU A 1 83  ? -5.206  3.941   14.866  1.00 14.13 ? 83  GLU A O   1 
ATOM   655  C  CB  . GLU A 1 83  ? -2.992  3.997   17.321  1.00 21.74 ? 83  GLU A CB  1 
ATOM   656  C  CG  . GLU A 1 83  ? -4.357  3.533   17.967  1.00 33.44 ? 83  GLU A CG  1 
ATOM   657  C  CD  . GLU A 1 83  ? -4.642  1.992   17.993  1.00 44.08 ? 83  GLU A CD  1 
ATOM   658  O  OE1 . GLU A 1 83  ? -3.689  1.224   17.756  1.00 56.17 ? 83  GLU A OE1 1 
ATOM   659  O  OE2 . GLU A 1 83  ? -5.795  1.490   18.276  1.00 36.24 ? 83  GLU A OE2 1 
ATOM   660  N  N   . ALA A 1 84  ? -4.317  5.965   15.231  1.00 13.70 ? 84  ALA A N   1 
ATOM   661  C  CA  . ALA A 1 84  ? -5.547  6.648   14.809  1.00 16.52 ? 84  ALA A CA  1 
ATOM   662  C  C   . ALA A 1 84  ? -5.887  6.413   13.358  1.00 17.27 ? 84  ALA A C   1 
ATOM   663  O  O   . ALA A 1 84  ? -7.075  6.249   12.969  1.00 15.46 ? 84  ALA A O   1 
ATOM   664  C  CB  . ALA A 1 84  ? -5.474  8.163   14.990  1.00 16.49 ? 84  ALA A CB  1 
ATOM   665  N  N   . GLU A 1 85  ? -4.849  6.364   12.537  1.00 13.59 ? 85  GLU A N   1 
ATOM   666  C  CA  . GLU A 1 85  ? -5.045  6.129   11.074  1.00 13.26 ? 85  GLU A CA  1 
ATOM   667  C  C   . GLU A 1 85  ? -5.410  4.707   10.777  1.00 12.44 ? 85  GLU A C   1 
ATOM   668  O  O   . GLU A 1 85  ? -6.178  4.423   9.799   1.00 12.57 ? 85  GLU A O   1 
ATOM   669  C  CB  . GLU A 1 85  ? -3.726  6.489   10.317  1.00 12.96 ? 85  GLU A CB  1 
ATOM   670  C  CG  . GLU A 1 85  ? -3.416  7.976   10.268  1.00 14.42 ? 85  GLU A CG  1 
ATOM   671  C  CD  . GLU A 1 85  ? -2.906  8.579   11.573  1.00 14.23 ? 85  GLU A CD  1 
ATOM   672  O  OE1 . GLU A 1 85  ? -2.463  7.852   12.511  1.00 13.75 ? 85  GLU A OE1 1 
ATOM   673  O  OE2 . GLU A 1 85  ? -2.910  9.817   11.719  1.00 17.75 ? 85  GLU A OE2 1 
ATOM   674  N  N   . LEU A 1 86  ? -4.876  3.760   11.571  1.00 12.05 ? 86  LEU A N   1 
ATOM   675  C  CA  . LEU A 1 86  ? -5.170  2.393   11.317  1.00 13.11 ? 86  LEU A CA  1 
ATOM   676  C  C   . LEU A 1 86  ? -6.575  1.987   11.741  1.00 12.77 ? 86  LEU A C   1 
ATOM   677  O  O   . LEU A 1 86  ? -7.085  1.038   11.168  1.00 13.36 ? 86  LEU A O   1 
ATOM   678  C  CB  . LEU A 1 86  ? -4.169  1.450   11.930  1.00 15.42 ? 86  LEU A CB  1 
ATOM   679  C  CG  . LEU A 1 86  ? -2.925  1.080   11.182  1.00 20.93 ? 86  LEU A CG  1 
ATOM   680  C  CD1 . LEU A 1 86  ? -2.324  2.044   10.216  1.00 22.41 ? 86  LEU A CD1 1 
ATOM   681  C  CD2 . LEU A 1 86  ? -1.968  0.200   12.051  1.00 15.52 ? 86  LEU A CD2 1 
ATOM   682  N  N   . LYS A 1 87  ? -7.215  2.661   12.712  1.00 14.04 ? 87  LYS A N   1 
ATOM   683  C  CA  A LYS A 1 87  ? -8.534  2.235   13.128  0.50 13.90 ? 87  LYS A CA  1 
ATOM   684  C  CA  B LYS A 1 87  ? -8.543  2.229   13.131  0.50 13.21 ? 87  LYS A CA  1 
ATOM   685  C  C   . LYS A 1 87  ? -9.575  2.150   12.018  1.00 13.22 ? 87  LYS A C   1 
ATOM   686  O  O   . LYS A 1 87  ? -10.190 1.088   11.779  1.00 11.89 ? 87  LYS A O   1 
ATOM   687  C  CB  A LYS A 1 87  ? -9.039  3.087   14.291  0.50 15.42 ? 87  LYS A CB  1 
ATOM   688  C  CB  B LYS A 1 87  ? -9.093  3.095   14.266  0.50 13.69 ? 87  LYS A CB  1 
ATOM   689  C  CG  A LYS A 1 87  ? -8.924  2.360   15.585  0.50 17.32 ? 87  LYS A CG  1 
ATOM   690  C  CG  B LYS A 1 87  ? -8.384  2.924   15.559  0.50 14.27 ? 87  LYS A CG  1 
ATOM   691  C  CD  A LYS A 1 87  ? -9.064  3.295   16.775  0.50 18.05 ? 87  LYS A CD  1 
ATOM   692  C  CD  B LYS A 1 87  ? -9.003  3.810   16.654  0.50 13.67 ? 87  LYS A CD  1 
ATOM   693  C  CE  A LYS A 1 87  ? -9.923  4.478   16.555  0.50 19.97 ? 87  LYS A CE  1 
ATOM   694  C  CE  B LYS A 1 87  ? -8.332  3.414   17.960  0.50 14.96 ? 87  LYS A CE  1 
ATOM   695  N  NZ  A LYS A 1 87  ? -10.231 4.911   17.951  0.50 19.53 ? 87  LYS A NZ  1 
ATOM   696  N  NZ  B LYS A 1 87  ? -8.951  4.032   19.128  0.50 15.38 ? 87  LYS A NZ  1 
ATOM   697  N  N   . PRO A 1 88  ? -9.865  3.290   11.296  1.00 11.62 ? 88  PRO A N   1 
ATOM   698  C  CA  . PRO A 1 88  ? -10.867 3.213   10.271  1.00 12.26 ? 88  PRO A CA  1 
ATOM   699  C  C   . PRO A 1 88  ? -10.513 2.336   9.107   1.00 11.15 ? 88  PRO A C   1 
ATOM   700  O  O   . PRO A 1 88  ? -11.369 1.688   8.491   1.00 11.68 ? 88  PRO A O   1 
ATOM   701  C  CB  . PRO A 1 88  ? -11.032 4.682   9.840   1.00 14.34 ? 88  PRO A CB  1 
ATOM   702  C  CG  . PRO A 1 88  ? -9.648  5.329   10.206  1.00 16.33 ? 88  PRO A CG  1 
ATOM   703  C  CD  . PRO A 1 88  ? -9.392  4.710   11.478  1.00 13.91 ? 88  PRO A CD  1 
ATOM   704  N  N   . LEU A 1 89  ? -9.175  2.302   8.807   1.00 11.27 ? 89  LEU A N   1 
ATOM   705  C  CA  . LEU A 1 89  ? -8.718  1.455   7.711   1.00 11.42 ? 89  LEU A CA  1 
ATOM   706  C  C   . LEU A 1 89  ? -8.909  -0.011  7.984   1.00 10.35 ? 89  LEU A C   1 
ATOM   707  O  O   . LEU A 1 89  ? -9.413  -0.757  7.152   1.00 11.87 ? 89  LEU A O   1 
ATOM   708  C  CB  . LEU A 1 89  ? -7.253  1.789   7.425   1.00 12.47 ? 89  LEU A CB  1 
ATOM   709  C  CG  . LEU A 1 89  ? -6.587  1.167   6.306   1.00 17.09 ? 89  LEU A CG  1 
ATOM   710  C  CD1 . LEU A 1 89  ? -7.268  1.577   5.007   1.00 19.07 ? 89  LEU A CD1 1 
ATOM   711  C  CD2 . LEU A 1 89  ? -5.100  1.592   6.262   1.00 17.84 ? 89  LEU A CD2 1 
ATOM   712  N  N   . ALA A 1 90  ? -8.463  -0.448  9.171   1.00 9.63  ? 90  ALA A N   1 
ATOM   713  C  CA  . ALA A 1 90  ? -8.700  -1.813  9.566   1.00 9.16  ? 90  ALA A CA  1 
ATOM   714  C  C   . ALA A 1 90  ? -10.152 -2.142  9.547   1.00 10.12 ? 90  ALA A C   1 
ATOM   715  O  O   . ALA A 1 90  ? -10.579 -3.247  9.117   1.00 10.35 ? 90  ALA A O   1 
ATOM   716  C  CB  . ALA A 1 90  ? -8.132  -2.059  10.919  1.00 10.92 ? 90  ALA A CB  1 
ATOM   717  N  N   . GLN A 1 91  ? -10.969 -1.232  10.076  1.00 10.72 ? 91  GLN A N   1 
ATOM   718  C  CA  . GLN A 1 91  ? -12.383 -1.610  10.173  1.00 10.74 ? 91  GLN A CA  1 
ATOM   719  C  C   . GLN A 1 91  ? -12.993 -1.786  8.792   1.00 11.30 ? 91  GLN A C   1 
ATOM   720  O  O   . GLN A 1 91  ? -13.734 -2.731  8.500   1.00 11.87 ? 91  GLN A O   1 
ATOM   721  C  CB  . GLN A 1 91  ? -13.203 -0.664  10.981  1.00 10.50 ? 91  GLN A CB  1 
ATOM   722  C  CG  . GLN A 1 91  ? -14.652 -1.073  11.050  1.00 11.31 ? 91  GLN A CG  1 
ATOM   723  C  CD  . GLN A 1 91  ? -15.482 -0.142  11.911  1.00 10.94 ? 91  GLN A CD  1 
ATOM   724  O  OE1 . GLN A 1 91  ? -15.404 1.126   11.868  1.00 13.88 ? 91  GLN A OE1 1 
ATOM   725  N  NE2 . GLN A 1 91  ? -16.362 -0.779  12.733  1.00 10.36 ? 91  GLN A NE2 1 
ATOM   726  N  N   . SER A 1 92  ? -12.742 -0.847  7.903   1.00 10.47 ? 92  SER A N   1 
ATOM   727  C  CA  . SER A 1 92  ? -13.315 -0.985  6.607   1.00 11.74 ? 92  SER A CA  1 
ATOM   728  C  C   . SER A 1 92  ? -12.770 -2.209  5.819   1.00 11.99 ? 92  SER A C   1 
ATOM   729  O  O   . SER A 1 92  ? -13.517 -2.946  5.144   1.00 12.69 ? 92  SER A O   1 
ATOM   730  C  CB  . SER A 1 92  ? -13.199 0.264   5.824   1.00 15.58 ? 92  SER A CB  1 
ATOM   731  O  OG  . SER A 1 92  ? -11.866 0.516   5.393   1.00 16.20 ? 92  SER A OG  1 
ATOM   732  N  N   . HIS A 1 93  ? -11.459 -2.470  5.915   1.00 11.27 ? 93  HIS A N   1 
ATOM   733  C  CA  . HIS A 1 93  ? -10.831 -3.529  5.132   1.00 12.35 ? 93  HIS A CA  1 
ATOM   734  C  C   . HIS A 1 93  ? -11.166 -4.915  5.678   1.00 13.25 ? 93  HIS A C   1 
ATOM   735  O  O   . HIS A 1 93  ? -11.270 -5.888  4.927   1.00 15.35 ? 93  HIS A O   1 
ATOM   736  C  CB  . HIS A 1 93  ? -9.316  -3.292  4.920   1.00 11.74 ? 93  HIS A CB  1 
ATOM   737  C  CG  . HIS A 1 93  ? -9.069  -2.178  3.944   1.00 13.38 ? 93  HIS A CG  1 
ATOM   738  N  ND1 . HIS A 1 93  ? -9.581  -0.894  4.106   1.00 15.19 ? 93  HIS A ND1 1 
ATOM   739  C  CD2 . HIS A 1 93  ? -8.472  -2.195  2.741   1.00 12.02 ? 93  HIS A CD2 1 
ATOM   740  C  CE1 . HIS A 1 93  ? -9.274  -0.163  3.029   1.00 16.40 ? 93  HIS A CE1 1 
ATOM   741  N  NE2 . HIS A 1 93  ? -8.627  -0.942  2.179   1.00 13.16 ? 93  HIS A NE2 1 
ATOM   742  N  N   . ALA A 1 94  ? -11.399 -4.991  6.982   1.00 12.97 ? 94  ALA A N   1 
ATOM   743  C  CA  . ALA A 1 94  ? -11.768 -6.264  7.637   1.00 14.00 ? 94  ALA A CA  1 
ATOM   744  C  C   . ALA A 1 94  ? -13.230 -6.566  7.374   1.00 15.53 ? 94  ALA A C   1 
ATOM   745  O  O   . ALA A 1 94  ? -13.580 -7.655  6.999   1.00 19.35 ? 94  ALA A O   1 
ATOM   746  C  CB  . ALA A 1 94  ? -11.501 -6.193  9.093   1.00 14.18 ? 94  ALA A CB  1 
ATOM   747  N  N   . THR A 1 95  ? -14.087 -5.571  7.574   1.00 14.94 ? 95  THR A N   1 
ATOM   748  C  CA  . THR A 1 95  ? -15.523 -5.826  7.735   1.00 16.21 ? 95  THR A CA  1 
ATOM   749  C  C   . THR A 1 95  ? -16.291 -5.596  6.490   1.00 18.41 ? 95  THR A C   1 
ATOM   750  O  O   . THR A 1 95  ? -17.177 -6.403  6.163   1.00 21.86 ? 95  THR A O   1 
ATOM   751  C  CB  . THR A 1 95  ? -16.111 -4.921  8.841   1.00 15.67 ? 95  THR A CB  1 
ATOM   752  O  OG1 . THR A 1 95  ? -15.229 -4.996  9.950   1.00 17.68 ? 95  THR A OG1 1 
ATOM   753  C  CG2 . THR A 1 95  ? -17.495 -5.411  9.309   1.00 16.95 ? 95  THR A CG2 1 
ATOM   754  N  N   . LYS A 1 96  ? -15.980 -4.539  5.776   1.00 19.28 ? 96  LYS A N   1 
ATOM   755  C  CA  . LYS A 1 96  ? -16.693 -4.309  4.531   1.00 23.35 ? 96  LYS A CA  1 
ATOM   756  C  C   . LYS A 1 96  ? -16.006 -4.919  3.303   1.00 23.26 ? 96  LYS A C   1 
ATOM   757  O  O   . LYS A 1 96  ? -16.634 -5.672  2.518   1.00 24.48 ? 96  LYS A O   1 
ATOM   758  C  CB  . LYS A 1 96  ? -16.838 -2.843  4.332   1.00 25.56 ? 96  LYS A CB  1 
ATOM   759  C  CG  . LYS A 1 96  ? -17.727 -2.623  3.094   1.00 31.77 ? 96  LYS A CG  1 
ATOM   760  C  CD  . LYS A 1 96  ? -18.255 -1.215  3.085   1.00 35.58 ? 96  LYS A CD  1 
ATOM   761  C  CE  . LYS A 1 96  ? -19.345 -1.129  2.028   1.00 43.21 ? 96  LYS A CE  1 
ATOM   762  N  NZ  . LYS A 1 96  ? -18.780 -0.456  0.849   1.00 45.67 ? 96  LYS A NZ  1 
ATOM   763  N  N   . HIS A 1 97  ? -14.719 -4.635  3.118   1.00 21.02 ? 97  HIS A N   1 
ATOM   764  C  CA  . HIS A 1 97  ? -14.079 -5.032  1.853   1.00 18.58 ? 97  HIS A CA  1 
ATOM   765  C  C   . HIS A 1 97  ? -13.585 -6.462  1.864   1.00 19.61 ? 97  HIS A C   1 
ATOM   766  O  O   . HIS A 1 97  ? -13.415 -7.039  0.799   1.00 22.36 ? 97  HIS A O   1 
ATOM   767  C  CB  . HIS A 1 97  ? -12.879 -4.058  1.572   1.00 18.60 ? 97  HIS A CB  1 
ATOM   768  C  CG  . HIS A 1 97  ? -13.231 -2.628  1.661   1.00 17.26 ? 97  HIS A CG  1 
ATOM   769  N  ND1 . HIS A 1 97  ? -14.438 -2.126  1.221   1.00 20.29 ? 97  HIS A ND1 1 
ATOM   770  C  CD2 . HIS A 1 97  ? -12.531 -1.571  2.156   1.00 18.42 ? 97  HIS A CD2 1 
ATOM   771  C  CE1 . HIS A 1 97  ? -14.448 -0.827  1.377   1.00 19.63 ? 97  HIS A CE1 1 
ATOM   772  N  NE2 . HIS A 1 97  ? -13.330 -0.470  1.982   1.00 19.09 ? 97  HIS A NE2 1 
ATOM   773  N  N   . LYS A 1 98  ? -13.355 -7.042  3.049   1.00 18.56 ? 98  LYS A N   1 
ATOM   774  C  CA  . LYS A 1 98  ? -12.758 -8.345  3.295   1.00 19.45 ? 98  LYS A CA  1 
ATOM   775  C  C   . LYS A 1 98  ? -11.418 -8.593  2.643   1.00 19.64 ? 98  LYS A C   1 
ATOM   776  O  O   . LYS A 1 98  ? -11.301 -9.455  1.801   1.00 16.26 ? 98  LYS A O   1 
ATOM   777  C  CB  . LYS A 1 98  ? -13.763 -9.441  2.939   1.00 30.76 ? 98  LYS A CB  1 
ATOM   778  C  CG  . LYS A 1 98  ? -14.676 -9.681  4.128   1.00 39.53 ? 98  LYS A CG  1 
ATOM   779  C  CD  . LYS A 1 98  ? -15.908 -8.816  4.045   1.00 49.54 ? 98  LYS A CD  1 
ATOM   780  C  CE  . LYS A 1 98  ? -16.833 -9.106  5.233   1.00 58.15 ? 98  LYS A CE  1 
ATOM   781  N  NZ  . LYS A 1 98  ? -16.922 -10.522 5.717   1.00 61.67 ? 98  LYS A NZ  1 
ATOM   782  N  N   . ILE A 1 99  ? -10.455 -7.792  3.063   1.00 16.45 ? 99  ILE A N   1 
ATOM   783  C  CA  . ILE A 1 99  ? -9.085  -7.865  2.484   1.00 15.74 ? 99  ILE A CA  1 
ATOM   784  C  C   . ILE A 1 99  ? -8.191  -8.653  3.368   1.00 14.19 ? 99  ILE A C   1 
ATOM   785  O  O   . ILE A 1 99  ? -7.740  -8.203  4.469   1.00 15.34 ? 99  ILE A O   1 
ATOM   786  C  CB  . ILE A 1 99  ? -8.534  -6.449  2.239   1.00 13.59 ? 99  ILE A CB  1 
ATOM   787  C  CG1 . ILE A 1 99  ? -9.567  -5.630  1.498   1.00 13.71 ? 99  ILE A CG1 1 
ATOM   788  C  CG2 . ILE A 1 99  ? -7.144  -6.569  1.603   1.00 13.42 ? 99  ILE A CG2 1 
ATOM   789  C  CD1 . ILE A 1 99  ? -10.043 -6.180  0.184   1.00 14.49 ? 99  ILE A CD1 1 
ATOM   790  N  N   . PRO A 1 100 ? -7.802  -9.882  2.935   1.00 13.93 ? 100 PRO A N   1 
ATOM   791  C  CA  . PRO A 1 100 ? -6.897  -10.629 3.776   1.00 15.63 ? 100 PRO A CA  1 
ATOM   792  C  C   . PRO A 1 100 ? -5.488  -10.057 3.921   1.00 17.27 ? 100 PRO A C   1 
ATOM   793  O  O   . PRO A 1 100 ? -5.011  -9.362  3.039   1.00 15.42 ? 100 PRO A O   1 
ATOM   794  C  CB  . PRO A 1 100 ? -6.802  -11.995 3.100   1.00 18.07 ? 100 PRO A CB  1 
ATOM   795  C  CG  . PRO A 1 100 ? -7.372  -11.806 1.838   1.00 17.59 ? 100 PRO A CG  1 
ATOM   796  C  CD  . PRO A 1 100 ? -8.134  -10.577 1.707   1.00 16.35 ? 100 PRO A CD  1 
ATOM   797  N  N   . ILE A 1 101 ? -4.818  -10.329 5.009   1.00 16.87 ? 101 ILE A N   1 
ATOM   798  C  CA  . ILE A 1 101 ? -3.408  -9.864  5.199   1.00 18.81 ? 101 ILE A CA  1 
ATOM   799  C  C   . ILE A 1 101 ? -2.551  -10.286 4.020   1.00 19.37 ? 101 ILE A C   1 
ATOM   800  O  O   . ILE A 1 101 ? -1.724  -9.490  3.590   1.00 17.65 ? 101 ILE A O   1 
ATOM   801  C  CB  . ILE A 1 101 ? -2.788  -10.386 6.512   1.00 20.37 ? 101 ILE A CB  1 
ATOM   802  C  CG1 . ILE A 1 101 ? -3.601  -9.882  7.735   1.00 21.66 ? 101 ILE A CG1 1 
ATOM   803  C  CG2 . ILE A 1 101 ? -1.310  -10.025 6.624   1.00 20.19 ? 101 ILE A CG2 1 
ATOM   804  C  CD1 . ILE A 1 101 ? -3.627  -8.395  7.917   1.00 24.22 ? 101 ILE A CD1 1 
ATOM   805  N  N   . LYS A 1 102 ? -2.779  -11.457 3.434   1.00 17.12 ? 102 LYS A N   1 
ATOM   806  C  CA  . LYS A 1 102 ? -2.015  -11.896 2.246   1.00 18.57 ? 102 LYS A CA  1 
ATOM   807  C  C   . LYS A 1 102 ? -2.126  -10.817 1.170   1.00 15.26 ? 102 LYS A C   1 
ATOM   808  O  O   . LYS A 1 102 ? -1.155  -10.666 0.383   1.00 15.69 ? 102 LYS A O   1 
ATOM   809  C  CB  . LYS A 1 102 ? -2.719  -13.191 1.789   1.00 23.91 ? 102 LYS A CB  1 
ATOM   810  C  CG  . LYS A 1 102 ? -2.456  -13.822 0.496   1.00 38.25 ? 102 LYS A CG  1 
ATOM   811  C  CD  . LYS A 1 102 ? -3.569  -14.897 0.324   1.00 45.62 ? 102 LYS A CD  1 
ATOM   812  C  CE  . LYS A 1 102 ? -3.459  -15.654 -0.986  1.00 50.63 ? 102 LYS A CE  1 
ATOM   813  N  NZ  . LYS A 1 102 ? -2.197  -16.447 -1.215  1.00 56.43 ? 102 LYS A NZ  1 
ATOM   814  N  N   . TYR A 1 103 ? -3.258  -10.156 1.027   1.00 12.37 ? 103 TYR A N   1 
ATOM   815  C  CA  . TYR A 1 103 ? -3.420  -9.195  -0.077  1.00 12.17 ? 103 TYR A CA  1 
ATOM   816  C  C   . TYR A 1 103 ? -2.693  -7.902  0.289   1.00 11.38 ? 103 TYR A C   1 
ATOM   817  O  O   . TYR A 1 103 ? -2.183  -7.176  -0.637  1.00 9.90  ? 103 TYR A O   1 
ATOM   818  C  CB  . TYR A 1 103 ? -4.843  -8.876  -0.385  1.00 11.97 ? 103 TYR A CB  1 
ATOM   819  C  CG  . TYR A 1 103 ? -5.666  -9.975  -1.130  1.00 12.23 ? 103 TYR A CG  1 
ATOM   820  C  CD1 . TYR A 1 103 ? -5.135  -11.204 -1.396  1.00 17.02 ? 103 TYR A CD1 1 
ATOM   821  C  CD2 . TYR A 1 103 ? -6.892  -9.655  -1.636  1.00 13.97 ? 103 TYR A CD2 1 
ATOM   822  C  CE1 . TYR A 1 103 ? -5.906  -12.175 -2.071  1.00 16.40 ? 103 TYR A CE1 1 
ATOM   823  C  CE2 . TYR A 1 103 ? -7.667  -10.586 -2.281  1.00 14.60 ? 103 TYR A CE2 1 
ATOM   824  C  CZ  . TYR A 1 103 ? -7.153  -11.821 -2.501  1.00 17.11 ? 103 TYR A CZ  1 
ATOM   825  O  OH  . TYR A 1 103 ? -7.933  -12.772 -3.177  1.00 19.17 ? 103 TYR A OH  1 
ATOM   826  N  N   . LEU A 1 104 ? -2.608  -7.611  1.606   1.00 11.41 ? 104 LEU A N   1 
ATOM   827  C  CA  . LEU A 1 104 ? -1.794  -6.461  2.022   1.00 11.93 ? 104 LEU A CA  1 
ATOM   828  C  C   . LEU A 1 104 ? -0.334  -6.754  1.735   1.00 11.02 ? 104 LEU A C   1 
ATOM   829  O  O   . LEU A 1 104 ? 0.460   -5.841  1.413   1.00 10.85 ? 104 LEU A O   1 
ATOM   830  C  CB  . LEU A 1 104 ? -2.016  -6.108  3.484   1.00 12.53 ? 104 LEU A CB  1 
ATOM   831  C  CG  . LEU A 1 104 ? -3.447  -5.682  3.798   1.00 14.01 ? 104 LEU A CG  1 
ATOM   832  C  CD1 . LEU A 1 104 ? -3.500  -5.376  5.306   1.00 17.27 ? 104 LEU A CD1 1 
ATOM   833  C  CD2 . LEU A 1 104 ? -3.951  -4.522  2.995   1.00 16.56 ? 104 LEU A CD2 1 
ATOM   834  N  N   . GLU A 1 105 ? 0.085   -8.029  1.882   1.00 10.26 ? 105 GLU A N   1 
ATOM   835  C  CA  . GLU A 1 105 ? 1.471   -8.427  1.471   1.00 11.71 ? 105 GLU A CA  1 
ATOM   836  C  C   . GLU A 1 105 ? 1.642   -8.185  -0.012  1.00 11.35 ? 105 GLU A C   1 
ATOM   837  O  O   . GLU A 1 105 ? 2.642   -7.594  -0.418  1.00 9.99  ? 105 GLU A O   1 
ATOM   838  C  CB  . GLU A 1 105 ? 1.736   -9.880  1.842   1.00 13.85 ? 105 GLU A CB  1 
ATOM   839  C  CG  . GLU A 1 105 ? 1.704   -10.116 3.334   1.00 16.64 ? 105 GLU A CG  1 
ATOM   840  C  CD  . GLU A 1 105 ? 1.698   -11.580 3.772   1.00 20.62 ? 105 GLU A CD  1 
ATOM   841  O  OE1 . GLU A 1 105 ? 1.531   -12.460 2.923   1.00 20.40 ? 105 GLU A OE1 1 
ATOM   842  O  OE2 . GLU A 1 105 ? 1.891   -11.760 4.976   1.00 19.53 ? 105 GLU A OE2 1 
ATOM   843  N  N   . PHE A 1 106 ? 0.664   -8.601  -0.807  1.00 9.92  ? 106 PHE A N   1 
ATOM   844  C  CA  . PHE A 1 106 ? 0.756   -8.424  -2.283  1.00 9.92  ? 106 PHE A CA  1 
ATOM   845  C  C   . PHE A 1 106 ? 0.885   -6.930  -2.678  1.00 9.04  ? 106 PHE A C   1 
ATOM   846  O  O   . PHE A 1 106 ? 1.731   -6.571  -3.527  1.00 9.73  ? 106 PHE A O   1 
ATOM   847  C  CB  . PHE A 1 106 ? -0.422  -8.969  -3.009  1.00 11.24 ? 106 PHE A CB  1 
ATOM   848  C  CG  . PHE A 1 106 ? -0.605  -10.475 -2.917  1.00 12.57 ? 106 PHE A CG  1 
ATOM   849  C  CD1 . PHE A 1 106 ? 0.406   -11.301 -2.659  1.00 16.29 ? 106 PHE A CD1 1 
ATOM   850  C  CD2 . PHE A 1 106 ? -1.832  -10.964 -3.185  1.00 13.83 ? 106 PHE A CD2 1 
ATOM   851  C  CE1 . PHE A 1 106 ? 0.229   -12.679 -2.656  1.00 18.28 ? 106 PHE A CE1 1 
ATOM   852  C  CE2 . PHE A 1 106 ? -2.072  -12.385 -3.092  1.00 15.83 ? 106 PHE A CE2 1 
ATOM   853  C  CZ  . PHE A 1 106 ? -1.017  -13.194 -2.875  1.00 15.66 ? 106 PHE A CZ  1 
ATOM   854  N  N   . ILE A 1 107 ? 0.125   -6.052  -2.016  1.00 9.65  ? 107 ILE A N   1 
ATOM   855  C  CA  . ILE A 1 107 ? 0.240   -4.623  -2.418  1.00 9.03  ? 107 ILE A CA  1 
ATOM   856  C  C   . ILE A 1 107 ? 1.565   -4.085  -1.912  1.00 8.83  ? 107 ILE A C   1 
ATOM   857  O  O   . ILE A 1 107 ? 2.175   -3.167  -2.580  1.00 7.98  ? 107 ILE A O   1 
ATOM   858  C  CB  . ILE A 1 107 ? -0.992  -3.739  -2.006  1.00 9.34  ? 107 ILE A CB  1 
ATOM   859  C  CG1 . ILE A 1 107 ? -1.053  -2.471  -2.820  1.00 9.58  ? 107 ILE A CG1 1 
ATOM   860  C  CG2 . ILE A 1 107 ? -0.910  -3.410  -0.527  1.00 9.79  ? 107 ILE A CG2 1 
ATOM   861  C  CD1 . ILE A 1 107 ? -2.333  -1.686  -2.675  1.00 10.07 ? 107 ILE A CD1 1 
ATOM   862  N  N   . SER A 1 108 ? 2.039   -4.560  -0.759  1.00 8.56  ? 108 SER A N   1 
ATOM   863  C  CA  . SER A 1 108 ? 3.374   -4.133  -0.276  1.00 9.24  ? 108 SER A CA  1 
ATOM   864  C  C   . SER A 1 108 ? 4.474   -4.474  -1.306  1.00 9.69  ? 108 SER A C   1 
ATOM   865  O  O   . SER A 1 108 ? 5.373   -3.691  -1.609  1.00 9.67  ? 108 SER A O   1 
ATOM   866  C  CB  . SER A 1 108 ? 3.738   -4.788  1.051   1.00 9.27  ? 108 SER A CB  1 
ATOM   867  O  OG  . SER A 1 108 ? 2.799   -4.333  2.077   1.00 10.11 ? 108 SER A OG  1 
ATOM   868  N  N   . GLU A 1 109 ? 4.362   -5.710  -1.837  1.00 9.38  ? 109 GLU A N   1 
ATOM   869  C  CA  . GLU A 1 109 ? 5.301   -6.170  -2.878  1.00 11.29 ? 109 GLU A CA  1 
ATOM   870  C  C   . GLU A 1 109 ? 5.214   -5.309  -4.132  1.00 9.71  ? 109 GLU A C   1 
ATOM   871  O  O   . GLU A 1 109 ? 6.283   -4.977  -4.774  1.00 10.07 ? 109 GLU A O   1 
ATOM   872  C  CB  . GLU A 1 109 ? 4.972   -7.644  -3.261  1.00 14.03 ? 109 GLU A CB  1 
ATOM   873  C  CG  . GLU A 1 109 ? 5.214   -8.588  -2.116  1.00 18.91 ? 109 GLU A CG  1 
ATOM   874  C  CD  . GLU A 1 109 ? 4.493   -9.970  -2.117  1.00 22.64 ? 109 GLU A CD  1 
ATOM   875  O  OE1 . GLU A 1 109 ? 3.852   -10.396 -3.120  1.00 24.94 ? 109 GLU A OE1 1 
ATOM   876  O  OE2 . GLU A 1 109 ? 4.653   -10.602 -1.035  1.00 30.39 ? 109 GLU A OE2 1 
ATOM   877  N  N   . ALA A 1 110 ? 4.011   -4.875  -4.494  1.00 9.17  ? 110 ALA A N   1 
ATOM   878  C  CA  . ALA A 1 110 ? 3.783   -4.012  -5.658  1.00 8.35  ? 110 ALA A CA  1 
ATOM   879  C  C   . ALA A 1 110 ? 4.424   -2.637  -5.446  1.00 8.79  ? 110 ALA A C   1 
ATOM   880  O  O   . ALA A 1 110 ? 5.092   -2.093  -6.337  1.00 8.70  ? 110 ALA A O   1 
ATOM   881  C  CB  . ALA A 1 110 ? 2.343   -3.863  -6.049  1.00 8.66  ? 110 ALA A CB  1 
ATOM   882  N  N   . ILE A 1 111 ? 4.235   -2.110  -4.229  1.00 7.84  ? 111 ILE A N   1 
ATOM   883  C  CA  . ILE A 1 111 ? 4.870   -0.822  -3.896  1.00 8.05  ? 111 ILE A CA  1 
ATOM   884  C  C   . ILE A 1 111 ? 6.397   -0.907  -3.997  1.00 8.65  ? 111 ILE A C   1 
ATOM   885  O  O   . ILE A 1 111 ? 7.061   -0.064  -4.648  1.00 8.66  ? 111 ILE A O   1 
ATOM   886  C  CB  . ILE A 1 111 ? 4.436   -0.363  -2.469  1.00 8.48  ? 111 ILE A CB  1 
ATOM   887  C  CG1 . ILE A 1 111 ? 2.965   -0.017  -2.438  1.00 9.03  ? 111 ILE A CG1 1 
ATOM   888  C  CG2 . ILE A 1 111 ? 5.324   0.819   -2.031  1.00 8.27  ? 111 ILE A CG2 1 
ATOM   889  C  CD1 . ILE A 1 111 ? 2.309   -0.100  -1.092  1.00 9.55  ? 111 ILE A CD1 1 
ATOM   890  N  N   . ILE A 1 112 ? 6.966   -1.946  -3.429  1.00 8.62  ? 112 ILE A N   1 
ATOM   891  C  CA  . ILE A 1 112 ? 8.396   -2.103  -3.479  1.00 9.33  ? 112 ILE A CA  1 
ATOM   892  C  C   . ILE A 1 112 ? 8.870   -2.239  -4.879  1.00 9.44  ? 112 ILE A C   1 
ATOM   893  O  O   . ILE A 1 112 ? 9.918   -1.609  -5.264  1.00 9.72  ? 112 ILE A O   1 
ATOM   894  C  CB  . ILE A 1 112 ? 8.832   -3.241  -2.565  1.00 8.73  ? 112 ILE A CB  1 
ATOM   895  C  CG1 . ILE A 1 112 ? 8.640   -2.834  -1.123  1.00 9.93  ? 112 ILE A CG1 1 
ATOM   896  C  CG2 . ILE A 1 112 ? 10.278  -3.740  -2.905  1.00 9.75  ? 112 ILE A CG2 1 
ATOM   897  C  CD1 . ILE A 1 112 ? 8.758   -4.059  -0.210  1.00 11.42 ? 112 ILE A CD1 1 
ATOM   898  N  N   . HIS A 1 113 ? 8.166   -3.030  -5.677  1.00 8.87  ? 113 HIS A N   1 
ATOM   899  C  CA  . HIS A 1 113 ? 8.587   -3.273  -7.081  1.00 10.73 ? 113 HIS A CA  1 
ATOM   900  C  C   . HIS A 1 113 ? 8.627   -1.975  -7.884  1.00 10.19 ? 113 HIS A C   1 
ATOM   901  O  O   . HIS A 1 113 ? 9.586   -1.697  -8.615  1.00 9.98  ? 113 HIS A O   1 
ATOM   902  C  CB  . HIS A 1 113 ? 7.647   -4.262  -7.745  1.00 12.22 ? 113 HIS A CB  1 
ATOM   903  C  CG  . HIS A 1 113 ? 7.945   -4.483  -9.190  1.00 16.52 ? 113 HIS A CG  1 
ATOM   904  N  ND1 . HIS A 1 113 ? 8.775   -5.487  -9.629  1.00 23.98 ? 113 HIS A ND1 1 
ATOM   905  C  CD2 . HIS A 1 113 ? 7.453   -3.876  -10.283 1.00 21.52 ? 113 HIS A CD2 1 
ATOM   906  C  CE1 . HIS A 1 113 ? 8.880   -5.400  -10.937 1.00 23.82 ? 113 HIS A CE1 1 
ATOM   907  N  NE2 . HIS A 1 113 ? 8.067   -4.454  -11.363 1.00 25.48 ? 113 HIS A NE2 1 
ATOM   908  N  N   . VAL A 1 114 ? 7.583   -1.151  -7.741  1.00 8.44  ? 114 VAL A N   1 
ATOM   909  C  CA  . VAL A 1 114 ? 7.455   0.088   -8.486  1.00 8.22  ? 114 VAL A CA  1 
ATOM   910  C  C   . VAL A 1 114 ? 8.510   1.087   -8.031  1.00 9.03  ? 114 VAL A C   1 
ATOM   911  O  O   . VAL A 1 114 ? 9.125   1.795   -8.849  1.00 8.82  ? 114 VAL A O   1 
ATOM   912  C  CB  . VAL A 1 114 ? 6.014   0.658   -8.403  1.00 8.18  ? 114 VAL A CB  1 
ATOM   913  C  CG1 . VAL A 1 114 ? 5.990   2.016   -9.001  1.00 9.41  ? 114 VAL A CG1 1 
ATOM   914  C  CG2 . VAL A 1 114 ? 5.091   -0.281  -9.183  1.00 8.14  ? 114 VAL A CG2 1 
ATOM   915  N  N   . LEU A 1 115 ? 8.676   1.227   -6.691  1.00 8.29  ? 115 LEU A N   1 
ATOM   916  C  CA  . LEU A 1 115 ? 9.688   2.166   -6.216  1.00 8.40  ? 115 LEU A CA  1 
ATOM   917  C  C   . LEU A 1 115 ? 11.081  1.753   -6.714  1.00 8.73  ? 115 LEU A C   1 
ATOM   918  O  O   . LEU A 1 115 ? 11.918  2.577   -7.046  1.00 7.32  ? 115 LEU A O   1 
ATOM   919  C  CB  . LEU A 1 115 ? 9.670   2.265   -4.674  1.00 9.18  ? 115 LEU A CB  1 
ATOM   920  C  CG  . LEU A 1 115 ? 8.388   2.883   -4.125  1.00 11.10 ? 115 LEU A CG  1 
ATOM   921  C  CD1 . LEU A 1 115 ? 8.458   2.930   -2.622  1.00 11.16 ? 115 LEU A CD1 1 
ATOM   922  C  CD2 . LEU A 1 115 ? 8.066   4.175   -4.706  1.00 13.24 ? 115 LEU A CD2 1 
ATOM   923  N  N   . HIS A 1 116 ? 11.346  0.441   -6.713  1.00 8.70  ? 116 HIS A N   1 
ATOM   924  C  CA  . HIS A 1 116 ? 12.675  -0.042  -7.137  1.00 9.28  ? 116 HIS A CA  1 
ATOM   925  C  C   . HIS A 1 116 ? 12.897  0.292   -8.604  1.00 9.66  ? 116 HIS A C   1 
ATOM   926  O  O   . HIS A 1 116 ? 14.031  0.713   -8.966  1.00 10.50 ? 116 HIS A O   1 
ATOM   927  C  CB  . HIS A 1 116 ? 12.744  -1.543  -6.889  1.00 10.15 ? 116 HIS A CB  1 
ATOM   928  C  CG  . HIS A 1 116 ? 13.908  -2.213  -7.558  1.00 11.86 ? 116 HIS A CG  1 
ATOM   929  N  ND1 . HIS A 1 116 ? 15.166  -2.310  -7.001  1.00 15.66 ? 116 HIS A ND1 1 
ATOM   930  C  CD2 . HIS A 1 116 ? 13.985  -2.817  -8.759  1.00 11.98 ? 116 HIS A CD2 1 
ATOM   931  C  CE1 . HIS A 1 116 ? 15.985  -2.904  -7.866  1.00 11.62 ? 116 HIS A CE1 1 
ATOM   932  N  NE2 . HIS A 1 116 ? 15.270  -3.272  -8.891  1.00 16.91 ? 116 HIS A NE2 1 
ATOM   933  N  N   . SER A 1 117 ? 11.843  0.209   -9.416  1.00 8.65  ? 117 SER A N   1 
ATOM   934  C  CA  . SER A 1 117 ? 11.916  0.531   -10.815 1.00 9.38  ? 117 SER A CA  1 
ATOM   935  C  C   . SER A 1 117 ? 12.046  2.018   -11.094 1.00 8.97  ? 117 SER A C   1 
ATOM   936  O  O   . SER A 1 117 ? 12.910  2.434   -11.952 1.00 9.56  ? 117 SER A O   1 
ATOM   937  C  CB  . SER A 1 117 ? 10.717  -0.060  -11.541 1.00 10.79 ? 117 SER A CB  1 
ATOM   938  O  OG  . SER A 1 117 ? 10.779  0.259   -12.932 1.00 16.62 ? 117 SER A OG  1 
ATOM   939  N  N   . ARG A 1 118 ? 11.230  2.824   -10.429 1.00 7.87  ? 118 ARG A N   1 
ATOM   940  C  CA  . ARG A 1 118 ? 11.189  4.212   -10.678 1.00 7.93  ? 118 ARG A CA  1 
ATOM   941  C  C   . ARG A 1 118 ? 12.300  5.027   -10.021 1.00 7.61  ? 118 ARG A C   1 
ATOM   942  O  O   . ARG A 1 118 ? 12.644  6.056   -10.596 1.00 7.70  ? 118 ARG A O   1 
ATOM   943  C  CB  . ARG A 1 118 ? 9.826   4.830   -10.291 1.00 8.69  ? 118 ARG A CB  1 
ATOM   944  C  CG  . ARG A 1 118 ? 8.673   4.511   -11.197 1.00 11.13 ? 118 ARG A CG  1 
ATOM   945  C  CD  . ARG A 1 118 ? 7.459   5.187   -10.600 1.00 12.74 ? 118 ARG A CD  1 
ATOM   946  N  NE  . ARG A 1 118 ? 6.381   5.410   -11.376 1.00 18.21 ? 118 ARG A NE  1 
ATOM   947  C  CZ  . ARG A 1 118 ? 5.894   6.549   -11.871 1.00 13.85 ? 118 ARG A CZ  1 
ATOM   948  N  NH1 . ARG A 1 118 ? 4.820   6.388   -12.532 1.00 14.52 ? 118 ARG A NH1 1 
ATOM   949  N  NH2 . ARG A 1 118 ? 6.328   7.789   -11.799 1.00 12.91 ? 118 ARG A NH2 1 
ATOM   950  N  N   . HIS A 1 119 ? 12.787  4.610   -8.864  1.00 7.25  ? 119 HIS A N   1 
ATOM   951  C  CA  . HIS A 1 119 ? 13.555  5.439   -7.958  1.00 7.16  ? 119 HIS A CA  1 
ATOM   952  C  C   . HIS A 1 119 ? 14.853  4.825   -7.545  1.00 7.12  ? 119 HIS A C   1 
ATOM   953  O  O   . HIS A 1 119 ? 15.186  4.790   -6.374  1.00 7.28  ? 119 HIS A O   1 
ATOM   954  C  CB  . HIS A 1 119 ? 12.707  5.831   -6.762  1.00 7.19  ? 119 HIS A CB  1 
ATOM   955  C  CG  . HIS A 1 119 ? 11.590  6.703   -7.167  1.00 7.52  ? 119 HIS A CG  1 
ATOM   956  N  ND1 . HIS A 1 119 ? 11.803  7.924   -7.746  1.00 8.20  ? 119 HIS A ND1 1 
ATOM   957  C  CD2 . HIS A 1 119 ? 10.265  6.535   -7.129  1.00 7.32  ? 119 HIS A CD2 1 
ATOM   958  C  CE1 . HIS A 1 119 ? 10.676  8.454   -8.166  1.00 7.75  ? 119 HIS A CE1 1 
ATOM   959  N  NE2 . HIS A 1 119 ? 9.705   7.639   -7.775  1.00 7.41  ? 119 HIS A NE2 1 
ATOM   960  N  N   . PRO A 1 120 ? 15.664  4.395   -8.510  1.00 7.73  ? 120 PRO A N   1 
ATOM   961  C  CA  . PRO A 1 120 ? 16.958  3.833   -8.053  1.00 8.84  ? 120 PRO A CA  1 
ATOM   962  C  C   . PRO A 1 120 ? 17.874  4.825   -7.324  1.00 8.31  ? 120 PRO A C   1 
ATOM   963  O  O   . PRO A 1 120 ? 18.741  4.448   -6.480  1.00 10.74 ? 120 PRO A O   1 
ATOM   964  C  CB  . PRO A 1 120 ? 17.605  3.372   -9.367  1.00 8.94  ? 120 PRO A CB  1 
ATOM   965  C  CG  . PRO A 1 120 ? 16.994  4.224   -10.421 1.00 8.38  ? 120 PRO A CG  1 
ATOM   966  C  CD  . PRO A 1 120 ? 15.533  4.346   -9.979  1.00 7.62  ? 120 PRO A CD  1 
ATOM   967  N  N   . GLY A 1 121 ? 17.643  6.110   -7.505  1.00 9.28  ? 121 GLY A N   1 
ATOM   968  C  CA  . GLY A 1 121 ? 18.305  7.165   -6.794  1.00 9.24  ? 121 GLY A CA  1 
ATOM   969  C  C   . GLY A 1 121 ? 18.029  7.331   -5.301  1.00 9.76  ? 121 GLY A C   1 
ATOM   970  O  O   . GLY A 1 121 ? 18.838  7.870   -4.492  1.00 10.40 ? 121 GLY A O   1 
ATOM   971  N  N   . ASN A 1 122 ? 16.851  6.845   -4.917  1.00 9.25  ? 122 ASN A N   1 
ATOM   972  C  CA  . ASN A 1 122 ? 16.360  6.899   -3.530  1.00 9.07  ? 122 ASN A CA  1 
ATOM   973  C  C   . ASN A 1 122 ? 15.841  5.529   -3.042  1.00 8.91  ? 122 ASN A C   1 
ATOM   974  O  O   . ASN A 1 122 ? 15.196  5.472   -1.968  1.00 10.40 ? 122 ASN A O   1 
ATOM   975  C  CB  . ASN A 1 122 ? 15.294  7.928   -3.332  1.00 10.80 ? 122 ASN A CB  1 
ATOM   976  C  CG  . ASN A 1 122 ? 15.851  9.334   -3.475  1.00 10.65 ? 122 ASN A CG  1 
ATOM   977  O  OD1 . ASN A 1 122 ? 16.500  9.814   -2.514  1.00 12.03 ? 122 ASN A OD1 1 
ATOM   978  N  ND2 . ASN A 1 122 ? 15.778  9.930   -4.654  1.00 9.91  ? 122 ASN A ND2 1 
ATOM   979  N  N   . PHE A 1 123 ? 16.095  4.441   -3.776  1.00 8.41  ? 123 PHE A N   1 
ATOM   980  C  CA  . PHE A 1 123 ? 15.553  3.132   -3.427  1.00 8.37  ? 123 PHE A CA  1 
ATOM   981  C  C   . PHE A 1 123 ? 16.637  2.111   -3.660  1.00 10.04 ? 123 PHE A C   1 
ATOM   982  O  O   . PHE A 1 123 ? 16.362  1.055   -4.246  1.00 9.02  ? 123 PHE A O   1 
ATOM   983  C  CB  . PHE A 1 123 ? 14.263  2.860   -4.115  1.00 8.77  ? 123 PHE A CB  1 
ATOM   984  C  CG  . PHE A 1 123 ? 13.289  1.970   -3.311  1.00 7.97  ? 123 PHE A CG  1 
ATOM   985  C  CD1 . PHE A 1 123 ? 12.729  2.500   -2.116  1.00 7.75  ? 123 PHE A CD1 1 
ATOM   986  C  CD2 . PHE A 1 123 ? 13.009  0.656   -3.691  1.00 8.38  ? 123 PHE A CD2 1 
ATOM   987  C  CE1 . PHE A 1 123 ? 11.837  1.686   -1.412  1.00 7.67  ? 123 PHE A CE1 1 
ATOM   988  C  CE2 . PHE A 1 123 ? 12.140  -0.102  -2.960  1.00 8.02  ? 123 PHE A CE2 1 
ATOM   989  C  CZ  . PHE A 1 123 ? 11.536  0.436   -1.859  1.00 7.40  ? 123 PHE A CZ  1 
ATOM   990  N  N   . GLY A 1 124 ? 17.834  2.420   -3.130  1.00 10.25 ? 124 GLY A N   1 
ATOM   991  C  CA  . GLY A 1 124 ? 18.858  1.380   -3.025  1.00 12.26 ? 124 GLY A CA  1 
ATOM   992  C  C   . GLY A 1 124 ? 18.563  0.365   -1.952  1.00 11.24 ? 124 GLY A C   1 
ATOM   993  O  O   . GLY A 1 124 ? 17.452  0.339   -1.405  1.00 9.22  ? 124 GLY A O   1 
ATOM   994  N  N   . ALA A 1 125 ? 19.501  -0.537  -1.666  1.00 10.97 ? 125 ALA A N   1 
ATOM   995  C  CA  . ALA A 1 125 ? 19.219  -1.641  -0.757  1.00 11.36 ? 125 ALA A CA  1 
ATOM   996  C  C   . ALA A 1 125 ? 18.835  -1.188  0.667   1.00 10.22 ? 125 ALA A C   1 
ATOM   997  O  O   . ALA A 1 125 ? 17.865  -1.736  1.221   1.00 9.55  ? 125 ALA A O   1 
ATOM   998  C  CB  . ALA A 1 125 ? 20.466  -2.532  -0.675  1.00 12.67 ? 125 ALA A CB  1 
ATOM   999  N  N   . ASP A 1 126 ? 19.555  -0.202  1.227   1.00 10.51 ? 126 ASP A N   1 
ATOM   1000 C  CA  . ASP A 1 126 ? 19.229  0.289   2.552   1.00 11.50 ? 126 ASP A CA  1 
ATOM   1001 C  C   . ASP A 1 126 ? 17.793  0.883   2.539   1.00 10.22 ? 126 ASP A C   1 
ATOM   1002 O  O   . ASP A 1 126 ? 16.996  0.580   3.469   1.00 8.86  ? 126 ASP A O   1 
ATOM   1003 C  CB  . ASP A 1 126 ? 20.210  1.222   3.058   1.00 13.16 ? 126 ASP A CB  1 
ATOM   1004 C  CG  . ASP A 1 126 ? 21.544  0.479   3.457   1.00 17.04 ? 126 ASP A CG  1 
ATOM   1005 O  OD1 . ASP A 1 126 ? 21.644  -0.712  3.563   1.00 17.80 ? 126 ASP A OD1 1 
ATOM   1006 O  OD2 . ASP A 1 126 ? 22.453  1.225   3.516   1.00 23.32 ? 126 ASP A OD2 1 
ATOM   1007 N  N   . ALA A 1 127 ? 17.487  1.672   1.519   1.00 10.07 ? 127 ALA A N   1 
ATOM   1008 C  CA  . ALA A 1 127 ? 16.185  2.320   1.487   1.00 9.35  ? 127 ALA A CA  1 
ATOM   1009 C  C   . ALA A 1 127 ? 15.068  1.252   1.308   1.00 8.86  ? 127 ALA A C   1 
ATOM   1010 O  O   . ALA A 1 127 ? 13.949  1.390   1.877   1.00 9.11  ? 127 ALA A O   1 
ATOM   1011 C  CB  . ALA A 1 127 ? 16.144  3.356   0.351   1.00 10.52 ? 127 ALA A CB  1 
ATOM   1012 N  N   . GLN A 1 128 ? 15.279  0.261   0.467   1.00 8.24  ? 128 GLN A N   1 
ATOM   1013 C  CA  . GLN A 1 128 ? 14.292  -0.785  0.294   1.00 7.92  ? 128 GLN A CA  1 
ATOM   1014 C  C   . GLN A 1 128 ? 14.051  -1.573  1.577   1.00 8.03  ? 128 GLN A C   1 
ATOM   1015 O  O   . GLN A 1 128 ? 12.936  -1.924  1.924   1.00 8.65  ? 128 GLN A O   1 
ATOM   1016 C  CB  . GLN A 1 128 ? 14.683  -1.705  -0.857  1.00 8.66  ? 128 GLN A CB  1 
ATOM   1017 C  CG  . GLN A 1 128 ? 13.659  -2.781  -1.087  1.00 9.20  ? 128 GLN A CG  1 
ATOM   1018 C  CD  . GLN A 1 128 ? 13.933  -3.629  -2.317  1.00 10.45 ? 128 GLN A CD  1 
ATOM   1019 O  OE1 . GLN A 1 128 ? 14.395  -3.099  -3.315  1.00 12.06 ? 128 GLN A OE1 1 
ATOM   1020 N  NE2 . GLN A 1 128 ? 13.466  -4.855  -2.298  1.00 11.79 ? 128 GLN A NE2 1 
ATOM   1021 N  N   . GLY A 1 129 ? 15.154  -1.889  2.273   1.00 9.04  ? 129 GLY A N   1 
ATOM   1022 C  CA  . GLY A 1 129 ? 15.040  -2.529  3.601   1.00 9.15  ? 129 GLY A CA  1 
ATOM   1023 C  C   . GLY A 1 129 ? 14.216  -1.684  4.571   1.00 9.25  ? 129 GLY A C   1 
ATOM   1024 O  O   . GLY A 1 129 ? 13.409  -2.259  5.310   1.00 10.34 ? 129 GLY A O   1 
ATOM   1025 N  N   . ALA A 1 130 ? 14.425  -0.358  4.583   1.00 8.07  ? 130 ALA A N   1 
ATOM   1026 C  CA  . ALA A 1 130 ? 13.685  0.481   5.504   1.00 8.22  ? 130 ALA A CA  1 
ATOM   1027 C  C   . ALA A 1 130 ? 12.202  0.472   5.129   1.00 7.89  ? 130 ALA A C   1 
ATOM   1028 O  O   . ALA A 1 130 ? 11.295  0.421   5.990   1.00 8.63  ? 130 ALA A O   1 
ATOM   1029 C  CB  . ALA A 1 130 ? 14.235  1.870   5.472   1.00 9.21  ? 130 ALA A CB  1 
ATOM   1030 N  N   . MET A 1 131 ? 11.912  0.592   3.830   1.00 8.08  ? 131 MET A N   1 
ATOM   1031 C  CA  . MET A 1 131 ? 10.503  0.523   3.390   1.00 8.15  ? 131 MET A CA  1 
ATOM   1032 C  C   . MET A 1 131 ? 9.856   -0.788  3.669   1.00 8.26  ? 131 MET A C   1 
ATOM   1033 O  O   . MET A 1 131 ? 8.714   -0.881  4.158   1.00 7.81  ? 131 MET A O   1 
ATOM   1034 C  CB  . MET A 1 131 ? 10.391  0.775   1.884   1.00 8.08  ? 131 MET A CB  1 
ATOM   1035 C  CG  . MET A 1 131 ? 9.005   0.770   1.320   1.00 8.66  ? 131 MET A CG  1 
ATOM   1036 S  SD  . MET A 1 131 ? 7.911   2.061   2.000   1.00 9.10  ? 131 MET A SD  1 
ATOM   1037 C  CE  . MET A 1 131 ? 8.584   3.518   1.213   1.00 8.28  ? 131 MET A CE  1 
ATOM   1038 N  N   . ASN A 1 132 ? 10.604  -1.907  3.479   1.00 7.45  ? 132 ASN A N   1 
ATOM   1039 C  CA  . ASN A 1 132 ? 10.052  -3.200  3.864   1.00 8.47  ? 132 ASN A CA  1 
ATOM   1040 C  C   . ASN A 1 132 ? 9.747   -3.218  5.382   1.00 9.06  ? 132 ASN A C   1 
ATOM   1041 O  O   . ASN A 1 132 ? 8.685   -3.741  5.767   1.00 9.58  ? 132 ASN A O   1 
ATOM   1042 C  CB  . ASN A 1 132 ? 10.982  -4.333  3.487   1.00 9.18  ? 132 ASN A CB  1 
ATOM   1043 C  CG  . ASN A 1 132 ? 10.448  -5.639  3.955   1.00 9.21  ? 132 ASN A CG  1 
ATOM   1044 O  OD1 . ASN A 1 132 ? 9.324   -6.049  3.601   1.00 11.85 ? 132 ASN A OD1 1 
ATOM   1045 N  ND2 . ASN A 1 132 ? 11.234  -6.274  4.748   1.00 13.05 ? 132 ASN A ND2 1 
ATOM   1046 N  N   . LYS A 1 133 ? 10.629  -2.700  6.217   1.00 9.26  ? 133 LYS A N   1 
ATOM   1047 C  CA  A LYS A 1 133 ? 10.405  -2.708  7.640   0.50 9.80  ? 133 LYS A CA  1 
ATOM   1048 C  CA  B LYS A 1 133 ? 10.386  -2.648  7.666   0.50 10.57 ? 133 LYS A CA  1 
ATOM   1049 C  C   . LYS A 1 133 ? 9.137   -1.831  7.987   1.00 9.12  ? 133 LYS A C   1 
ATOM   1050 O  O   . LYS A 1 133 ? 8.303   -2.273  8.794   1.00 8.96  ? 133 LYS A O   1 
ATOM   1051 C  CB  A LYS A 1 133 ? 11.702  -2.276  8.364   0.50 10.27 ? 133 LYS A CB  1 
ATOM   1052 C  CB  B LYS A 1 133 ? 11.545  -2.033  8.462   0.50 12.13 ? 133 LYS A CB  1 
ATOM   1053 C  CG  A LYS A 1 133 ? 11.778  -2.591  9.831   0.50 10.67 ? 133 LYS A CG  1 
ATOM   1054 C  CG  B LYS A 1 133 ? 12.637  -2.997  8.790   0.50 14.10 ? 133 LYS A CG  1 
ATOM   1055 C  CD  A LYS A 1 133 ? 13.106  -2.038  10.298  0.50 11.87 ? 133 LYS A CD  1 
ATOM   1056 C  CD  B LYS A 1 133 ? 13.385  -2.506  10.009  0.50 16.31 ? 133 LYS A CD  1 
ATOM   1057 C  CE  A LYS A 1 133 ? 13.179  -2.039  11.775  0.50 11.63 ? 133 LYS A CE  1 
ATOM   1058 C  CE  B LYS A 1 133 ? 14.749  -3.116  10.117  0.50 17.12 ? 133 LYS A CE  1 
ATOM   1059 N  NZ  A LYS A 1 133 ? 14.506  -1.736  12.291  0.50 12.46 ? 133 LYS A NZ  1 
ATOM   1060 N  NZ  B LYS A 1 133 ? 15.394  -2.582  11.325  0.50 17.28 ? 133 LYS A NZ  1 
ATOM   1061 N  N   . ALA A 1 134 ? 8.957   -0.716  7.286   1.00 8.36  ? 134 ALA A N   1 
ATOM   1062 C  CA  . ALA A 1 134 ? 7.772   0.166   7.579   1.00 8.43  ? 134 ALA A CA  1 
ATOM   1063 C  C   . ALA A 1 134 ? 6.518   -0.561  7.157   1.00 9.04  ? 134 ALA A C   1 
ATOM   1064 O  O   . ALA A 1 134 ? 5.484   -0.478  7.867   1.00 8.59  ? 134 ALA A O   1 
ATOM   1065 C  CB  . ALA A 1 134 ? 7.896   1.491   6.846   1.00 9.02  ? 134 ALA A CB  1 
ATOM   1066 N  N   . LEU A 1 135 ? 6.564   -1.251  6.010   1.00 8.54  ? 135 LEU A N   1 
ATOM   1067 C  CA  . LEU A 1 135 ? 5.390   -1.955  5.500   1.00 8.39  ? 135 LEU A CA  1 
ATOM   1068 C  C   . LEU A 1 135 ? 5.063   -3.156  6.355   1.00 8.73  ? 135 LEU A C   1 
ATOM   1069 O  O   . LEU A 1 135 ? 3.869   -3.442  6.624   1.00 9.36  ? 135 LEU A O   1 
ATOM   1070 C  CB  . LEU A 1 135 ? 5.464   -2.300  4.051   1.00 9.14  ? 135 LEU A CB  1 
ATOM   1071 C  CG  . LEU A 1 135 ? 5.552   -1.053  3.143   1.00 9.60  ? 135 LEU A CG  1 
ATOM   1072 C  CD1 . LEU A 1 135 ? 5.753   -1.505  1.708   1.00 10.56 ? 135 LEU A CD1 1 
ATOM   1073 C  CD2 . LEU A 1 135 ? 4.381   -0.138  3.218   1.00 11.94 ? 135 LEU A CD2 1 
ATOM   1074 N  N   . GLU A 1 136 ? 6.090   -3.861  6.850   1.00 9.18  ? 136 GLU A N   1 
ATOM   1075 C  CA  . GLU A 1 136 ? 5.908   -5.020  7.732   1.00 10.36 ? 136 GLU A CA  1 
ATOM   1076 C  C   . GLU A 1 136 ? 5.269   -4.551  9.069   1.00 10.26 ? 136 GLU A C   1 
ATOM   1077 O  O   . GLU A 1 136 ? 4.372   -5.255  9.594   1.00 10.58 ? 136 GLU A O   1 
ATOM   1078 C  CB  . GLU A 1 136 ? 7.251   -5.707  8.061   1.00 13.56 ? 136 GLU A CB  1 
ATOM   1079 C  CG  . GLU A 1 136 ? 7.748   -6.491  6.907   1.00 17.49 ? 136 GLU A CG  1 
ATOM   1080 C  CD  . GLU A 1 136 ? 8.927   -7.483  7.215   1.00 25.95 ? 136 GLU A CD  1 
ATOM   1081 O  OE1 . GLU A 1 136 ? 9.430   -7.470  8.331   1.00 30.71 ? 136 GLU A OE1 1 
ATOM   1082 O  OE2 . GLU A 1 136 ? 9.274   -8.256  6.275   1.00 27.91 ? 136 GLU A OE2 1 
ATOM   1083 N  N   . LEU A 1 137 ? 5.681   -3.370  9.552   1.00 9.25  ? 137 LEU A N   1 
ATOM   1084 C  CA  . LEU A 1 137 ? 5.133   -2.776  10.805  1.00 10.40 ? 137 LEU A CA  1 
ATOM   1085 C  C   . LEU A 1 137 ? 3.645   -2.478  10.580  1.00 10.07 ? 137 LEU A C   1 
ATOM   1086 O  O   . LEU A 1 137 ? 2.770   -2.825  11.415  1.00 10.37 ? 137 LEU A O   1 
ATOM   1087 C  CB  . LEU A 1 137 ? 5.946   -1.556  11.170  1.00 10.43 ? 137 LEU A CB  1 
ATOM   1088 C  CG  . LEU A 1 137 ? 5.404   -0.784  12.355  1.00 11.11 ? 137 LEU A CG  1 
ATOM   1089 C  CD1 . LEU A 1 137 ? 5.348   -1.645  13.630  1.00 13.85 ? 137 LEU A CD1 1 
ATOM   1090 C  CD2 . LEU A 1 137 ? 6.099   0.509   12.627  1.00 11.24 ? 137 LEU A CD2 1 
ATOM   1091 N  N   . PHE A 1 138 ? 3.377   -1.836  9.440   1.00 8.66  ? 138 PHE A N   1 
ATOM   1092 C  CA  . PHE A 1 138 ? 1.989   -1.524  9.069   1.00 9.77  ? 138 PHE A CA  1 
ATOM   1093 C  C   . PHE A 1 138 ? 1.134   -2.774  9.058   1.00 9.77  ? 138 PHE A C   1 
ATOM   1094 O  O   . PHE A 1 138 ? 0.040   -2.821  9.644   1.00 9.17  ? 138 PHE A O   1 
ATOM   1095 C  CB  . PHE A 1 138 ? 2.003   -0.819  7.692   1.00 9.29  ? 138 PHE A CB  1 
ATOM   1096 C  CG  . PHE A 1 138 ? 0.680   -0.824  6.966   1.00 10.91 ? 138 PHE A CG  1 
ATOM   1097 C  CD1 . PHE A 1 138 ? -0.355  -0.008  7.452   1.00 11.28 ? 138 PHE A CD1 1 
ATOM   1098 C  CD2 . PHE A 1 138 ? 0.452   -1.603  5.852   1.00 10.43 ? 138 PHE A CD2 1 
ATOM   1099 C  CE1 . PHE A 1 138 ? -1.609  -0.059  6.801   1.00 12.11 ? 138 PHE A CE1 1 
ATOM   1100 C  CE2 . PHE A 1 138 ? -0.780  -1.644  5.210   1.00 12.44 ? 138 PHE A CE2 1 
ATOM   1101 C  CZ  . PHE A 1 138 ? -1.822  -0.827  5.691   1.00 13.42 ? 138 PHE A CZ  1 
ATOM   1102 N  N   . ARG A 1 139 ? 1.620   -3.817  8.424   1.00 8.80  ? 139 ARG A N   1 
ATOM   1103 C  CA  . ARG A 1 139 ? 0.859   -5.089  8.270   1.00 8.97  ? 139 ARG A CA  1 
ATOM   1104 C  C   . ARG A 1 139 ? 0.717   -5.751  9.636   1.00 8.43  ? 139 ARG A C   1 
ATOM   1105 O  O   . ARG A 1 139 ? -0.358  -6.347  9.898   1.00 9.45  ? 139 ARG A O   1 
ATOM   1106 C  CB  . ARG A 1 139 ? 1.438   -6.034  7.261   1.00 9.05  ? 139 ARG A CB  1 
ATOM   1107 C  CG  . ARG A 1 139 ? 1.409   -5.523  5.824   1.00 9.67  ? 139 ARG A CG  1 
ATOM   1108 C  CD  . ARG A 1 139 ? 1.686   -6.621  4.828   1.00 10.48 ? 139 ARG A CD  1 
ATOM   1109 N  NE  . ARG A 1 139 ? 2.894   -7.375  5.145   1.00 11.92 ? 139 ARG A NE  1 
ATOM   1110 C  CZ  . ARG A 1 139 ? 4.127   -7.066  4.740   1.00 12.99 ? 139 ARG A CZ  1 
ATOM   1111 N  NH1 . ARG A 1 139 ? 4.348   -5.983  3.972   1.00 11.69 ? 139 ARG A NH1 1 
ATOM   1112 N  NH2 . ARG A 1 139 ? 5.138   -7.892  5.076   1.00 13.53 ? 139 ARG A NH2 1 
ATOM   1113 N  N   . LYS A 1 140 ? 1.769   -5.731  10.468  1.00 9.08  ? 140 LYS A N   1 
ATOM   1114 C  CA  . LYS A 1 140 ? 1.701   -6.337  11.823  1.00 10.55 ? 140 LYS A CA  1 
ATOM   1115 C  C   . LYS A 1 140 ? 0.597   -5.633  12.642  1.00 10.14 ? 140 LYS A C   1 
ATOM   1116 O  O   . LYS A 1 140 ? -0.278  -6.316  13.225  1.00 10.36 ? 140 LYS A O   1 
ATOM   1117 C  CB  . LYS A 1 140 ? 3.016   -6.188  12.533  1.00 12.56 ? 140 LYS A CB  1 
ATOM   1118 C  CG  . LYS A 1 140 ? 3.082   -6.774  13.927  1.00 18.00 ? 140 LYS A CG  1 
ATOM   1119 C  CD  . LYS A 1 140 ? 4.385   -6.415  14.678  1.00 24.77 ? 140 LYS A CD  1 
ATOM   1120 C  CE  . LYS A 1 140 ? 4.282   -7.007  16.130  1.00 29.96 ? 140 LYS A CE  1 
ATOM   1121 N  NZ  . LYS A 1 140 ? 5.640   -7.166  16.692  1.00 43.05 ? 140 LYS A NZ  1 
ATOM   1122 N  N   . ASP A 1 141 ? 0.592   -4.317  12.583  1.00 9.77  ? 141 ASP A N   1 
ATOM   1123 C  CA  . ASP A 1 141 ? -0.369  -3.545  13.406  1.00 11.17 ? 141 ASP A CA  1 
ATOM   1124 C  C   . ASP A 1 141 ? -1.767  -3.727  12.867  1.00 10.95 ? 141 ASP A C   1 
ATOM   1125 O  O   . ASP A 1 141 ? -2.735  -3.847  13.661  1.00 11.83 ? 141 ASP A O   1 
ATOM   1126 C  CB  . ASP A 1 141 ? 0.094   -2.108  13.547  1.00 11.38 ? 141 ASP A CB  1 
ATOM   1127 C  CG  . ASP A 1 141 ? 1.296   -1.928  14.459  1.00 13.11 ? 141 ASP A CG  1 
ATOM   1128 O  OD1 . ASP A 1 141 ? 1.788   -2.892  15.118  1.00 13.22 ? 141 ASP A OD1 1 
ATOM   1129 O  OD2 . ASP A 1 141 ? 1.789   -0.801  14.519  1.00 12.22 ? 141 ASP A OD2 1 
ATOM   1130 N  N   . ILE A 1 142 ? -1.940  -3.710  11.534  1.00 11.24 ? 142 ILE A N   1 
ATOM   1131 C  CA  . ILE A 1 142 ? -3.281  -3.947  10.913  1.00 11.70 ? 142 ILE A CA  1 
ATOM   1132 C  C   . ILE A 1 142 ? -3.759  -5.311  11.262  1.00 12.08 ? 142 ILE A C   1 
ATOM   1133 O  O   . ILE A 1 142 ? -4.957  -5.478  11.566  1.00 11.42 ? 142 ILE A O   1 
ATOM   1134 C  CB  . ILE A 1 142 ? -3.222  -3.864  9.338   1.00 15.53 ? 142 ILE A CB  1 
ATOM   1135 C  CG1 . ILE A 1 142 ? -3.190  -2.458  9.036   1.00 19.18 ? 142 ILE A CG1 1 
ATOM   1136 C  CG2 . ILE A 1 142 ? -4.443  -4.551  8.676   1.00 22.43 ? 142 ILE A CG2 1 
ATOM   1137 C  CD1 . ILE A 1 142 ? -4.611  -1.893  8.870   1.00 23.07 ? 142 ILE A CD1 1 
ATOM   1138 N  N   . ALA A 1 143 ? -2.882  -6.320  11.208  1.00 10.40 ? 143 ALA A N   1 
ATOM   1139 C  CA  . ALA A 1 143 ? -3.328  -7.692  11.546  1.00 11.85 ? 143 ALA A CA  1 
ATOM   1140 C  C   . ALA A 1 143 ? -3.770  -7.798  12.993  1.00 10.64 ? 143 ALA A C   1 
ATOM   1141 O  O   . ALA A 1 143 ? -4.791  -8.504  13.247  1.00 11.75 ? 143 ALA A O   1 
ATOM   1142 C  CB  . ALA A 1 143 ? -2.213  -8.694  11.269  1.00 12.03 ? 143 ALA A CB  1 
ATOM   1143 N  N   . ALA A 1 144 ? -3.102  -7.109  13.875  1.00 11.24 ? 144 ALA A N   1 
ATOM   1144 C  CA  . ALA A 1 144 ? -3.481  -7.079  15.326  1.00 11.78 ? 144 ALA A CA  1 
ATOM   1145 C  C   . ALA A 1 144 ? -4.880  -6.443  15.437  1.00 12.87 ? 144 ALA A C   1 
ATOM   1146 O  O   . ALA A 1 144 ? -5.766  -6.958  16.153  1.00 13.12 ? 144 ALA A O   1 
ATOM   1147 C  CB  . ALA A 1 144 ? -2.506  -6.402  16.174  1.00 12.97 ? 144 ALA A CB  1 
ATOM   1148 N  N   A LYS A 1 145 ? -5.133  -5.396  14.650  0.50 10.99 ? 145 LYS A N   1 
ATOM   1149 N  N   B LYS A 1 145 ? -5.130  -5.401  14.655  0.50 10.57 ? 145 LYS A N   1 
ATOM   1150 C  CA  A LYS A 1 145 ? -6.466  -4.724  14.685  0.50 11.97 ? 145 LYS A CA  1 
ATOM   1151 C  CA  B LYS A 1 145 ? -6.448  -4.728  14.733  0.50 11.18 ? 145 LYS A CA  1 
ATOM   1152 C  C   . LYS A 1 145 ? -7.542  -5.620  14.107  1.00 11.19 ? 145 LYS A C   1 
ATOM   1153 O  O   . LYS A 1 145 ? -8.668  -5.682  14.593  1.00 12.21 ? 145 LYS A O   1 
ATOM   1154 C  CB  A LYS A 1 145 ? -6.473  -3.392  13.902  0.50 13.33 ? 145 LYS A CB  1 
ATOM   1155 C  CB  B LYS A 1 145 ? -6.386  -3.329  14.073  0.50 11.66 ? 145 LYS A CB  1 
ATOM   1156 C  CG  A LYS A 1 145 ? -5.757  -2.300  14.627  0.50 15.17 ? 145 LYS A CG  1 
ATOM   1157 C  CG  B LYS A 1 145 ? -7.619  -2.501  14.238  0.50 12.38 ? 145 LYS A CG  1 
ATOM   1158 C  CD  A LYS A 1 145 ? -6.211  -2.334  16.053  0.50 18.39 ? 145 LYS A CD  1 
ATOM   1159 C  CD  B LYS A 1 145 ? -7.959  -2.208  15.661  0.50 14.02 ? 145 LYS A CD  1 
ATOM   1160 C  CE  A LYS A 1 145 ? -6.440  -0.953  16.624  0.50 19.43 ? 145 LYS A CE  1 
ATOM   1161 C  CE  B LYS A 1 145 ? -7.210  -1.047  16.215  0.50 14.98 ? 145 LYS A CE  1 
ATOM   1162 N  NZ  A LYS A 1 145 ? -7.132  -1.011  17.943  0.50 20.34 ? 145 LYS A NZ  1 
ATOM   1163 N  NZ  B LYS A 1 145 ? -7.659  -0.704  17.602  0.50 16.29 ? 145 LYS A NZ  1 
ATOM   1164 N  N   . TYR A 1 146 ? -7.214  -6.311  13.003  1.00 10.41 ? 146 TYR A N   1 
ATOM   1165 C  CA  . TYR A 1 146 ? -8.138  -7.244  12.388  1.00 11.93 ? 146 TYR A CA  1 
ATOM   1166 C  C   . TYR A 1 146 ? -8.625  -8.220  13.457  1.00 12.62 ? 146 TYR A C   1 
ATOM   1167 O  O   . TYR A 1 146 ? -9.846  -8.488  13.580  1.00 13.38 ? 146 TYR A O   1 
ATOM   1168 C  CB  . TYR A 1 146 ? -7.481  -8.036  11.280  1.00 12.20 ? 146 TYR A CB  1 
ATOM   1169 C  CG  . TYR A 1 146 ? -7.456  -7.452  9.905   1.00 13.12 ? 146 TYR A CG  1 
ATOM   1170 C  CD1 . TYR A 1 146 ? -7.765  -6.173  9.608   1.00 11.79 ? 146 TYR A CD1 1 
ATOM   1171 C  CD2 . TYR A 1 146 ? -7.124  -8.232  8.866   1.00 17.10 ? 146 TYR A CD2 1 
ATOM   1172 C  CE1 . TYR A 1 146 ? -7.740  -5.685  8.330   1.00 12.11 ? 146 TYR A CE1 1 
ATOM   1173 C  CE2 . TYR A 1 146 ? -7.126  -7.755  7.549   1.00 18.77 ? 146 TYR A CE2 1 
ATOM   1174 C  CZ  . TYR A 1 146 ? -7.491  -6.463  7.292   1.00 15.22 ? 146 TYR A CZ  1 
ATOM   1175 O  OH  . TYR A 1 146 ? -7.614  -6.062  5.979   1.00 16.40 ? 146 TYR A OH  1 
ATOM   1176 N  N   . LYS A 1 147 ? -7.665  -8.764  14.181  1.00 13.51 ? 147 LYS A N   1 
ATOM   1177 C  CA  . LYS A 1 147 ? -8.011  -9.758  15.256  1.00 16.11 ? 147 LYS A CA  1 
ATOM   1178 C  C   . LYS A 1 147 ? -8.952  -9.143  16.290  1.00 14.11 ? 147 LYS A C   1 
ATOM   1179 O  O   . LYS A 1 147 ? -9.973  -9.782  16.630  1.00 14.15 ? 147 LYS A O   1 
ATOM   1180 C  CB  . LYS A 1 147 ? -6.739  -10.317 15.871  1.00 18.87 ? 147 LYS A CB  1 
ATOM   1181 C  CG  . LYS A 1 147 ? -6.890  -11.437 16.919  1.00 29.92 ? 147 LYS A CG  1 
ATOM   1182 C  CD  . LYS A 1 147 ? -5.475  -11.961 17.329  1.00 35.16 ? 147 LYS A CD  1 
ATOM   1183 C  CE  . LYS A 1 147 ? -5.439  -13.212 18.229  1.00 41.32 ? 147 LYS A CE  1 
ATOM   1184 N  NZ  . LYS A 1 147 ? -6.661  -13.262 19.042  1.00 42.88 ? 147 LYS A NZ  1 
ATOM   1185 N  N   . GLU A 1 148 ? -8.695  -7.919  16.675  1.00 11.99 ? 148 GLU A N   1 
ATOM   1186 C  CA  . GLU A 1 148 ? -9.538  -7.236  17.684  1.00 12.38 ? 148 GLU A CA  1 
ATOM   1187 C  C   . GLU A 1 148 ? -10.929 -7.065  17.115  1.00 13.40 ? 148 GLU A C   1 
ATOM   1188 O  O   . GLU A 1 148 ? -11.925 -7.101  17.874  1.00 12.65 ? 148 GLU A O   1 
ATOM   1189 C  CB  . GLU A 1 148 ? -8.993  -5.859  18.092  1.00 12.98 ? 148 GLU A CB  1 
ATOM   1190 C  CG  . GLU A 1 148 ? -7.686  -5.951  18.859  1.00 14.23 ? 148 GLU A CG  1 
ATOM   1191 C  CD  . GLU A 1 148 ? -7.010  -4.600  19.062  1.00 20.25 ? 148 GLU A CD  1 
ATOM   1192 O  OE1 . GLU A 1 148 ? -7.522  -3.546  18.765  1.00 24.25 ? 148 GLU A OE1 1 
ATOM   1193 O  OE2 . GLU A 1 148 ? -5.856  -4.592  19.560  1.00 28.91 ? 148 GLU A OE2 1 
ATOM   1194 N  N   . LEU A 1 149 ? -11.026 -6.859  15.811  1.00 10.68 ? 149 LEU A N   1 
ATOM   1195 C  CA  . LEU A 1 149 ? -12.288 -6.595  15.144  1.00 11.69 ? 149 LEU A CA  1 
ATOM   1196 C  C   . LEU A 1 149 ? -13.086 -7.836  14.792  1.00 11.71 ? 149 LEU A C   1 
ATOM   1197 O  O   . LEU A 1 149 ? -14.212 -7.739  14.281  1.00 14.83 ? 149 LEU A O   1 
ATOM   1198 C  CB  . LEU A 1 149 ? -12.032 -5.743  13.896  1.00 12.62 ? 149 LEU A CB  1 
ATOM   1199 C  CG  . LEU A 1 149 ? -11.580 -4.369  14.102  1.00 14.41 ? 149 LEU A CG  1 
ATOM   1200 C  CD1 . LEU A 1 149 ? -10.865 -3.801  12.827  1.00 15.05 ? 149 LEU A CD1 1 
ATOM   1201 C  CD2 . LEU A 1 149 ? -12.716 -3.445  14.469  1.00 15.13 ? 149 LEU A CD2 1 
ATOM   1202 N  N   . GLY A 1 150 ? -12.478 -8.992  14.968  1.00 12.91 ? 150 GLY A N   1 
ATOM   1203 C  CA  . GLY A 1 150 ? -13.156 -10.284 14.727  1.00 15.34 ? 150 GLY A CA  1 
ATOM   1204 C  C   . GLY A 1 150 ? -12.857 -10.947 13.406  1.00 17.01 ? 150 GLY A C   1 
ATOM   1205 O  O   . GLY A 1 150 ? -13.574 -11.857 12.983  1.00 16.23 ? 150 GLY A O   1 
ATOM   1206 N  N   . TYR A 1 151 ? -11.837 -10.471 12.704  1.00 14.08 ? 151 TYR A N   1 
ATOM   1207 C  CA  . TYR A 1 151 ? -11.487 -11.011 11.374  1.00 15.90 ? 151 TYR A CA  1 
ATOM   1208 C  C   . TYR A 1 151 ? -10.132 -11.668 11.429  1.00 18.20 ? 151 TYR A C   1 
ATOM   1209 O  O   . TYR A 1 151 ? -9.166  -11.108 11.930  1.00 17.39 ? 151 TYR A O   1 
ATOM   1210 C  CB  . TYR A 1 151 ? -11.431 -9.831  10.397  1.00 17.01 ? 151 TYR A CB  1 
ATOM   1211 C  CG  . TYR A 1 151 ? -11.058 -10.177 8.942   1.00 22.89 ? 151 TYR A CG  1 
ATOM   1212 C  CD1 . TYR A 1 151 ? -11.643 -11.234 8.253   1.00 28.24 ? 151 TYR A CD1 1 
ATOM   1213 C  CD2 . TYR A 1 151 ? -10.161 -9.366  8.211   1.00 25.23 ? 151 TYR A CD2 1 
ATOM   1214 C  CE1 . TYR A 1 151 ? -11.296 -11.531 6.916   1.00 28.63 ? 151 TYR A CE1 1 
ATOM   1215 C  CE2 . TYR A 1 151 ? -9.822  -9.659  6.863   1.00 24.45 ? 151 TYR A CE2 1 
ATOM   1216 C  CZ  . TYR A 1 151 ? -10.444 -10.726 6.212   1.00 26.51 ? 151 TYR A CZ  1 
ATOM   1217 O  OH  . TYR A 1 151 ? -10.076 -11.005 4.868   1.00 26.95 ? 151 TYR A OH  1 
ATOM   1218 N  N   . GLN A 1 152 ? -10.065 -12.899 10.922  1.00 23.84 ? 152 GLN A N   1 
ATOM   1219 C  CA  . GLN A 1 152 ? -8.791  -13.591 11.038  1.00 30.85 ? 152 GLN A CA  1 
ATOM   1220 C  C   . GLN A 1 152 ? -7.702  -13.061 10.040  1.00 30.28 ? 152 GLN A C   1 
ATOM   1221 O  O   . GLN A 1 152 ? -6.525  -13.105 10.393  1.00 34.01 ? 152 GLN A O   1 
ATOM   1222 C  CB  . GLN A 1 152 ? -8.961  -15.132 11.071  1.00 39.54 ? 152 GLN A CB  1 
ATOM   1223 C  CG  . GLN A 1 152 ? -9.667  -15.593 12.388  1.00 46.19 ? 152 GLN A CG  1 
ATOM   1224 C  CD  . GLN A 1 152 ? -9.158  -14.934 13.715  1.00 47.91 ? 152 GLN A CD  1 
ATOM   1225 O  OE1 . GLN A 1 152 ? -7.999  -15.147 14.161  1.00 49.16 ? 152 GLN A OE1 1 
ATOM   1226 N  NE2 . GLN A 1 152 ? -10.041 -14.130 14.361  1.00 49.14 ? 152 GLN A NE2 1 
ATOM   1227 N  N   A GLY A 1 153 ? -8.100  -12.490 8.897   0.50 30.33 ? 153 GLY A N   1 
ATOM   1228 N  N   B GLY A 1 153 ? -8.131  -12.560 8.872   0.50 27.25 ? 153 GLY A N   1 
ATOM   1229 C  CA  A GLY A 1 153 ? -7.121  -11.964 7.875   0.50 25.94 ? 153 GLY A CA  1 
ATOM   1230 C  CA  B GLY A 1 153 ? -7.231  -11.819 7.906   0.50 21.88 ? 153 GLY A CA  1 
ATOM   1231 C  C   A GLY A 1 153 ? -6.486  -13.142 7.206   0.50 22.21 ? 153 GLY A C   1 
ATOM   1232 C  C   B GLY A 1 153 ? -6.735  -12.593 6.722   0.50 17.29 ? 153 GLY A C   1 
ATOM   1233 O  O   A GLY A 1 153 ? -7.161  -14.163 7.062   0.50 15.67 ? 153 GLY A O   1 
ATOM   1234 O  O   B GLY A 1 153 ? -5.579  -12.604 6.460   0.50 10.20 ? 153 GLY A O   1 
HETATM 1235 C  CHA . HEM B 2 .   ? -10.956 1.426   -0.077  1.00 13.36 ? 201 HEM A CHA 1 
HETATM 1236 C  CHB . HEM B 2 .   ? -6.635  2.559   1.791   1.00 14.08 ? 201 HEM A CHB 1 
HETATM 1237 C  CHC . HEM B 2 .   ? -5.032  -1.893  0.664   1.00 10.43 ? 201 HEM A CHC 1 
HETATM 1238 C  CHD . HEM B 2 .   ? -9.315  -2.941  -1.235  1.00 12.85 ? 201 HEM A CHD 1 
HETATM 1239 C  C1A . HEM B 2 .   ? -9.912  2.088   0.534   1.00 14.63 ? 201 HEM A C1A 1 
HETATM 1240 C  C2A . HEM B 2 .   ? -9.948  3.411   0.993   1.00 14.85 ? 201 HEM A C2A 1 
HETATM 1241 C  C3A . HEM B 2 .   ? -8.733  3.745   1.513   1.00 14.20 ? 201 HEM A C3A 1 
HETATM 1242 C  C4A . HEM B 2 .   ? -7.944  2.616   1.367   1.00 13.53 ? 201 HEM A C4A 1 
HETATM 1243 C  CMA . HEM B 2 .   ? -8.299  5.057   2.156   1.00 14.13 ? 201 HEM A CMA 1 
HETATM 1244 C  CAA . HEM B 2 .   ? -11.138 4.341   0.992   1.00 16.06 ? 201 HEM A CAA 1 
HETATM 1245 C  CBA . HEM B 2 .   ? -11.794 4.376   2.412   1.00 16.59 ? 201 HEM A CBA 1 
HETATM 1246 C  CGA . HEM B 2 .   ? -12.105 2.973   2.993   1.00 18.28 ? 201 HEM A CGA 1 
HETATM 1247 O  O1A . HEM B 2 .   ? -13.005 2.289   2.406   1.00 24.27 ? 201 HEM A O1A 1 
HETATM 1248 O  O2A . HEM B 2 .   ? -11.453 2.638   4.009   1.00 22.43 ? 201 HEM A O2A 1 
HETATM 1249 C  C1B . HEM B 2 .   ? -5.790  1.420   1.671   1.00 12.77 ? 201 HEM A C1B 1 
HETATM 1250 C  C2B . HEM B 2 .   ? -4.418  1.288   2.121   1.00 12.07 ? 201 HEM A C2B 1 
HETATM 1251 C  C3B . HEM B 2 .   ? -3.934  0.030   1.797   1.00 12.06 ? 201 HEM A C3B 1 
HETATM 1252 C  C4B . HEM B 2 .   ? -5.068  -0.626  1.195   1.00 10.73 ? 201 HEM A C4B 1 
HETATM 1253 C  CMB . HEM B 2 .   ? -3.615  2.358   2.772   1.00 10.89 ? 201 HEM A CMB 1 
HETATM 1254 C  CAB . HEM B 2 .   ? -2.615  -0.587  1.903   1.00 11.79 ? 201 HEM A CAB 1 
HETATM 1255 C  CBB . HEM B 2 .   ? -1.466  0.040   1.782   1.00 13.88 ? 201 HEM A CBB 1 
HETATM 1256 C  C1C . HEM B 2 .   ? -6.005  -2.540  0.014   1.00 9.98  ? 201 HEM A C1C 1 
HETATM 1257 C  C2C . HEM B 2 .   ? -5.868  -3.795  -0.667  1.00 10.39 ? 201 HEM A C2C 1 
HETATM 1258 C  C3C . HEM B 2 .   ? -7.104  -4.069  -1.243  1.00 12.18 ? 201 HEM A C3C 1 
HETATM 1259 C  C4C . HEM B 2 .   ? -7.993  -3.021  -0.892  1.00 11.29 ? 201 HEM A C4C 1 
HETATM 1260 C  CMC . HEM B 2 .   ? -4.646  -4.633  -0.802  1.00 10.83 ? 201 HEM A CMC 1 
HETATM 1261 C  CAC . HEM B 2 .   ? -7.595  -5.228  -2.108  1.00 11.75 ? 201 HEM A CAC 1 
HETATM 1262 C  CBC . HEM B 2 .   ? -6.858  -6.165  -2.612  1.00 13.77 ? 201 HEM A CBC 1 
HETATM 1263 C  C1D . HEM B 2 .   ? -10.094 -1.861  -1.047  1.00 13.13 ? 201 HEM A C1D 1 
HETATM 1264 C  C2D . HEM B 2 .   ? -11.493 -1.769  -1.502  1.00 13.24 ? 201 HEM A C2D 1 
HETATM 1265 C  C3D . HEM B 2 .   ? -11.940 -0.531  -1.217  1.00 14.48 ? 201 HEM A C3D 1 
HETATM 1266 C  C4D . HEM B 2 .   ? -10.837 0.147   -0.547  1.00 12.49 ? 201 HEM A C4D 1 
HETATM 1267 C  CMD . HEM B 2 .   ? -12.254 -2.909  -2.138  1.00 15.94 ? 201 HEM A CMD 1 
HETATM 1268 C  CAD . HEM B 2 .   ? -13.330 0.053   -1.463  1.00 17.65 ? 201 HEM A CAD 1 
HETATM 1269 C  CBD . HEM B 2 .   ? -13.386 0.287   -3.004  1.00 23.95 ? 201 HEM A CBD 1 
HETATM 1270 C  CGD . HEM B 2 .   ? -14.608 1.124   -3.464  1.00 29.83 ? 201 HEM A CGD 1 
HETATM 1271 O  O1D . HEM B 2 .   ? -14.878 1.074   -4.669  1.00 32.80 ? 201 HEM A O1D 1 
HETATM 1272 O  O2D . HEM B 2 .   ? -15.259 1.847   -2.689  1.00 31.05 ? 201 HEM A O2D 1 
HETATM 1273 N  NA  . HEM B 2 .   ? -8.641  1.591   0.742   1.00 13.57 ? 201 HEM A NA  1 
HETATM 1274 N  NB  . HEM B 2 .   ? -6.136  0.253   1.119   1.00 12.69 ? 201 HEM A NB  1 
HETATM 1275 N  NC  . HEM B 2 .   ? -7.297  -2.074  -0.181  1.00 10.99 ? 201 HEM A NC  1 
HETATM 1276 N  ND  . HEM B 2 .   ? -9.731  -0.659  -0.484  1.00 13.50 ? 201 HEM A ND  1 
HETATM 1277 FE FE  . HEM B 2 .   ? -7.968  -0.207  0.278   1.00 14.25 ? 201 HEM A FE  1 
HETATM 1278 S  S   . SO4 C 3 .   ? -2.563  -5.675  -22.192 1.00 23.35 ? 202 SO4 A S   1 
HETATM 1279 O  O1  . SO4 C 3 .   ? -3.342  -6.566  -22.943 1.00 19.73 ? 202 SO4 A O1  1 
HETATM 1280 O  O2  . SO4 C 3 .   ? -2.980  -4.135  -22.265 1.00 18.87 ? 202 SO4 A O2  1 
HETATM 1281 O  O3  . SO4 C 3 .   ? -1.139  -5.760  -22.659 1.00 27.16 ? 202 SO4 A O3  1 
HETATM 1282 O  O4  . SO4 C 3 .   ? -2.585  -6.277  -20.726 1.00 17.83 ? 202 SO4 A O4  1 
HETATM 1283 S  S   . SO4 D 3 .   ? 11.992  17.182  -2.806  0.33 26.20 ? 203 SO4 A S   1 
HETATM 1284 O  O1  . SO4 D 3 .   ? 12.685  17.749  -4.003  0.33 23.47 ? 203 SO4 A O1  1 
HETATM 1285 O  O2  . SO4 D 3 .   ? 11.959  15.696  -2.942  0.33 23.54 ? 203 SO4 A O2  1 
HETATM 1286 O  O3  . SO4 D 3 .   ? 12.706  17.567  -1.583  0.33 34.74 ? 203 SO4 A O3  1 
HETATM 1287 O  O4  . SO4 D 3 .   ? 10.586  17.684  -2.795  0.33 23.73 ? 203 SO4 A O4  1 
HETATM 1288 S  S   . SO4 E 3 .   ? -13.874 4.800   16.647  1.00 28.85 ? 204 SO4 A S   1 
HETATM 1289 O  O1  . SO4 E 3 .   ? -13.956 4.385   15.154  1.00 28.56 ? 204 SO4 A O1  1 
HETATM 1290 O  O2  . SO4 E 3 .   ? -15.234 5.182   17.235  1.00 33.98 ? 204 SO4 A O2  1 
HETATM 1291 O  O3  . SO4 E 3 .   ? -12.915 5.974   16.860  1.00 34.72 ? 204 SO4 A O3  1 
HETATM 1292 O  O4  . SO4 E 3 .   ? -13.285 3.687   17.329  1.00 23.16 ? 204 SO4 A O4  1 
HETATM 1293 S  S   . SO4 F 3 .   ? 20.394  3.851   11.697  1.00 44.22 ? 205 SO4 A S   1 
HETATM 1294 O  O1  . SO4 F 3 .   ? 19.220  3.009   11.371  1.00 38.79 ? 205 SO4 A O1  1 
HETATM 1295 O  O2  . SO4 F 3 .   ? 20.423  4.968   10.720  1.00 44.68 ? 205 SO4 A O2  1 
HETATM 1296 O  O3  . SO4 F 3 .   ? 21.607  2.974   11.570  1.00 47.03 ? 205 SO4 A O3  1 
HETATM 1297 O  O4  . SO4 F 3 .   ? 20.379  4.522   13.026  1.00 45.47 ? 205 SO4 A O4  1 
HETATM 1298 C  C45 . 3QM G 4 .   ? -10.041 1.484   -4.622  1.00 18.44 ? 206 3QM A C45 1 
HETATM 1299 C  C46 . 3QM G 4 .   ? -11.210 2.269   -4.659  1.00 21.74 ? 206 3QM A C46 1 
HETATM 1300 C  C47 . 3QM G 4 .   ? -11.399 3.366   -3.802  1.00 19.59 ? 206 3QM A C47 1 
HETATM 1301 C  C48 . 3QM G 4 .   ? -10.397 3.622   -2.889  1.00 20.11 ? 206 3QM A C48 1 
HETATM 1302 C  C49 . 3QM G 4 .   ? -9.251  2.847   -2.833  1.00 17.04 ? 206 3QM A C49 1 
HETATM 1303 C  C44 . 3QM G 4 .   ? -9.009  1.759   -3.679  1.00 17.11 ? 206 3QM A C44 1 
HETATM 1304 C  C43 . 3QM G 4 .   ? -7.810  1.036   -3.762  1.00 16.79 ? 206 3QM A C43 1 
HETATM 1305 C  C41 . 3QM G 4 .   ? -7.477  -0.078  -2.711  1.00 16.88 ? 206 3QM A C41 1 
HETATM 1306 C  C42 . 3QM G 4 .   ? -6.166  -0.786  -3.064  1.00 15.58 ? 206 3QM A C42 1 
HETATM 1307 N  N7  . 3QM G 4 .   ? -7.263  0.442   -1.374  1.00 16.47 ? 206 3QM A N7  1 
HETATM 1308 O  O1  . 3QM G 4 .   ? -6.736  1.558   -1.139  1.00 16.38 ? 206 3QM A O1  1 
HETATM 1309 C  C1  . GOL H 5 .   ? -13.647 5.657   -16.512 1.00 29.71 ? 207 GOL A C1  1 
HETATM 1310 O  O1  . GOL H 5 .   ? -12.416 6.182   -17.099 1.00 23.36 ? 207 GOL A O1  1 
HETATM 1311 C  C2  . GOL H 5 .   ? -13.266 4.567   -15.570 1.00 33.64 ? 207 GOL A C2  1 
HETATM 1312 O  O2  . GOL H 5 .   ? -13.468 5.241   -14.424 1.00 25.31 ? 207 GOL A O2  1 
HETATM 1313 C  C3  . GOL H 5 .   ? -13.949 3.211   -15.452 1.00 41.46 ? 207 GOL A C3  1 
HETATM 1314 O  O3  . GOL H 5 .   ? -13.033 2.176   -14.842 1.00 32.56 ? 207 GOL A O3  1 
HETATM 1315 C  C1  . GOL I 5 .   ? 8.924   -9.080  -12.850 1.00 52.26 ? 208 GOL A C1  1 
HETATM 1316 O  O1  . GOL I 5 .   ? 8.776   -7.828  -13.568 1.00 49.23 ? 208 GOL A O1  1 
HETATM 1317 C  C2  . GOL I 5 .   ? 7.792   -10.034 -13.180 1.00 50.42 ? 208 GOL A C2  1 
HETATM 1318 O  O2  . GOL I 5 .   ? 7.631   -10.160 -14.586 1.00 60.06 ? 208 GOL A O2  1 
HETATM 1319 C  C3  . GOL I 5 .   ? 8.114   -11.389 -12.634 1.00 58.51 ? 208 GOL A C3  1 
HETATM 1320 O  O3  . GOL I 5 .   ? 8.081   -11.336 -11.202 1.00 65.67 ? 208 GOL A O3  1 
HETATM 1321 C  C1  . GOL J 5 .   ? 19.637  4.278   0.113   1.00 25.55 ? 209 GOL A C1  1 
HETATM 1322 O  O1  . GOL J 5 .   ? 19.560  2.905   -0.210  1.00 18.04 ? 209 GOL A O1  1 
HETATM 1323 C  C2  . GOL J 5 .   ? 19.840  5.253   -1.093  1.00 27.72 ? 209 GOL A C2  1 
HETATM 1324 O  O2  . GOL J 5 .   ? 18.982  4.823   -2.126  1.00 16.96 ? 209 GOL A O2  1 
HETATM 1325 C  C3  . GOL J 5 .   ? 19.543  6.783   -0.827  1.00 25.81 ? 209 GOL A C3  1 
HETATM 1326 O  O3  . GOL J 5 .   ? 20.107  7.541   -1.968  1.00 25.74 ? 209 GOL A O3  1 
HETATM 1327 C  C1  . GOL K 5 .   ? -2.186  8.022   16.689  1.00 33.34 ? 210 GOL A C1  1 
HETATM 1328 O  O1  . GOL K 5 .   ? -2.183  8.281   15.263  1.00 23.14 ? 210 GOL A O1  1 
HETATM 1329 C  C2  . GOL K 5 .   ? -0.786  7.985   17.464  1.00 37.68 ? 210 GOL A C2  1 
HETATM 1330 O  O2  . GOL K 5 .   ? -0.405  9.080   18.336  1.00 40.13 ? 210 GOL A O2  1 
HETATM 1331 C  C3  . GOL K 5 .   ? -0.652  6.756   18.324  1.00 35.69 ? 210 GOL A C3  1 
HETATM 1332 O  O3  . GOL K 5 .   ? -0.077  5.619   17.732  1.00 26.83 ? 210 GOL A O3  1 
HETATM 1333 C  C1  . GOL L 5 .   ? 2.132   7.353   20.243  1.00 38.29 ? 211 GOL A C1  1 
HETATM 1334 O  O1  . GOL L 5 .   ? 1.318   8.452   20.620  1.00 45.40 ? 211 GOL A O1  1 
HETATM 1335 C  C2  . GOL L 5 .   ? 1.619   5.943   20.504  1.00 45.45 ? 211 GOL A C2  1 
HETATM 1336 O  O2  . GOL L 5 .   ? 1.991   5.223   19.334  1.00 45.99 ? 211 GOL A O2  1 
HETATM 1337 C  C3  . GOL L 5 .   ? 2.180   5.268   21.749  1.00 51.26 ? 211 GOL A C3  1 
HETATM 1338 O  O3  . GOL L 5 .   ? 2.226   3.847   21.590  1.00 59.33 ? 211 GOL A O3  1 
HETATM 1339 O  O   . HOH M 6 .   ? -12.621 4.216   13.371  1.00 27.59 ? 301 HOH A O   1 
HETATM 1340 O  O   . HOH M 6 .   ? -9.918  -0.098  17.573  1.00 26.88 ? 302 HOH A O   1 
HETATM 1341 O  O   . HOH M 6 .   ? 15.470  13.601  -4.139  1.00 30.08 ? 303 HOH A O   1 
HETATM 1342 O  O   . HOH M 6 .   ? 9.535   -6.893  -7.864  1.00 41.67 ? 304 HOH A O   1 
HETATM 1343 O  O   . HOH M 6 .   ? -11.030 -12.965 3.889   1.00 29.71 ? 305 HOH A O   1 
HETATM 1344 O  O   . HOH M 6 .   ? 3.934   -10.035 -5.491  1.00 25.79 ? 306 HOH A O   1 
HETATM 1345 O  O   . HOH M 6 .   ? -11.771 5.380   -7.263  1.00 27.92 ? 307 HOH A O   1 
HETATM 1346 O  O   . HOH M 6 .   ? -1.405  -2.528  -23.213 1.00 32.97 ? 308 HOH A O   1 
HETATM 1347 O  O   . HOH M 6 .   ? -4.426  -15.399 -3.498  1.00 33.82 ? 309 HOH A O   1 
HETATM 1348 O  O   . HOH M 6 .   ? 7.876   -8.227  4.219   1.00 19.90 ? 310 HOH A O   1 
HETATM 1349 O  O   . HOH M 6 .   ? -13.336 1.248   -17.135 1.00 41.53 ? 311 HOH A O   1 
HETATM 1350 O  O   . HOH M 6 .   ? 10.373  -6.061  10.182  1.00 28.89 ? 312 HOH A O   1 
HETATM 1351 O  O   . HOH M 6 .   ? -4.411  -6.607  19.977  1.00 36.28 ? 313 HOH A O   1 
HETATM 1352 O  O   . HOH M 6 .   ? -1.512  -14.657 -6.329  1.00 27.45 ? 314 HOH A O   1 
HETATM 1353 O  O   . HOH M 6 .   ? -3.122  -15.611 -8.952  1.00 35.82 ? 315 HOH A O   1 
HETATM 1354 O  O   . HOH M 6 .   ? -4.079  -13.667 4.721   1.00 20.24 ? 316 HOH A O   1 
HETATM 1355 O  O   . HOH M 6 .   ? 6.529   14.314  2.082   1.00 22.81 ? 317 HOH A O   1 
HETATM 1356 O  O   . HOH M 6 .   ? 8.952   1.798   -13.813 1.00 27.82 ? 318 HOH A O   1 
HETATM 1357 O  O   . HOH M 6 .   ? -0.876  9.282   -14.872 1.00 29.22 ? 319 HOH A O   1 
HETATM 1358 O  O   . HOH M 6 .   ? 0.240   10.592  16.372  1.00 34.42 ? 320 HOH A O   1 
HETATM 1359 O  O   . HOH M 6 .   ? -14.829 1.825   -13.037 1.00 35.29 ? 321 HOH A O   1 
HETATM 1360 O  O   . HOH M 6 .   ? -10.486 -5.448  -23.677 1.00 13.51 ? 322 HOH A O   1 
HETATM 1361 O  O   . HOH M 6 .   ? 0.565   2.580   -15.076 1.00 25.72 ? 323 HOH A O   1 
HETATM 1362 O  O   . HOH M 6 .   ? -9.132  7.203   14.217  1.00 21.35 ? 324 HOH A O   1 
HETATM 1363 O  O   . HOH M 6 .   ? -12.236 -1.562  -23.414 1.00 28.67 ? 325 HOH A O   1 
HETATM 1364 O  O   . HOH M 6 .   ? -14.280 3.420   11.341  1.00 21.56 ? 326 HOH A O   1 
HETATM 1365 O  O   . HOH M 6 .   ? 3.738   -2.686  16.842  1.00 29.26 ? 327 HOH A O   1 
HETATM 1366 O  O   . HOH M 6 .   ? -3.302  6.340   -9.194  1.00 19.96 ? 328 HOH A O   1 
HETATM 1367 O  O   . HOH M 6 .   ? -10.338 4.150   5.824   1.00 30.02 ? 329 HOH A O   1 
HETATM 1368 O  O   . HOH M 6 .   ? -4.063  -3.277  18.182  1.00 34.17 ? 330 HOH A O   1 
HETATM 1369 O  O   . HOH M 6 .   ? -14.557 -1.122  -6.058  1.00 34.03 ? 331 HOH A O   1 
HETATM 1370 O  O   . HOH M 6 .   ? 5.971   4.205   -15.053 1.00 23.40 ? 332 HOH A O   1 
HETATM 1371 O  O   . HOH M 6 .   ? 1.041   -4.822  16.743  1.00 31.69 ? 333 HOH A O   1 
HETATM 1372 O  O   . HOH M 6 .   ? -2.422  11.554  9.798   1.00 17.88 ? 334 HOH A O   1 
HETATM 1373 O  O   . HOH M 6 .   ? 12.275  13.971  5.561   1.00 27.79 ? 335 HOH A O   1 
HETATM 1374 O  O   . HOH M 6 .   ? -6.394  6.025   7.712   1.00 23.03 ? 336 HOH A O   1 
HETATM 1375 O  O   . HOH M 6 .   ? -10.220 -12.094 -4.315  1.00 23.99 ? 337 HOH A O   1 
HETATM 1376 O  O   . HOH M 6 .   ? -17.083 -3.851  -12.506 1.00 30.24 ? 338 HOH A O   1 
HETATM 1377 O  O   . HOH M 6 .   ? 3.279   -12.840 -0.709  1.00 33.13 ? 339 HOH A O   1 
HETATM 1378 O  O   . HOH M 6 .   ? 4.801   10.788  14.626  1.00 16.44 ? 340 HOH A O   1 
HETATM 1379 O  O   . HOH M 6 .   ? -16.181 -3.329  -0.385  1.00 33.02 ? 341 HOH A O   1 
HETATM 1380 O  O   . HOH M 6 .   ? 2.263   -9.724  6.649   1.00 16.87 ? 342 HOH A O   1 
HETATM 1381 O  O   . HOH M 6 .   ? 11.841  8.701   14.837  1.00 16.15 ? 343 HOH A O   1 
HETATM 1382 O  O   . HOH M 6 .   ? 18.734  6.605   13.313  1.00 16.63 ? 344 HOH A O   1 
HETATM 1383 O  O   . HOH M 6 .   ? -18.914 -11.278 7.328   1.00 38.49 ? 345 HOH A O   1 
HETATM 1384 O  O   . HOH M 6 .   ? 16.125  13.029  11.186  1.00 22.80 ? 346 HOH A O   1 
HETATM 1385 O  O   . HOH M 6 .   ? -11.519 -8.866  -15.261 1.00 30.39 ? 347 HOH A O   1 
HETATM 1386 O  O   . HOH M 6 .   ? 20.495  5.088   -4.559  1.00 16.36 ? 348 HOH A O   1 
HETATM 1387 O  O   . HOH M 6 .   ? 5.641   10.359  -12.786 1.00 15.68 ? 349 HOH A O   1 
HETATM 1388 O  O   . HOH M 6 .   ? -10.785 1.789   -18.946 1.00 23.07 ? 350 HOH A O   1 
HETATM 1389 O  O   . HOH M 6 .   ? 0.105   -8.691  14.410  1.00 16.70 ? 351 HOH A O   1 
HETATM 1390 O  O   . HOH M 6 .   ? 10.170  4.311   15.242  1.00 11.07 ? 352 HOH A O   1 
HETATM 1391 O  O   . HOH M 6 .   ? 22.763  7.374   -1.598  1.00 27.16 ? 353 HOH A O   1 
HETATM 1392 O  O   . HOH M 6 .   ? -14.674 -8.327  -17.750 1.00 26.13 ? 354 HOH A O   1 
HETATM 1393 O  O   . HOH M 6 .   ? 0.898   -12.904 0.342   1.00 24.90 ? 355 HOH A O   1 
HETATM 1394 O  O   . HOH M 6 .   ? 17.811  0.098   5.994   1.00 20.74 ? 356 HOH A O   1 
HETATM 1395 O  O   . HOH M 6 .   ? -2.335  0.190   15.656  1.00 22.54 ? 357 HOH A O   1 
HETATM 1396 O  O   . HOH M 6 .   ? -13.887 2.674   8.598   1.00 16.66 ? 358 HOH A O   1 
HETATM 1397 O  O   . HOH M 6 .   ? -14.587 3.226   0.419   1.00 30.68 ? 359 HOH A O   1 
HETATM 1398 O  O   . HOH M 6 .   ? 2.737   -1.334  -13.293 1.00 15.28 ? 360 HOH A O   1 
HETATM 1399 O  O   . HOH M 6 .   ? 6.925   12.848  9.444   1.00 19.04 ? 361 HOH A O   1 
HETATM 1400 O  O   . HOH M 6 .   ? 15.313  1.420   -12.707 1.00 20.29 ? 362 HOH A O   1 
HETATM 1401 O  O   . HOH M 6 .   ? 6.839   -5.532  2.633   1.00 15.19 ? 363 HOH A O   1 
HETATM 1402 O  O   . HOH M 6 .   ? -12.054 4.505   -19.207 1.00 30.80 ? 364 HOH A O   1 
HETATM 1403 O  O   . HOH M 6 .   ? -8.056  -10.276 -17.768 1.00 27.83 ? 365 HOH A O   1 
HETATM 1404 O  O   . HOH M 6 .   ? 0.266   11.840  8.836   1.00 12.42 ? 366 HOH A O   1 
HETATM 1405 O  O   . HOH M 6 .   ? -11.475 -7.100  20.560  1.00 22.87 ? 367 HOH A O   1 
HETATM 1406 O  O   . HOH M 6 .   ? -4.895  2.847   -22.187 1.00 22.20 ? 368 HOH A O   1 
HETATM 1407 O  O   . HOH M 6 .   ? 18.359  -3.845  2.877   1.00 29.50 ? 369 HOH A O   1 
HETATM 1408 O  O   . HOH M 6 .   ? 16.720  12.249  -1.303  1.00 35.12 ? 370 HOH A O   1 
HETATM 1409 O  O   . HOH M 6 .   ? 14.167  12.669  -1.310  1.00 26.13 ? 371 HOH A O   1 
HETATM 1410 O  O   . HOH M 6 .   ? 3.484   8.006   -14.278 1.00 28.99 ? 372 HOH A O   1 
HETATM 1411 O  O   . HOH M 6 .   ? 3.785   1.101   15.514  1.00 17.76 ? 373 HOH A O   1 
HETATM 1412 O  O   . HOH M 6 .   ? 16.063  -1.264  7.546   1.00 18.73 ? 374 HOH A O   1 
HETATM 1413 O  O   . HOH M 6 .   ? 0.024   14.018  -10.740 1.00 11.83 ? 375 HOH A O   1 
HETATM 1414 O  O   . HOH M 6 .   ? -9.820  -11.249 -11.443 1.00 31.01 ? 376 HOH A O   1 
HETATM 1415 O  O   . HOH M 6 .   ? 6.649   1.614   -12.642 1.00 23.58 ? 377 HOH A O   1 
HETATM 1416 O  O   . HOH M 6 .   ? -2.662  -2.661  16.139  1.00 17.50 ? 378 HOH A O   1 
HETATM 1417 O  O   . HOH M 6 .   ? 4.399   15.951  3.808   1.00 27.90 ? 379 HOH A O   1 
HETATM 1418 O  O   . HOH M 6 .   ? 1.362   14.007  -5.965  1.00 8.55  ? 380 HOH A O   1 
HETATM 1419 O  O   . HOH M 6 .   ? 1.520   10.890  0.208   1.00 10.31 ? 381 HOH A O   1 
HETATM 1420 O  O   . HOH M 6 .   ? -14.647 -6.051  -1.455  1.00 23.70 ? 382 HOH A O   1 
HETATM 1421 O  O   . HOH M 6 .   ? 15.429  6.897   0.382   1.00 10.49 ? 383 HOH A O   1 
HETATM 1422 O  O   . HOH M 6 .   ? 2.808   -4.032  -14.015 1.00 21.28 ? 384 HOH A O   1 
HETATM 1423 O  O   . HOH M 6 .   ? 18.468  8.090   6.571   1.00 16.87 ? 385 HOH A O   1 
HETATM 1424 O  O   . HOH M 6 .   ? 16.035  -0.242  -10.633 1.00 23.69 ? 386 HOH A O   1 
HETATM 1425 O  O   . HOH M 6 .   ? 8.826   13.110  2.561   1.00 25.96 ? 387 HOH A O   1 
HETATM 1426 O  O   . HOH M 6 .   ? 20.064  2.034   -6.836  1.00 26.12 ? 388 HOH A O   1 
HETATM 1427 O  O   . HOH M 6 .   ? 4.498   -8.023  9.416   1.00 26.18 ? 389 HOH A O   1 
HETATM 1428 O  O   . HOH M 6 .   ? 12.444  3.679   1.411   1.00 16.02 ? 390 HOH A O   1 
HETATM 1429 O  O   . HOH M 6 .   ? 3.921   4.482   10.378  1.00 10.26 ? 391 HOH A O   1 
HETATM 1430 O  O   . HOH M 6 .   ? -4.916  -8.425  18.360  1.00 21.43 ? 392 HOH A O   1 
HETATM 1431 O  O   . HOH M 6 .   ? -5.762  4.500   -14.378 1.00 16.41 ? 393 HOH A O   1 
HETATM 1432 O  O   . HOH M 6 .   ? -0.083  11.348  2.324   1.00 10.43 ? 394 HOH A O   1 
HETATM 1433 O  O   . HOH M 6 .   ? -5.145  1.201   15.380  1.00 34.55 ? 395 HOH A O   1 
HETATM 1434 O  O   . HOH M 6 .   ? -0.180  11.436  -13.489 1.00 24.22 ? 396 HOH A O   1 
HETATM 1435 O  O   . HOH M 6 .   ? 12.401  6.582   -13.323 1.00 8.94  ? 397 HOH A O   1 
HETATM 1436 O  O   . HOH M 6 .   ? 17.112  8.781   0.003   1.00 21.69 ? 398 HOH A O   1 
HETATM 1437 O  O   . HOH M 6 .   ? 1.911   10.163  -14.824 1.00 27.34 ? 399 HOH A O   1 
HETATM 1438 O  O   . HOH M 6 .   ? 12.672  4.046   -14.223 1.00 13.91 ? 400 HOH A O   1 
HETATM 1439 O  O   . HOH M 6 .   ? 1.694   -0.017  -15.624 1.00 22.91 ? 401 HOH A O   1 
HETATM 1440 O  O   . HOH M 6 .   ? -12.242 -14.409 10.009  1.00 32.66 ? 402 HOH A O   1 
HETATM 1441 O  O   . HOH M 6 .   ? 5.108   -9.201  1.357   1.00 32.11 ? 403 HOH A O   1 
HETATM 1442 O  O   . HOH M 6 .   ? 5.372   16.039  -11.389 1.00 13.36 ? 404 HOH A O   1 
HETATM 1443 O  O   . HOH M 6 .   ? 4.674   12.625  12.526  1.00 29.23 ? 405 HOH A O   1 
HETATM 1444 O  O   . HOH M 6 .   ? -2.091  9.742   -13.583 1.00 41.53 ? 406 HOH A O   1 
HETATM 1445 O  O   . HOH M 6 .   ? -15.576 2.032   3.559   1.00 31.68 ? 407 HOH A O   1 
HETATM 1446 O  O   . HOH M 6 .   ? -6.512  8.832   0.882   1.00 15.32 ? 408 HOH A O   1 
HETATM 1447 O  O   . HOH M 6 .   ? 16.170  0.917   -7.107  1.00 16.19 ? 409 HOH A O   1 
HETATM 1448 O  O   . HOH M 6 .   ? 2.139   -7.542  -6.177  1.00 17.05 ? 410 HOH A O   1 
HETATM 1449 O  O   . HOH M 6 .   ? -5.174  -10.785 11.366  1.00 36.09 ? 411 HOH A O   1 
HETATM 1450 O  O   . HOH M 6 .   ? 5.133   -9.691  7.295   1.00 24.73 ? 412 HOH A O   1 
HETATM 1451 O  O   . HOH M 6 .   ? 1.697   5.746   -14.702 1.00 23.15 ? 413 HOH A O   1 
HETATM 1452 O  O   . HOH M 6 .   ? -5.128  -8.898  -14.323 1.00 25.55 ? 414 HOH A O   1 
HETATM 1453 O  O   . HOH M 6 .   ? 11.473  -3.415  -9.932  1.00 15.91 ? 415 HOH A O   1 
HETATM 1454 O  O   . HOH M 6 .   ? -8.637  10.088  -5.291  1.00 15.07 ? 416 HOH A O   1 
HETATM 1455 O  O   . HOH M 6 .   ? 9.097   8.283   -11.210 1.00 9.44  ? 417 HOH A O   1 
HETATM 1456 O  O   . HOH M 6 .   ? 9.763   13.249  10.176  1.00 32.79 ? 418 HOH A O   1 
HETATM 1457 O  O   . HOH M 6 .   ? 8.922   -3.828  11.139  1.00 18.40 ? 419 HOH A O   1 
HETATM 1458 O  O   . HOH M 6 .   ? 14.530  8.557   -6.862  1.00 8.63  ? 420 HOH A O   1 
HETATM 1459 O  O   . HOH M 6 .   ? -4.120  7.279   6.627   1.00 13.34 ? 421 HOH A O   1 
HETATM 1460 O  O   . HOH M 6 .   ? -0.096  11.579  -1.861  1.00 11.80 ? 422 HOH A O   1 
HETATM 1461 O  O   . HOH M 6 .   ? 15.492  0.669   15.961  1.00 29.55 ? 423 HOH A O   1 
HETATM 1462 O  O   . HOH M 6 .   ? -13.315 -11.386 -22.612 1.00 18.95 ? 424 HOH A O   1 
HETATM 1463 O  O   . HOH M 6 .   ? 8.712   -6.605  -4.736  1.00 32.39 ? 425 HOH A O   1 
HETATM 1464 O  O   . HOH M 6 .   ? 15.997  7.915   -9.144  1.00 8.88  ? 426 HOH A O   1 
HETATM 1465 O  O   . HOH M 6 .   ? 4.164   1.581   9.502   1.00 17.61 ? 427 HOH A O   1 
HETATM 1466 O  O   . HOH M 6 .   ? 0.214   13.534  3.961   1.00 11.08 ? 428 HOH A O   1 
HETATM 1467 O  O   . HOH M 6 .   ? -6.535  7.418   -16.593 1.00 31.91 ? 429 HOH A O   1 
HETATM 1468 O  O   . HOH M 6 .   ? 19.346  0.349   9.873   1.00 29.02 ? 430 HOH A O   1 
HETATM 1469 O  O   . HOH M 6 .   ? -17.906 2.385   10.937  1.00 25.70 ? 431 HOH A O   1 
HETATM 1470 O  O   . HOH M 6 .   ? -10.862 6.628   -4.809  1.00 26.65 ? 432 HOH A O   1 
HETATM 1471 O  O   . HOH M 6 .   ? -16.474 6.215   14.752  1.00 22.84 ? 433 HOH A O   1 
HETATM 1472 O  O   . HOH M 6 .   ? 19.021  4.187   8.225   1.00 29.54 ? 434 HOH A O   1 
HETATM 1473 O  O   . HOH M 6 .   ? -16.360 -11.011 12.413  1.00 36.22 ? 435 HOH A O   1 
HETATM 1474 O  O   . HOH M 6 .   ? 8.664   2.169   14.444  1.00 12.32 ? 436 HOH A O   1 
HETATM 1475 O  O   . HOH M 6 .   ? 15.056  19.201  -2.418  1.00 29.24 ? 437 HOH A O   1 
HETATM 1476 O  O   . HOH M 6 .   ? 5.407   -4.987  -14.248 1.00 34.93 ? 438 HOH A O   1 
HETATM 1477 O  O   . HOH M 6 .   ? -0.132  0.697   16.340  1.00 30.26 ? 439 HOH A O   1 
HETATM 1478 O  O   . HOH M 6 .   ? 4.735   -7.238  -7.305  1.00 16.01 ? 440 HOH A O   1 
HETATM 1479 O  O   . HOH M 6 .   ? -10.471 -2.873  19.555  1.00 23.31 ? 441 HOH A O   1 
HETATM 1480 O  O   . HOH M 6 .   ? -3.366  9.371   -17.136 1.00 32.91 ? 442 HOH A O   1 
HETATM 1481 O  O   . HOH M 6 .   ? 16.221  -2.529  -11.861 1.00 32.65 ? 443 HOH A O   1 
HETATM 1482 O  O   . HOH M 6 .   ? 9.649   15.368  -5.817  0.33 8.30  ? 444 HOH A O   1 
HETATM 1483 O  O   . HOH M 6 .   ? -16.349 -12.691 14.385  1.00 28.55 ? 445 HOH A O   1 
HETATM 1484 O  O   . HOH M 6 .   ? 9.082   -2.611  -13.823 1.00 35.88 ? 446 HOH A O   1 
HETATM 1485 O  O   . HOH M 6 .   ? -7.826  8.809   11.088  1.00 34.67 ? 447 HOH A O   1 
HETATM 1486 O  O   . HOH M 6 .   ? 1.052   -9.216  9.172   1.00 28.76 ? 448 HOH A O   1 
HETATM 1487 O  O   . HOH M 6 .   ? 11.060  13.110  15.389  1.00 31.15 ? 449 HOH A O   1 
HETATM 1488 O  O   . HOH M 6 .   ? 17.471  9.855   4.541   1.00 23.90 ? 450 HOH A O   1 
HETATM 1489 O  O   . HOH M 6 .   ? -15.896 5.344   12.423  1.00 30.39 ? 451 HOH A O   1 
HETATM 1490 O  O   . HOH M 6 .   ? 18.720  -3.296  -8.317  1.00 18.75 ? 452 HOH A O   1 
HETATM 1491 O  O   . HOH M 6 .   ? 3.242   13.721  -14.539 1.00 33.33 ? 453 HOH A O   1 
HETATM 1492 O  O   . HOH M 6 .   ? 18.182  -4.230  -10.692 1.00 29.15 ? 454 HOH A O   1 
HETATM 1493 O  O   . HOH M 6 .   ? -1.967  -10.187 15.308  1.00 24.47 ? 455 HOH A O   1 
HETATM 1494 O  O   . HOH M 6 .   ? -5.541  10.168  3.146   1.00 29.09 ? 456 HOH A O   1 
HETATM 1495 O  O   . HOH M 6 .   ? -0.630  -3.495  17.790  1.00 34.05 ? 457 HOH A O   1 
HETATM 1496 O  O   . HOH M 6 .   ? -6.435  11.285  -1.087  1.00 28.51 ? 458 HOH A O   1 
HETATM 1497 O  O   . HOH M 6 .   ? -4.869  5.430   -21.421 1.00 29.31 ? 459 HOH A O   1 
HETATM 1498 O  O   . HOH M 6 .   ? 19.168  9.322   12.761  1.00 31.32 ? 460 HOH A O   1 
HETATM 1499 O  O   . HOH M 6 .   ? 7.240   -4.960  12.609  1.00 19.97 ? 461 HOH A O   1 
HETATM 1500 O  O   . HOH M 6 .   ? 18.116  10.507  10.572  1.00 25.72 ? 462 HOH A O   1 
HETATM 1501 O  O   . HOH M 6 .   ? -7.156  2.441   -23.949 1.00 35.11 ? 463 HOH A O   1 
HETATM 1502 O  O   . HOH M 6 .   ? 1.998   13.486  10.225  1.00 22.79 ? 464 HOH A O   1 
HETATM 1503 O  O   . HOH M 6 .   ? -4.241  7.852   18.715  1.00 38.33 ? 465 HOH A O   1 
HETATM 1504 O  O   . HOH M 6 .   ? 11.753  -3.666  -12.625 1.00 26.99 ? 466 HOH A O   1 
HETATM 1505 O  O   . HOH M 6 .   ? 8.133   5.981   -14.944 1.00 19.72 ? 467 HOH A O   1 
HETATM 1506 O  O   . HOH M 6 .   ? -11.602 7.011   13.169  1.00 26.76 ? 468 HOH A O   1 
HETATM 1507 O  O   . HOH M 6 .   ? 9.882   3.737   -15.010 1.00 28.39 ? 469 HOH A O   1 
HETATM 1508 O  O   . HOH M 6 .   ? 1.176   -7.756  16.837  1.00 28.15 ? 470 HOH A O   1 
HETATM 1509 O  O   . HOH M 6 .   ? -18.379 -5.943  -13.614 1.00 41.03 ? 471 HOH A O   1 
HETATM 1510 O  O   . HOH M 6 .   ? 5.841   13.249  -14.553 0.33 45.40 ? 472 HOH A O   1 
HETATM 1511 O  O   . HOH M 6 .   ? 18.049  12.438  6.291   1.00 36.36 ? 473 HOH A O   1 
HETATM 1512 O  O   . HOH M 6 .   ? 19.597  1.697   7.305   1.00 29.14 ? 474 HOH A O   1 
HETATM 1513 O  O   . HOH M 6 .   ? 2.911   11.442  16.517  1.00 24.38 ? 475 HOH A O   1 
HETATM 1514 O  O   . HOH M 6 .   ? 1.312   -10.314 12.749  1.00 34.95 ? 476 HOH A O   1 
HETATM 1515 O  O   . HOH M 6 .   ? 7.219   14.178  -12.072 0.33 14.21 ? 477 HOH A O   1 
HETATM 1516 O  O   . HOH M 6 .   ? 5.505   -0.736  -13.169 1.00 34.20 ? 478 HOH A O   1 
HETATM 1517 O  O   . HOH M 6 .   ? -2.453  2.174   -22.882 1.00 31.17 ? 479 HOH A O   1 
HETATM 1518 O  O   . HOH M 6 .   ? -2.766  -9.810  17.797  1.00 26.15 ? 480 HOH A O   1 
HETATM 1519 O  O   . HOH M 6 .   ? 18.467  9.788   1.964   1.00 28.43 ? 481 HOH A O   1 
HETATM 1520 O  O   . HOH M 6 .   ? -14.306 4.680   6.947   1.00 30.41 ? 482 HOH A O   1 
HETATM 1521 O  O   . HOH M 6 .   ? 23.835  9.501   -0.456  1.00 35.48 ? 483 HOH A O   1 
HETATM 1522 O  O   . HOH M 6 .   ? 18.677  -0.368  -9.160  1.00 30.46 ? 484 HOH A O   1 
HETATM 1523 O  O   . HOH M 6 .   ? 2.630   13.934  12.717  1.00 35.99 ? 485 HOH A O   1 
HETATM 1524 O  O   . HOH M 6 .   ? -5.303  9.619   5.748   1.00 33.41 ? 486 HOH A O   1 
HETATM 1525 O  O   . HOH M 6 .   ? -0.307  13.416  6.715   1.00 15.15 ? 487 HOH A O   1 
HETATM 1526 O  O   . HOH M 6 .   ? -6.535  11.849  -9.479  1.00 33.54 ? 488 HOH A O   1 
HETATM 1527 O  O   . HOH M 6 .   ? -7.911  12.008  -7.004  1.00 18.04 ? 489 HOH A O   1 
HETATM 1528 O  O   . HOH M 6 .   ? 19.143  10.344  8.116   1.00 24.24 ? 490 HOH A O   1 
HETATM 1529 O  O   . HOH M 6 .   ? -16.251 8.997   14.621  1.00 26.39 ? 491 HOH A O   1 
HETATM 1530 O  O   . HOH M 6 .   ? 6.994   14.027  7.057   1.00 29.18 ? 492 HOH A O   1 
# 
loop_
_pdbx_poly_seq_scheme.asym_id 
_pdbx_poly_seq_scheme.entity_id 
_pdbx_poly_seq_scheme.seq_id 
_pdbx_poly_seq_scheme.mon_id 
_pdbx_poly_seq_scheme.ndb_seq_num 
_pdbx_poly_seq_scheme.pdb_seq_num 
_pdbx_poly_seq_scheme.auth_seq_num 
_pdbx_poly_seq_scheme.pdb_mon_id 
_pdbx_poly_seq_scheme.auth_mon_id 
_pdbx_poly_seq_scheme.pdb_strand_id 
_pdbx_poly_seq_scheme.pdb_ins_code 
_pdbx_poly_seq_scheme.hetero 
A 1 1   VAL 1   1   1   VAL VAL A . n 
A 1 2   LEU 2   2   2   LEU LEU A . n 
A 1 3   SER 3   3   3   SER SER A . n 
A 1 4   GLU 4   4   4   GLU GLU A . n 
A 1 5   GLY 5   5   5   GLY GLY A . n 
A 1 6   GLU 6   6   6   GLU GLU A . n 
A 1 7   TRP 7   7   7   TRP TRP A . n 
A 1 8   GLN 8   8   8   GLN GLN A . n 
A 1 9   LEU 9   9   9   LEU LEU A . n 
A 1 10  VAL 10  10  10  VAL VAL A . n 
A 1 11  LEU 11  11  11  LEU LEU A . n 
A 1 12  HIS 12  12  12  HIS HIS A . n 
A 1 13  VAL 13  13  13  VAL VAL A . n 
A 1 14  TRP 14  14  14  TRP TRP A . n 
A 1 15  ALA 15  15  15  ALA ALA A . n 
A 1 16  LYS 16  16  16  LYS LYS A . n 
A 1 17  VAL 17  17  17  VAL VAL A . n 
A 1 18  GLU 18  18  18  GLU GLU A . n 
A 1 19  ALA 19  19  19  ALA ALA A . n 
A 1 20  ASP 20  20  20  ASP ASP A . n 
A 1 21  VAL 21  21  21  VAL VAL A . n 
A 1 22  ALA 22  22  22  ALA ALA A . n 
A 1 23  GLY 23  23  23  GLY GLY A . n 
A 1 24  HIS 24  24  24  HIS HIS A . n 
A 1 25  GLY 25  25  25  GLY GLY A . n 
A 1 26  GLN 26  26  26  GLN GLN A . n 
A 1 27  ASP 27  27  27  ASP ASP A . n 
A 1 28  ILE 28  28  28  ILE ILE A . n 
A 1 29  LEU 29  29  29  LEU LEU A . n 
A 1 30  ILE 30  30  30  ILE ILE A . n 
A 1 31  ARG 31  31  31  ARG ARG A . n 
A 1 32  LEU 32  32  32  LEU LEU A . n 
A 1 33  PHE 33  33  33  PHE PHE A . n 
A 1 34  LYS 34  34  34  LYS LYS A . n 
A 1 35  SER 35  35  35  SER SER A . n 
A 1 36  HIS 36  36  36  HIS HIS A . n 
A 1 37  PRO 37  37  37  PRO PRO A . n 
A 1 38  GLU 38  38  38  GLU GLU A . n 
A 1 39  THR 39  39  39  THR THR A . n 
A 1 40  LEU 40  40  40  LEU LEU A . n 
A 1 41  GLU 41  41  41  GLU GLU A . n 
A 1 42  LYS 42  42  42  LYS LYS A . n 
A 1 43  PHE 43  43  43  PHE PHE A . n 
A 1 44  ASP 44  44  44  ASP ASP A . n 
A 1 45  ARG 45  45  45  ARG ARG A . n 
A 1 46  PHE 46  46  46  PHE PHE A . n 
A 1 47  LYS 47  47  47  LYS LYS A . n 
A 1 48  HIS 48  48  48  HIS HIS A . n 
A 1 49  LEU 49  49  49  LEU LEU A . n 
A 1 50  LYS 50  50  50  LYS LYS A . n 
A 1 51  THR 51  51  51  THR THR A . n 
A 1 52  GLU 52  52  52  GLU GLU A . n 
A 1 53  ALA 53  53  53  ALA ALA A . n 
A 1 54  GLU 54  54  54  GLU GLU A . n 
A 1 55  MET 55  55  55  MET MET A . n 
A 1 56  LYS 56  56  56  LYS LYS A . n 
A 1 57  ALA 57  57  57  ALA ALA A . n 
A 1 58  SER 58  58  58  SER SER A . n 
A 1 59  GLU 59  59  59  GLU GLU A . n 
A 1 60  ASP 60  60  60  ASP ASP A . n 
A 1 61  LEU 61  61  61  LEU LEU A . n 
A 1 62  LYS 62  62  62  LYS LYS A . n 
A 1 63  LYS 63  63  63  LYS LYS A . n 
A 1 64  ALA 64  64  64  ALA ALA A . n 
A 1 65  GLY 65  65  65  GLY GLY A . n 
A 1 66  VAL 66  66  66  VAL VAL A . n 
A 1 67  THR 67  67  67  THR THR A . n 
A 1 68  VAL 68  68  68  VAL VAL A . n 
A 1 69  LEU 69  69  69  LEU LEU A . n 
A 1 70  THR 70  70  70  THR THR A . n 
A 1 71  ALA 71  71  71  ALA ALA A . n 
A 1 72  LEU 72  72  72  LEU LEU A . n 
A 1 73  GLY 73  73  73  GLY GLY A . n 
A 1 74  ALA 74  74  74  ALA ALA A . n 
A 1 75  ILE 75  75  75  ILE ILE A . n 
A 1 76  LEU 76  76  76  LEU LEU A . n 
A 1 77  LYS 77  77  77  LYS LYS A . n 
A 1 78  LYS 78  78  78  LYS LYS A . n 
A 1 79  LYS 79  79  79  LYS LYS A . n 
A 1 80  GLY 80  80  80  GLY GLY A . n 
A 1 81  HIS 81  81  81  HIS HIS A . n 
A 1 82  HIS 82  82  82  HIS HIS A . n 
A 1 83  GLU 83  83  83  GLU GLU A . n 
A 1 84  ALA 84  84  84  ALA ALA A . n 
A 1 85  GLU 85  85  85  GLU GLU A . n 
A 1 86  LEU 86  86  86  LEU LEU A . n 
A 1 87  LYS 87  87  87  LYS LYS A . n 
A 1 88  PRO 88  88  88  PRO PRO A . n 
A 1 89  LEU 89  89  89  LEU LEU A . n 
A 1 90  ALA 90  90  90  ALA ALA A . n 
A 1 91  GLN 91  91  91  GLN GLN A . n 
A 1 92  SER 92  92  92  SER SER A . n 
A 1 93  HIS 93  93  93  HIS HIS A . n 
A 1 94  ALA 94  94  94  ALA ALA A . n 
A 1 95  THR 95  95  95  THR THR A . n 
A 1 96  LYS 96  96  96  LYS LYS A . n 
A 1 97  HIS 97  97  97  HIS HIS A . n 
A 1 98  LYS 98  98  98  LYS LYS A . n 
A 1 99  ILE 99  99  99  ILE ILE A . n 
A 1 100 PRO 100 100 100 PRO PRO A . n 
A 1 101 ILE 101 101 101 ILE ILE A . n 
A 1 102 LYS 102 102 102 LYS LYS A . n 
A 1 103 TYR 103 103 103 TYR TYR A . n 
A 1 104 LEU 104 104 104 LEU LEU A . n 
A 1 105 GLU 105 105 105 GLU GLU A . n 
A 1 106 PHE 106 106 106 PHE PHE A . n 
A 1 107 ILE 107 107 107 ILE ILE A . n 
A 1 108 SER 108 108 108 SER SER A . n 
A 1 109 GLU 109 109 109 GLU GLU A . n 
A 1 110 ALA 110 110 110 ALA ALA A . n 
A 1 111 ILE 111 111 111 ILE ILE A . n 
A 1 112 ILE 112 112 112 ILE ILE A . n 
A 1 113 HIS 113 113 113 HIS HIS A . n 
A 1 114 VAL 114 114 114 VAL VAL A . n 
A 1 115 LEU 115 115 115 LEU LEU A . n 
A 1 116 HIS 116 116 116 HIS HIS A . n 
A 1 117 SER 117 117 117 SER SER A . n 
A 1 118 ARG 118 118 118 ARG ARG A . n 
A 1 119 HIS 119 119 119 HIS HIS A . n 
A 1 120 PRO 120 120 120 PRO PRO A . n 
A 1 121 GLY 121 121 121 GLY GLY A . n 
A 1 122 ASN 122 122 122 ASN ASN A . n 
A 1 123 PHE 123 123 123 PHE PHE A . n 
A 1 124 GLY 124 124 124 GLY GLY A . n 
A 1 125 ALA 125 125 125 ALA ALA A . n 
A 1 126 ASP 126 126 126 ASP ASP A . n 
A 1 127 ALA 127 127 127 ALA ALA A . n 
A 1 128 GLN 128 128 128 GLN GLN A . n 
A 1 129 GLY 129 129 129 GLY GLY A . n 
A 1 130 ALA 130 130 130 ALA ALA A . n 
A 1 131 MET 131 131 131 MET MET A . n 
A 1 132 ASN 132 132 132 ASN ASN A . n 
A 1 133 LYS 133 133 133 LYS LYS A . n 
A 1 134 ALA 134 134 134 ALA ALA A . n 
A 1 135 LEU 135 135 135 LEU LEU A . n 
A 1 136 GLU 136 136 136 GLU GLU A . n 
A 1 137 LEU 137 137 137 LEU LEU A . n 
A 1 138 PHE 138 138 138 PHE PHE A . n 
A 1 139 ARG 139 139 139 ARG ARG A . n 
A 1 140 LYS 140 140 140 LYS LYS A . n 
A 1 141 ASP 141 141 141 ASP ASP A . n 
A 1 142 ILE 142 142 142 ILE ILE A . n 
A 1 143 ALA 143 143 143 ALA ALA A . n 
A 1 144 ALA 144 144 144 ALA ALA A . n 
A 1 145 LYS 145 145 145 LYS LYS A . n 
A 1 146 TYR 146 146 146 TYR TYR A . n 
A 1 147 LYS 147 147 147 LYS LYS A . n 
A 1 148 GLU 148 148 148 GLU GLU A . n 
A 1 149 LEU 149 149 149 LEU LEU A . n 
A 1 150 GLY 150 150 150 GLY GLY A . n 
A 1 151 TYR 151 151 151 TYR TYR A . n 
A 1 152 GLN 152 152 152 GLN GLN A . n 
A 1 153 GLY 153 153 153 GLY GLY A . n 
# 
loop_
_pdbx_nonpoly_scheme.asym_id 
_pdbx_nonpoly_scheme.entity_id 
_pdbx_nonpoly_scheme.mon_id 
_pdbx_nonpoly_scheme.ndb_seq_num 
_pdbx_nonpoly_scheme.pdb_seq_num 
_pdbx_nonpoly_scheme.auth_seq_num 
_pdbx_nonpoly_scheme.pdb_mon_id 
_pdbx_nonpoly_scheme.auth_mon_id 
_pdbx_nonpoly_scheme.pdb_strand_id 
_pdbx_nonpoly_scheme.pdb_ins_code 
B 2 HEM 1   201 201 HEM HEM A . 
C 3 SO4 1   202 202 SO4 SO4 A . 
D 3 SO4 1   203 203 SO4 SO4 A . 
E 3 SO4 1   204 204 SO4 SO4 A . 
F 3 SO4 1   205 205 SO4 SO4 A . 
G 4 3QM 1   206 206 3QM 3QM A . 
H 5 GOL 1   207 207 GOL GOL A . 
I 5 GOL 1   208 208 GOL GOL A . 
J 5 GOL 1   209 209 GOL GOL A . 
K 5 GOL 1   210 210 GOL GOL A . 
L 5 GOL 1   211 211 GOL GOL A . 
M 6 HOH 1   301 301 HOH HOH A . 
M 6 HOH 2   302 302 HOH HOH A . 
M 6 HOH 3   303 303 HOH HOH A . 
M 6 HOH 4   304 304 HOH HOH A . 
M 6 HOH 5   305 305 HOH HOH A . 
M 6 HOH 6   306 306 HOH HOH A . 
M 6 HOH 7   307 307 HOH HOH A . 
M 6 HOH 8   308 308 HOH HOH A . 
M 6 HOH 9   309 309 HOH HOH A . 
M 6 HOH 10  310 310 HOH HOH A . 
M 6 HOH 11  311 311 HOH HOH A . 
M 6 HOH 12  312 312 HOH HOH A . 
M 6 HOH 13  313 313 HOH HOH A . 
M 6 HOH 14  314 314 HOH HOH A . 
M 6 HOH 15  315 315 HOH HOH A . 
M 6 HOH 16  316 316 HOH HOH A . 
M 6 HOH 17  317 317 HOH HOH A . 
M 6 HOH 18  318 318 HOH HOH A . 
M 6 HOH 19  319 319 HOH HOH A . 
M 6 HOH 20  320 320 HOH HOH A . 
M 6 HOH 21  321 321 HOH HOH A . 
M 6 HOH 22  322 322 HOH HOH A . 
M 6 HOH 23  323 323 HOH HOH A . 
M 6 HOH 24  324 324 HOH HOH A . 
M 6 HOH 25  325 325 HOH HOH A . 
M 6 HOH 26  326 326 HOH HOH A . 
M 6 HOH 27  327 327 HOH HOH A . 
M 6 HOH 28  328 328 HOH HOH A . 
M 6 HOH 29  329 329 HOH HOH A . 
M 6 HOH 30  330 330 HOH HOH A . 
M 6 HOH 31  331 331 HOH HOH A . 
M 6 HOH 32  332 332 HOH HOH A . 
M 6 HOH 33  333 333 HOH HOH A . 
M 6 HOH 34  334 334 HOH HOH A . 
M 6 HOH 35  335 335 HOH HOH A . 
M 6 HOH 36  336 336 HOH HOH A . 
M 6 HOH 37  337 337 HOH HOH A . 
M 6 HOH 38  338 338 HOH HOH A . 
M 6 HOH 39  339 339 HOH HOH A . 
M 6 HOH 40  340 340 HOH HOH A . 
M 6 HOH 41  341 341 HOH HOH A . 
M 6 HOH 42  342 342 HOH HOH A . 
M 6 HOH 43  343 343 HOH HOH A . 
M 6 HOH 44  344 344 HOH HOH A . 
M 6 HOH 45  345 345 HOH HOH A . 
M 6 HOH 46  346 346 HOH HOH A . 
M 6 HOH 47  347 347 HOH HOH A . 
M 6 HOH 48  348 348 HOH HOH A . 
M 6 HOH 49  349 349 HOH HOH A . 
M 6 HOH 50  350 350 HOH HOH A . 
M 6 HOH 51  351 351 HOH HOH A . 
M 6 HOH 52  352 352 HOH HOH A . 
M 6 HOH 53  353 353 HOH HOH A . 
M 6 HOH 54  354 354 HOH HOH A . 
M 6 HOH 55  355 355 HOH HOH A . 
M 6 HOH 56  356 356 HOH HOH A . 
M 6 HOH 57  357 357 HOH HOH A . 
M 6 HOH 58  358 358 HOH HOH A . 
M 6 HOH 59  359 359 HOH HOH A . 
M 6 HOH 60  360 360 HOH HOH A . 
M 6 HOH 61  361 361 HOH HOH A . 
M 6 HOH 62  362 362 HOH HOH A . 
M 6 HOH 63  363 363 HOH HOH A . 
M 6 HOH 64  364 364 HOH HOH A . 
M 6 HOH 65  365 365 HOH HOH A . 
M 6 HOH 66  366 366 HOH HOH A . 
M 6 HOH 67  367 367 HOH HOH A . 
M 6 HOH 68  368 368 HOH HOH A . 
M 6 HOH 69  369 369 HOH HOH A . 
M 6 HOH 70  370 370 HOH HOH A . 
M 6 HOH 71  371 371 HOH HOH A . 
M 6 HOH 72  372 372 HOH HOH A . 
M 6 HOH 73  373 373 HOH HOH A . 
M 6 HOH 74  374 374 HOH HOH A . 
M 6 HOH 75  375 375 HOH HOH A . 
M 6 HOH 76  376 376 HOH HOH A . 
M 6 HOH 77  377 377 HOH HOH A . 
M 6 HOH 78  378 378 HOH HOH A . 
M 6 HOH 79  379 379 HOH HOH A . 
M 6 HOH 80  380 380 HOH HOH A . 
M 6 HOH 81  381 381 HOH HOH A . 
M 6 HOH 82  382 382 HOH HOH A . 
M 6 HOH 83  383 383 HOH HOH A . 
M 6 HOH 84  384 384 HOH HOH A . 
M 6 HOH 85  385 385 HOH HOH A . 
M 6 HOH 86  386 386 HOH HOH A . 
M 6 HOH 87  387 388 HOH HOH A . 
M 6 HOH 88  388 387 HOH HOH A . 
M 6 HOH 89  389 389 HOH HOH A . 
M 6 HOH 90  390 390 HOH HOH A . 
M 6 HOH 91  391 391 HOH HOH A . 
M 6 HOH 92  392 392 HOH HOH A . 
M 6 HOH 93  393 393 HOH HOH A . 
M 6 HOH 94  394 394 HOH HOH A . 
M 6 HOH 95  395 395 HOH HOH A . 
M 6 HOH 96  396 396 HOH HOH A . 
M 6 HOH 97  397 397 HOH HOH A . 
M 6 HOH 98  398 398 HOH HOH A . 
M 6 HOH 99  399 399 HOH HOH A . 
M 6 HOH 100 400 400 HOH HOH A . 
M 6 HOH 101 401 401 HOH HOH A . 
M 6 HOH 102 402 402 HOH HOH A . 
M 6 HOH 103 403 403 HOH HOH A . 
M 6 HOH 104 404 404 HOH HOH A . 
M 6 HOH 105 405 405 HOH HOH A . 
M 6 HOH 106 406 406 HOH HOH A . 
M 6 HOH 107 407 407 HOH HOH A . 
M 6 HOH 108 408 408 HOH HOH A . 
M 6 HOH 109 409 409 HOH HOH A . 
M 6 HOH 110 410 410 HOH HOH A . 
M 6 HOH 111 411 411 HOH HOH A . 
M 6 HOH 112 412 412 HOH HOH A . 
M 6 HOH 113 413 413 HOH HOH A . 
M 6 HOH 114 414 414 HOH HOH A . 
M 6 HOH 115 415 415 HOH HOH A . 
M 6 HOH 116 416 416 HOH HOH A . 
M 6 HOH 117 417 417 HOH HOH A . 
M 6 HOH 118 418 418 HOH HOH A . 
M 6 HOH 119 419 419 HOH HOH A . 
M 6 HOH 120 420 420 HOH HOH A . 
M 6 HOH 121 421 421 HOH HOH A . 
M 6 HOH 122 422 422 HOH HOH A . 
M 6 HOH 123 423 423 HOH HOH A . 
M 6 HOH 124 424 424 HOH HOH A . 
M 6 HOH 125 425 425 HOH HOH A . 
M 6 HOH 126 426 426 HOH HOH A . 
M 6 HOH 127 427 427 HOH HOH A . 
M 6 HOH 128 428 428 HOH HOH A . 
M 6 HOH 129 429 429 HOH HOH A . 
M 6 HOH 130 430 430 HOH HOH A . 
M 6 HOH 131 431 431 HOH HOH A . 
M 6 HOH 132 432 432 HOH HOH A . 
M 6 HOH 133 433 433 HOH HOH A . 
M 6 HOH 134 434 434 HOH HOH A . 
M 6 HOH 135 435 435 HOH HOH A . 
M 6 HOH 136 436 436 HOH HOH A . 
M 6 HOH 137 437 437 HOH HOH A . 
M 6 HOH 138 438 438 HOH HOH A . 
M 6 HOH 139 439 439 HOH HOH A . 
M 6 HOH 140 440 440 HOH HOH A . 
M 6 HOH 141 441 441 HOH HOH A . 
M 6 HOH 142 442 442 HOH HOH A . 
M 6 HOH 143 443 443 HOH HOH A . 
M 6 HOH 144 444 444 HOH HOH A . 
M 6 HOH 145 445 445 HOH HOH A . 
M 6 HOH 146 446 446 HOH HOH A . 
M 6 HOH 147 447 447 HOH HOH A . 
M 6 HOH 148 448 448 HOH HOH A . 
M 6 HOH 149 449 449 HOH HOH A . 
M 6 HOH 150 450 450 HOH HOH A . 
M 6 HOH 151 451 451 HOH HOH A . 
M 6 HOH 152 452 452 HOH HOH A . 
M 6 HOH 153 453 453 HOH HOH A . 
M 6 HOH 154 454 454 HOH HOH A . 
M 6 HOH 155 455 455 HOH HOH A . 
M 6 HOH 156 456 456 HOH HOH A . 
M 6 HOH 157 457 457 HOH HOH A . 
M 6 HOH 158 458 458 HOH HOH A . 
M 6 HOH 159 459 459 HOH HOH A . 
M 6 HOH 160 460 460 HOH HOH A . 
M 6 HOH 161 461 461 HOH HOH A . 
M 6 HOH 162 462 462 HOH HOH A . 
M 6 HOH 163 463 463 HOH HOH A . 
M 6 HOH 164 464 464 HOH HOH A . 
M 6 HOH 165 465 465 HOH HOH A . 
M 6 HOH 166 466 466 HOH HOH A . 
M 6 HOH 167 467 467 HOH HOH A . 
M 6 HOH 168 468 468 HOH HOH A . 
M 6 HOH 169 469 469 HOH HOH A . 
M 6 HOH 170 470 470 HOH HOH A . 
M 6 HOH 171 471 471 HOH HOH A . 
M 6 HOH 172 472 472 HOH HOH A . 
M 6 HOH 173 473 473 HOH HOH A . 
M 6 HOH 174 474 474 HOH HOH A . 
M 6 HOH 175 475 475 HOH HOH A . 
M 6 HOH 176 476 476 HOH HOH A . 
M 6 HOH 177 477 477 HOH HOH A . 
M 6 HOH 178 478 478 HOH HOH A . 
M 6 HOH 179 479 479 HOH HOH A . 
M 6 HOH 180 480 480 HOH HOH A . 
M 6 HOH 181 481 481 HOH HOH A . 
M 6 HOH 182 482 482 HOH HOH A . 
M 6 HOH 183 483 483 HOH HOH A . 
M 6 HOH 184 484 484 HOH HOH A . 
M 6 HOH 185 485 485 HOH HOH A . 
M 6 HOH 186 486 486 HOH HOH A . 
M 6 HOH 187 487 487 HOH HOH A . 
M 6 HOH 188 488 488 HOH HOH A . 
M 6 HOH 189 489 489 HOH HOH A . 
M 6 HOH 190 490 490 HOH HOH A . 
M 6 HOH 191 491 491 HOH HOH A . 
M 6 HOH 192 492 492 HOH HOH A . 
# 
loop_
_pdbx_struct_assembly.id 
_pdbx_struct_assembly.details 
_pdbx_struct_assembly.method_details 
_pdbx_struct_assembly.oligomeric_details 
_pdbx_struct_assembly.oligomeric_count 
1 author_defined_assembly   ?    monomeric 1 
2 software_defined_assembly PISA trimeric  3 
# 
loop_
_pdbx_struct_assembly_gen.assembly_id 
_pdbx_struct_assembly_gen.oper_expression 
_pdbx_struct_assembly_gen.asym_id_list 
1 1     A,B,C,D,E,F,G,H,I,J,K,L,M 
2 1,2,3 A,B,C,D,E,F,G,H,I,J,K,L,M 
# 
loop_
_pdbx_struct_assembly_prop.biol_id 
_pdbx_struct_assembly_prop.type 
_pdbx_struct_assembly_prop.value 
_pdbx_struct_assembly_prop.details 
2 'ABSA (A^2)' 10010 ? 
2 MORE         -243  ? 
2 'SSA (A^2)'  22340 ? 
# 
loop_
_pdbx_struct_oper_list.id 
_pdbx_struct_oper_list.type 
_pdbx_struct_oper_list.name 
_pdbx_struct_oper_list.symmetry_operation 
_pdbx_struct_oper_list.matrix[1][1] 
_pdbx_struct_oper_list.matrix[1][2] 
_pdbx_struct_oper_list.matrix[1][3] 
_pdbx_struct_oper_list.vector[1] 
_pdbx_struct_oper_list.matrix[2][1] 
_pdbx_struct_oper_list.matrix[2][2] 
_pdbx_struct_oper_list.matrix[2][3] 
_pdbx_struct_oper_list.vector[2] 
_pdbx_struct_oper_list.matrix[3][1] 
_pdbx_struct_oper_list.matrix[3][2] 
_pdbx_struct_oper_list.matrix[3][3] 
_pdbx_struct_oper_list.vector[3] 
1 'identity operation'         1_555 x,y,z         1.0000000000  0.0000000000  0.0000000000 0.0000000000  0.0000000000  1.0000000000  0.0000000000  0.0000000000  0.0000000000 0.0000000000  1.0000000000 0.0000000000   
2 'crystal symmetry operation' 2_755 -y+2,x-y,z    -0.2124226352 -0.5593113696 0.8012786131 26.3895638215 0.9224385628  -0.3853687959 -0.0244538146 12.6789864904 0.3224650708 0.7339357486  0.5977914311 -17.6038072570 
3 'crystal symmetry operation' 3_775 -x+y+2,-x+2,z -0.2124226352 0.9224385628  0.3224650708 -0.4132324306 -0.5593113696 -0.3853687959 0.7339357486  32.5661322956 0.8012786131 -0.0244538146 0.5977914311 -10.3119383823 
# 
loop_
_pdbx_struct_special_symmetry.id 
_pdbx_struct_special_symmetry.PDB_model_num 
_pdbx_struct_special_symmetry.auth_asym_id 
_pdbx_struct_special_symmetry.auth_comp_id 
_pdbx_struct_special_symmetry.auth_seq_id 
_pdbx_struct_special_symmetry.PDB_ins_code 
_pdbx_struct_special_symmetry.label_asym_id 
_pdbx_struct_special_symmetry.label_comp_id 
_pdbx_struct_special_symmetry.label_seq_id 
1 1 A SO4 203 ? D SO4 . 
2 1 A SO4 203 ? D SO4 . 
3 1 A HOH 472 ? M HOH . 
4 1 A HOH 477 ? M HOH . 
# 
loop_
_pdbx_struct_conn_angle.id 
_pdbx_struct_conn_angle.ptnr1_label_atom_id 
_pdbx_struct_conn_angle.ptnr1_label_alt_id 
_pdbx_struct_conn_angle.ptnr1_label_asym_id 
_pdbx_struct_conn_angle.ptnr1_label_comp_id 
_pdbx_struct_conn_angle.ptnr1_label_seq_id 
_pdbx_struct_conn_angle.ptnr1_auth_atom_id 
_pdbx_struct_conn_angle.ptnr1_auth_asym_id 
_pdbx_struct_conn_angle.ptnr1_auth_comp_id 
_pdbx_struct_conn_angle.ptnr1_auth_seq_id 
_pdbx_struct_conn_angle.ptnr1_PDB_ins_code 
_pdbx_struct_conn_angle.ptnr1_symmetry 
_pdbx_struct_conn_angle.ptnr2_label_atom_id 
_pdbx_struct_conn_angle.ptnr2_label_alt_id 
_pdbx_struct_conn_angle.ptnr2_label_asym_id 
_pdbx_struct_conn_angle.ptnr2_label_comp_id 
_pdbx_struct_conn_angle.ptnr2_label_seq_id 
_pdbx_struct_conn_angle.ptnr2_auth_atom_id 
_pdbx_struct_conn_angle.ptnr2_auth_asym_id 
_pdbx_struct_conn_angle.ptnr2_auth_comp_id 
_pdbx_struct_conn_angle.ptnr2_auth_seq_id 
_pdbx_struct_conn_angle.ptnr2_PDB_ins_code 
_pdbx_struct_conn_angle.ptnr2_symmetry 
_pdbx_struct_conn_angle.ptnr3_label_atom_id 
_pdbx_struct_conn_angle.ptnr3_label_alt_id 
_pdbx_struct_conn_angle.ptnr3_label_asym_id 
_pdbx_struct_conn_angle.ptnr3_label_comp_id 
_pdbx_struct_conn_angle.ptnr3_label_seq_id 
_pdbx_struct_conn_angle.ptnr3_auth_atom_id 
_pdbx_struct_conn_angle.ptnr3_auth_asym_id 
_pdbx_struct_conn_angle.ptnr3_auth_comp_id 
_pdbx_struct_conn_angle.ptnr3_auth_seq_id 
_pdbx_struct_conn_angle.ptnr3_PDB_ins_code 
_pdbx_struct_conn_angle.ptnr3_symmetry 
_pdbx_struct_conn_angle.value 
_pdbx_struct_conn_angle.value_esd 
1  NE2 ? A HIS 93 ? A HIS 93  ? 1_555 FE ? B HEM . ? A HEM 201 ? 1_555 NA ? B HEM . ? A HEM 201 ? 1_555 90.0  ? 
2  NE2 ? A HIS 93 ? A HIS 93  ? 1_555 FE ? B HEM . ? A HEM 201 ? 1_555 NB ? B HEM . ? A HEM 201 ? 1_555 89.3  ? 
3  NA  ? B HEM .  ? A HEM 201 ? 1_555 FE ? B HEM . ? A HEM 201 ? 1_555 NB ? B HEM . ? A HEM 201 ? 1_555 90.2  ? 
4  NE2 ? A HIS 93 ? A HIS 93  ? 1_555 FE ? B HEM . ? A HEM 201 ? 1_555 NC ? B HEM . ? A HEM 201 ? 1_555 89.2  ? 
5  NA  ? B HEM .  ? A HEM 201 ? 1_555 FE ? B HEM . ? A HEM 201 ? 1_555 NC ? B HEM . ? A HEM 201 ? 1_555 179.1 ? 
6  NB  ? B HEM .  ? A HEM 201 ? 1_555 FE ? B HEM . ? A HEM 201 ? 1_555 NC ? B HEM . ? A HEM 201 ? 1_555 90.2  ? 
7  NE2 ? A HIS 93 ? A HIS 93  ? 1_555 FE ? B HEM . ? A HEM 201 ? 1_555 ND ? B HEM . ? A HEM 201 ? 1_555 89.4  ? 
8  NA  ? B HEM .  ? A HEM 201 ? 1_555 FE ? B HEM . ? A HEM 201 ? 1_555 ND ? B HEM . ? A HEM 201 ? 1_555 89.7  ? 
9  NB  ? B HEM .  ? A HEM 201 ? 1_555 FE ? B HEM . ? A HEM 201 ? 1_555 ND ? B HEM . ? A HEM 201 ? 1_555 178.7 ? 
10 NC  ? B HEM .  ? A HEM 201 ? 1_555 FE ? B HEM . ? A HEM 201 ? 1_555 ND ? B HEM . ? A HEM 201 ? 1_555 89.8  ? 
11 NE2 ? A HIS 93 ? A HIS 93  ? 1_555 FE ? B HEM . ? A HEM 201 ? 1_555 N7 ? G 3QM . ? A 3QM 206 ? 1_555 176.2 ? 
12 NA  ? B HEM .  ? A HEM 201 ? 1_555 FE ? B HEM . ? A HEM 201 ? 1_555 N7 ? G 3QM . ? A 3QM 206 ? 1_555 91.1  ? 
13 NB  ? B HEM .  ? A HEM 201 ? 1_555 FE ? B HEM . ? A HEM 201 ? 1_555 N7 ? G 3QM . ? A 3QM 206 ? 1_555 87.1  ? 
14 NC  ? B HEM .  ? A HEM 201 ? 1_555 FE ? B HEM . ? A HEM 201 ? 1_555 N7 ? G 3QM . ? A 3QM 206 ? 1_555 89.7  ? 
15 ND  ? B HEM .  ? A HEM 201 ? 1_555 FE ? B HEM . ? A HEM 201 ? 1_555 N7 ? G 3QM . ? A 3QM 206 ? 1_555 94.2  ? 
16 NE2 ? A HIS 93 ? A HIS 93  ? 1_555 FE ? B HEM . ? A HEM 201 ? 1_555 O1 ? G 3QM . ? A 3QM 206 ? 1_555 150.5 ? 
17 NA  ? B HEM .  ? A HEM 201 ? 1_555 FE ? B HEM . ? A HEM 201 ? 1_555 O1 ? G 3QM . ? A 3QM 206 ? 1_555 70.6  ? 
18 NB  ? B HEM .  ? A HEM 201 ? 1_555 FE ? B HEM . ? A HEM 201 ? 1_555 O1 ? G 3QM . ? A 3QM 206 ? 1_555 69.4  ? 
19 NC  ? B HEM .  ? A HEM 201 ? 1_555 FE ? B HEM . ? A HEM 201 ? 1_555 O1 ? G 3QM . ? A 3QM 206 ? 1_555 110.3 ? 
20 ND  ? B HEM .  ? A HEM 201 ? 1_555 FE ? B HEM . ? A HEM 201 ? 1_555 O1 ? G 3QM . ? A 3QM 206 ? 1_555 111.8 ? 
21 N7  ? G 3QM .  ? A 3QM 206 ? 1_555 FE ? B HEM . ? A HEM 201 ? 1_555 O1 ? G 3QM . ? A 3QM 206 ? 1_555 27.8  ? 
# 
loop_
_pdbx_audit_revision_history.ordinal 
_pdbx_audit_revision_history.data_content_type 
_pdbx_audit_revision_history.major_revision 
_pdbx_audit_revision_history.minor_revision 
_pdbx_audit_revision_history.revision_date 
1 'Structure model' 1 0 2017-05-10 
2 'Structure model' 1 1 2017-05-17 
3 'Structure model' 1 2 2017-09-20 
4 'Structure model' 1 3 2017-11-01 
5 'Structure model' 1 4 2019-11-27 
6 'Structure model' 1 5 2023-09-27 
# 
_pdbx_audit_revision_details.ordinal             1 
_pdbx_audit_revision_details.revision_ordinal    1 
_pdbx_audit_revision_details.data_content_type   'Structure model' 
_pdbx_audit_revision_details.provider            repository 
_pdbx_audit_revision_details.type                'Initial release' 
_pdbx_audit_revision_details.description         ? 
_pdbx_audit_revision_details.details             ? 
# 
loop_
_pdbx_audit_revision_group.ordinal 
_pdbx_audit_revision_group.revision_ordinal 
_pdbx_audit_revision_group.data_content_type 
_pdbx_audit_revision_group.group 
1 2 'Structure model' 'Database references'        
2 3 'Structure model' 'Author supporting evidence' 
3 4 'Structure model' 'Author supporting evidence' 
4 5 'Structure model' 'Author supporting evidence' 
5 6 'Structure model' 'Data collection'            
6 6 'Structure model' 'Database references'        
7 6 'Structure model' 'Refinement description'     
# 
loop_
_pdbx_audit_revision_category.ordinal 
_pdbx_audit_revision_category.revision_ordinal 
_pdbx_audit_revision_category.data_content_type 
_pdbx_audit_revision_category.category 
1 3 'Structure model' pdbx_audit_support                 
2 4 'Structure model' pdbx_struct_assembly_auth_evidence 
3 5 'Structure model' pdbx_audit_support                 
4 6 'Structure model' chem_comp_atom                     
5 6 'Structure model' chem_comp_bond                     
6 6 'Structure model' database_2                         
7 6 'Structure model' pdbx_initial_refinement_model      
# 
loop_
_pdbx_audit_revision_item.ordinal 
_pdbx_audit_revision_item.revision_ordinal 
_pdbx_audit_revision_item.data_content_type 
_pdbx_audit_revision_item.item 
1 3 'Structure model' '_pdbx_audit_support.funding_organization' 
2 5 'Structure model' '_pdbx_audit_support.funding_organization' 
3 6 'Structure model' '_database_2.pdbx_DOI'                     
4 6 'Structure model' '_database_2.pdbx_database_accession'      
# 
loop_
_software.citation_id 
_software.classification 
_software.compiler_name 
_software.compiler_version 
_software.contact_author 
_software.contact_author_email 
_software.date 
_software.description 
_software.dependencies 
_software.hardware 
_software.language 
_software.location 
_software.mods 
_software.name 
_software.os 
_software.os_version 
_software.type 
_software.version 
_software.pdbx_ordinal 
? refinement        ? ? ? ? ? ? ? ? ? ? ? REFMAC       ? ? ? . 1 
? 'data collection' ? ? ? ? ? ? ? ? ? ? ? CrystalClear ? ? ? . 2 
? 'data scaling'    ? ? ? ? ? ? ? ? ? ? ? Aimless      ? ? ? . 3 
? phasing           ? ? ? ? ? ? ? ? ? ? ? PHASER       ? ? ? . 4 
? 'data extraction' ? ? ? ? ? ? ? ? ? ? ? PDB_EXTRACT  ? ? ? . 5 
? 'data reduction'  ? ? ? ? ? ? ? ? ? ? ? iMOSFLM      ? ? ? . 6 
# 
_pdbx_validate_close_contact.id               1 
_pdbx_validate_close_contact.PDB_model_num    1 
_pdbx_validate_close_contact.auth_atom_id_1   O 
_pdbx_validate_close_contact.auth_asym_id_1   A 
_pdbx_validate_close_contact.auth_comp_id_1   HOH 
_pdbx_validate_close_contact.auth_seq_id_1    319 
_pdbx_validate_close_contact.PDB_ins_code_1   ? 
_pdbx_validate_close_contact.label_alt_id_1   ? 
_pdbx_validate_close_contact.auth_atom_id_2   O 
_pdbx_validate_close_contact.auth_asym_id_2   A 
_pdbx_validate_close_contact.auth_comp_id_2   HOH 
_pdbx_validate_close_contact.auth_seq_id_2    406 
_pdbx_validate_close_contact.PDB_ins_code_2   ? 
_pdbx_validate_close_contact.label_alt_id_2   ? 
_pdbx_validate_close_contact.dist             1.83 
# 
_pdbx_validate_rmsd_bond.id                        1 
_pdbx_validate_rmsd_bond.PDB_model_num             1 
_pdbx_validate_rmsd_bond.auth_atom_id_1            CD 
_pdbx_validate_rmsd_bond.auth_asym_id_1            A 
_pdbx_validate_rmsd_bond.auth_comp_id_1            ARG 
_pdbx_validate_rmsd_bond.auth_seq_id_1             118 
_pdbx_validate_rmsd_bond.PDB_ins_code_1            ? 
_pdbx_validate_rmsd_bond.label_alt_id_1            ? 
_pdbx_validate_rmsd_bond.auth_atom_id_2            NE 
_pdbx_validate_rmsd_bond.auth_asym_id_2            A 
_pdbx_validate_rmsd_bond.auth_comp_id_2            ARG 
_pdbx_validate_rmsd_bond.auth_seq_id_2             118 
_pdbx_validate_rmsd_bond.PDB_ins_code_2            ? 
_pdbx_validate_rmsd_bond.label_alt_id_2            ? 
_pdbx_validate_rmsd_bond.bond_value                1.347 
_pdbx_validate_rmsd_bond.bond_target_value         1.460 
_pdbx_validate_rmsd_bond.bond_deviation            -0.113 
_pdbx_validate_rmsd_bond.bond_standard_deviation   0.017 
_pdbx_validate_rmsd_bond.linker_flag               N 
# 
loop_
_pdbx_validate_rmsd_angle.id 
_pdbx_validate_rmsd_angle.PDB_model_num 
_pdbx_validate_rmsd_angle.auth_atom_id_1 
_pdbx_validate_rmsd_angle.auth_asym_id_1 
_pdbx_validate_rmsd_angle.auth_comp_id_1 
_pdbx_validate_rmsd_angle.auth_seq_id_1 
_pdbx_validate_rmsd_angle.PDB_ins_code_1 
_pdbx_validate_rmsd_angle.label_alt_id_1 
_pdbx_validate_rmsd_angle.auth_atom_id_2 
_pdbx_validate_rmsd_angle.auth_asym_id_2 
_pdbx_validate_rmsd_angle.auth_comp_id_2 
_pdbx_validate_rmsd_angle.auth_seq_id_2 
_pdbx_validate_rmsd_angle.PDB_ins_code_2 
_pdbx_validate_rmsd_angle.label_alt_id_2 
_pdbx_validate_rmsd_angle.auth_atom_id_3 
_pdbx_validate_rmsd_angle.auth_asym_id_3 
_pdbx_validate_rmsd_angle.auth_comp_id_3 
_pdbx_validate_rmsd_angle.auth_seq_id_3 
_pdbx_validate_rmsd_angle.PDB_ins_code_3 
_pdbx_validate_rmsd_angle.label_alt_id_3 
_pdbx_validate_rmsd_angle.angle_value 
_pdbx_validate_rmsd_angle.angle_target_value 
_pdbx_validate_rmsd_angle.angle_deviation 
_pdbx_validate_rmsd_angle.angle_standard_deviation 
_pdbx_validate_rmsd_angle.linker_flag 
1 1 NE A ARG 118 ? ? CZ A ARG 118 ? ? NH1 A ARG 118 ? ? 113.15 120.30 -7.15 0.50 N 
2 1 NE A ARG 118 ? ? CZ A ARG 118 ? ? NH2 A ARG 118 ? ? 131.59 120.30 11.29 0.50 N 
3 1 CB A ASP 126 ? ? CG A ASP 126 ? ? OD1 A ASP 126 ? ? 124.07 118.30 5.77  0.90 N 
4 1 CB A ASP 126 ? ? CG A ASP 126 ? ? OD2 A ASP 126 ? ? 111.51 118.30 -6.79 0.90 N 
5 1 CB A TYR 146 ? ? CG A TYR 146 ? ? CD1 A TYR 146 ? ? 124.71 121.00 3.71  0.60 N 
# 
_pdbx_validate_torsion.id              1 
_pdbx_validate_torsion.PDB_model_num   1 
_pdbx_validate_torsion.auth_comp_id    ASP 
_pdbx_validate_torsion.auth_asym_id    A 
_pdbx_validate_torsion.auth_seq_id     20 
_pdbx_validate_torsion.PDB_ins_code    ? 
_pdbx_validate_torsion.label_alt_id    ? 
_pdbx_validate_torsion.phi             -161.72 
_pdbx_validate_torsion.psi             77.87 
# 
loop_
_chem_comp_atom.comp_id 
_chem_comp_atom.atom_id 
_chem_comp_atom.type_symbol 
_chem_comp_atom.pdbx_aromatic_flag 
_chem_comp_atom.pdbx_stereo_config 
_chem_comp_atom.pdbx_ordinal 
3QM C45  C  Y N 1   
3QM C46  C  Y N 2   
3QM C47  C  Y N 3   
3QM C48  C  Y N 4   
3QM C49  C  Y N 5   
3QM C44  C  Y N 6   
3QM C43  C  N N 7   
3QM C41  C  N R 8   
3QM C42  C  N N 9   
3QM N7   N  N N 10  
3QM O1   O  N N 11  
3QM H1   H  N N 12  
3QM H2   H  N N 13  
3QM H3   H  N N 14  
3QM H4   H  N N 15  
3QM H5   H  N N 16  
3QM H6   H  N N 17  
3QM H7   H  N N 18  
3QM H8   H  N N 19  
3QM H9   H  N N 20  
3QM H10  H  N N 21  
3QM H11  H  N N 22  
ALA N    N  N N 23  
ALA CA   C  N S 24  
ALA C    C  N N 25  
ALA O    O  N N 26  
ALA CB   C  N N 27  
ALA OXT  O  N N 28  
ALA H    H  N N 29  
ALA H2   H  N N 30  
ALA HA   H  N N 31  
ALA HB1  H  N N 32  
ALA HB2  H  N N 33  
ALA HB3  H  N N 34  
ALA HXT  H  N N 35  
ARG N    N  N N 36  
ARG CA   C  N S 37  
ARG C    C  N N 38  
ARG O    O  N N 39  
ARG CB   C  N N 40  
ARG CG   C  N N 41  
ARG CD   C  N N 42  
ARG NE   N  N N 43  
ARG CZ   C  N N 44  
ARG NH1  N  N N 45  
ARG NH2  N  N N 46  
ARG OXT  O  N N 47  
ARG H    H  N N 48  
ARG H2   H  N N 49  
ARG HA   H  N N 50  
ARG HB2  H  N N 51  
ARG HB3  H  N N 52  
ARG HG2  H  N N 53  
ARG HG3  H  N N 54  
ARG HD2  H  N N 55  
ARG HD3  H  N N 56  
ARG HE   H  N N 57  
ARG HH11 H  N N 58  
ARG HH12 H  N N 59  
ARG HH21 H  N N 60  
ARG HH22 H  N N 61  
ARG HXT  H  N N 62  
ASN N    N  N N 63  
ASN CA   C  N S 64  
ASN C    C  N N 65  
ASN O    O  N N 66  
ASN CB   C  N N 67  
ASN CG   C  N N 68  
ASN OD1  O  N N 69  
ASN ND2  N  N N 70  
ASN OXT  O  N N 71  
ASN H    H  N N 72  
ASN H2   H  N N 73  
ASN HA   H  N N 74  
ASN HB2  H  N N 75  
ASN HB3  H  N N 76  
ASN HD21 H  N N 77  
ASN HD22 H  N N 78  
ASN HXT  H  N N 79  
ASP N    N  N N 80  
ASP CA   C  N S 81  
ASP C    C  N N 82  
ASP O    O  N N 83  
ASP CB   C  N N 84  
ASP CG   C  N N 85  
ASP OD1  O  N N 86  
ASP OD2  O  N N 87  
ASP OXT  O  N N 88  
ASP H    H  N N 89  
ASP H2   H  N N 90  
ASP HA   H  N N 91  
ASP HB2  H  N N 92  
ASP HB3  H  N N 93  
ASP HD2  H  N N 94  
ASP HXT  H  N N 95  
GLN N    N  N N 96  
GLN CA   C  N S 97  
GLN C    C  N N 98  
GLN O    O  N N 99  
GLN CB   C  N N 100 
GLN CG   C  N N 101 
GLN CD   C  N N 102 
GLN OE1  O  N N 103 
GLN NE2  N  N N 104 
GLN OXT  O  N N 105 
GLN H    H  N N 106 
GLN H2   H  N N 107 
GLN HA   H  N N 108 
GLN HB2  H  N N 109 
GLN HB3  H  N N 110 
GLN HG2  H  N N 111 
GLN HG3  H  N N 112 
GLN HE21 H  N N 113 
GLN HE22 H  N N 114 
GLN HXT  H  N N 115 
GLU N    N  N N 116 
GLU CA   C  N S 117 
GLU C    C  N N 118 
GLU O    O  N N 119 
GLU CB   C  N N 120 
GLU CG   C  N N 121 
GLU CD   C  N N 122 
GLU OE1  O  N N 123 
GLU OE2  O  N N 124 
GLU OXT  O  N N 125 
GLU H    H  N N 126 
GLU H2   H  N N 127 
GLU HA   H  N N 128 
GLU HB2  H  N N 129 
GLU HB3  H  N N 130 
GLU HG2  H  N N 131 
GLU HG3  H  N N 132 
GLU HE2  H  N N 133 
GLU HXT  H  N N 134 
GLY N    N  N N 135 
GLY CA   C  N N 136 
GLY C    C  N N 137 
GLY O    O  N N 138 
GLY OXT  O  N N 139 
GLY H    H  N N 140 
GLY H2   H  N N 141 
GLY HA2  H  N N 142 
GLY HA3  H  N N 143 
GLY HXT  H  N N 144 
GOL C1   C  N N 145 
GOL O1   O  N N 146 
GOL C2   C  N N 147 
GOL O2   O  N N 148 
GOL C3   C  N N 149 
GOL O3   O  N N 150 
GOL H11  H  N N 151 
GOL H12  H  N N 152 
GOL HO1  H  N N 153 
GOL H2   H  N N 154 
GOL HO2  H  N N 155 
GOL H31  H  N N 156 
GOL H32  H  N N 157 
GOL HO3  H  N N 158 
HEM CHA  C  N N 159 
HEM CHB  C  N N 160 
HEM CHC  C  N N 161 
HEM CHD  C  N N 162 
HEM C1A  C  Y N 163 
HEM C2A  C  Y N 164 
HEM C3A  C  Y N 165 
HEM C4A  C  Y N 166 
HEM CMA  C  N N 167 
HEM CAA  C  N N 168 
HEM CBA  C  N N 169 
HEM CGA  C  N N 170 
HEM O1A  O  N N 171 
HEM O2A  O  N N 172 
HEM C1B  C  N N 173 
HEM C2B  C  N N 174 
HEM C3B  C  N N 175 
HEM C4B  C  N N 176 
HEM CMB  C  N N 177 
HEM CAB  C  N N 178 
HEM CBB  C  N N 179 
HEM C1C  C  Y N 180 
HEM C2C  C  Y N 181 
HEM C3C  C  Y N 182 
HEM C4C  C  Y N 183 
HEM CMC  C  N N 184 
HEM CAC  C  N N 185 
HEM CBC  C  N N 186 
HEM C1D  C  N N 187 
HEM C2D  C  N N 188 
HEM C3D  C  N N 189 
HEM C4D  C  N N 190 
HEM CMD  C  N N 191 
HEM CAD  C  N N 192 
HEM CBD  C  N N 193 
HEM CGD  C  N N 194 
HEM O1D  O  N N 195 
HEM O2D  O  N N 196 
HEM NA   N  Y N 197 
HEM NB   N  N N 198 
HEM NC   N  Y N 199 
HEM ND   N  N N 200 
HEM FE   FE N N 201 
HEM HHB  H  N N 202 
HEM HHC  H  N N 203 
HEM HHD  H  N N 204 
HEM HMA  H  N N 205 
HEM HMAA H  N N 206 
HEM HMAB H  N N 207 
HEM HAA  H  N N 208 
HEM HAAA H  N N 209 
HEM HBA  H  N N 210 
HEM HBAA H  N N 211 
HEM HMB  H  N N 212 
HEM HMBA H  N N 213 
HEM HMBB H  N N 214 
HEM HAB  H  N N 215 
HEM HBB  H  N N 216 
HEM HBBA H  N N 217 
HEM HMC  H  N N 218 
HEM HMCA H  N N 219 
HEM HMCB H  N N 220 
HEM HAC  H  N N 221 
HEM HBC  H  N N 222 
HEM HBCA H  N N 223 
HEM HMD  H  N N 224 
HEM HMDA H  N N 225 
HEM HMDB H  N N 226 
HEM HAD  H  N N 227 
HEM HADA H  N N 228 
HEM HBD  H  N N 229 
HEM HBDA H  N N 230 
HEM H2A  H  N N 231 
HEM H2D  H  N N 232 
HEM HHA  H  N N 233 
HIS N    N  N N 234 
HIS CA   C  N S 235 
HIS C    C  N N 236 
HIS O    O  N N 237 
HIS CB   C  N N 238 
HIS CG   C  Y N 239 
HIS ND1  N  Y N 240 
HIS CD2  C  Y N 241 
HIS CE1  C  Y N 242 
HIS NE2  N  Y N 243 
HIS OXT  O  N N 244 
HIS H    H  N N 245 
HIS H2   H  N N 246 
HIS HA   H  N N 247 
HIS HB2  H  N N 248 
HIS HB3  H  N N 249 
HIS HD1  H  N N 250 
HIS HD2  H  N N 251 
HIS HE1  H  N N 252 
HIS HE2  H  N N 253 
HIS HXT  H  N N 254 
HOH O    O  N N 255 
HOH H1   H  N N 256 
HOH H2   H  N N 257 
ILE N    N  N N 258 
ILE CA   C  N S 259 
ILE C    C  N N 260 
ILE O    O  N N 261 
ILE CB   C  N S 262 
ILE CG1  C  N N 263 
ILE CG2  C  N N 264 
ILE CD1  C  N N 265 
ILE OXT  O  N N 266 
ILE H    H  N N 267 
ILE H2   H  N N 268 
ILE HA   H  N N 269 
ILE HB   H  N N 270 
ILE HG12 H  N N 271 
ILE HG13 H  N N 272 
ILE HG21 H  N N 273 
ILE HG22 H  N N 274 
ILE HG23 H  N N 275 
ILE HD11 H  N N 276 
ILE HD12 H  N N 277 
ILE HD13 H  N N 278 
ILE HXT  H  N N 279 
LEU N    N  N N 280 
LEU CA   C  N S 281 
LEU C    C  N N 282 
LEU O    O  N N 283 
LEU CB   C  N N 284 
LEU CG   C  N N 285 
LEU CD1  C  N N 286 
LEU CD2  C  N N 287 
LEU OXT  O  N N 288 
LEU H    H  N N 289 
LEU H2   H  N N 290 
LEU HA   H  N N 291 
LEU HB2  H  N N 292 
LEU HB3  H  N N 293 
LEU HG   H  N N 294 
LEU HD11 H  N N 295 
LEU HD12 H  N N 296 
LEU HD13 H  N N 297 
LEU HD21 H  N N 298 
LEU HD22 H  N N 299 
LEU HD23 H  N N 300 
LEU HXT  H  N N 301 
LYS N    N  N N 302 
LYS CA   C  N S 303 
LYS C    C  N N 304 
LYS O    O  N N 305 
LYS CB   C  N N 306 
LYS CG   C  N N 307 
LYS CD   C  N N 308 
LYS CE   C  N N 309 
LYS NZ   N  N N 310 
LYS OXT  O  N N 311 
LYS H    H  N N 312 
LYS H2   H  N N 313 
LYS HA   H  N N 314 
LYS HB2  H  N N 315 
LYS HB3  H  N N 316 
LYS HG2  H  N N 317 
LYS HG3  H  N N 318 
LYS HD2  H  N N 319 
LYS HD3  H  N N 320 
LYS HE2  H  N N 321 
LYS HE3  H  N N 322 
LYS HZ1  H  N N 323 
LYS HZ2  H  N N 324 
LYS HZ3  H  N N 325 
LYS HXT  H  N N 326 
MET N    N  N N 327 
MET CA   C  N S 328 
MET C    C  N N 329 
MET O    O  N N 330 
MET CB   C  N N 331 
MET CG   C  N N 332 
MET SD   S  N N 333 
MET CE   C  N N 334 
MET OXT  O  N N 335 
MET H    H  N N 336 
MET H2   H  N N 337 
MET HA   H  N N 338 
MET HB2  H  N N 339 
MET HB3  H  N N 340 
MET HG2  H  N N 341 
MET HG3  H  N N 342 
MET HE1  H  N N 343 
MET HE2  H  N N 344 
MET HE3  H  N N 345 
MET HXT  H  N N 346 
PHE N    N  N N 347 
PHE CA   C  N S 348 
PHE C    C  N N 349 
PHE O    O  N N 350 
PHE CB   C  N N 351 
PHE CG   C  Y N 352 
PHE CD1  C  Y N 353 
PHE CD2  C  Y N 354 
PHE CE1  C  Y N 355 
PHE CE2  C  Y N 356 
PHE CZ   C  Y N 357 
PHE OXT  O  N N 358 
PHE H    H  N N 359 
PHE H2   H  N N 360 
PHE HA   H  N N 361 
PHE HB2  H  N N 362 
PHE HB3  H  N N 363 
PHE HD1  H  N N 364 
PHE HD2  H  N N 365 
PHE HE1  H  N N 366 
PHE HE2  H  N N 367 
PHE HZ   H  N N 368 
PHE HXT  H  N N 369 
PRO N    N  N N 370 
PRO CA   C  N S 371 
PRO C    C  N N 372 
PRO O    O  N N 373 
PRO CB   C  N N 374 
PRO CG   C  N N 375 
PRO CD   C  N N 376 
PRO OXT  O  N N 377 
PRO H    H  N N 378 
PRO HA   H  N N 379 
PRO HB2  H  N N 380 
PRO HB3  H  N N 381 
PRO HG2  H  N N 382 
PRO HG3  H  N N 383 
PRO HD2  H  N N 384 
PRO HD3  H  N N 385 
PRO HXT  H  N N 386 
SER N    N  N N 387 
SER CA   C  N S 388 
SER C    C  N N 389 
SER O    O  N N 390 
SER CB   C  N N 391 
SER OG   O  N N 392 
SER OXT  O  N N 393 
SER H    H  N N 394 
SER H2   H  N N 395 
SER HA   H  N N 396 
SER HB2  H  N N 397 
SER HB3  H  N N 398 
SER HG   H  N N 399 
SER HXT  H  N N 400 
SO4 S    S  N N 401 
SO4 O1   O  N N 402 
SO4 O2   O  N N 403 
SO4 O3   O  N N 404 
SO4 O4   O  N N 405 
THR N    N  N N 406 
THR CA   C  N S 407 
THR C    C  N N 408 
THR O    O  N N 409 
THR CB   C  N R 410 
THR OG1  O  N N 411 
THR CG2  C  N N 412 
THR OXT  O  N N 413 
THR H    H  N N 414 
THR H2   H  N N 415 
THR HA   H  N N 416 
THR HB   H  N N 417 
THR HG1  H  N N 418 
THR HG21 H  N N 419 
THR HG22 H  N N 420 
THR HG23 H  N N 421 
THR HXT  H  N N 422 
TRP N    N  N N 423 
TRP CA   C  N S 424 
TRP C    C  N N 425 
TRP O    O  N N 426 
TRP CB   C  N N 427 
TRP CG   C  Y N 428 
TRP CD1  C  Y N 429 
TRP CD2  C  Y N 430 
TRP NE1  N  Y N 431 
TRP CE2  C  Y N 432 
TRP CE3  C  Y N 433 
TRP CZ2  C  Y N 434 
TRP CZ3  C  Y N 435 
TRP CH2  C  Y N 436 
TRP OXT  O  N N 437 
TRP H    H  N N 438 
TRP H2   H  N N 439 
TRP HA   H  N N 440 
TRP HB2  H  N N 441 
TRP HB3  H  N N 442 
TRP HD1  H  N N 443 
TRP HE1  H  N N 444 
TRP HE3  H  N N 445 
TRP HZ2  H  N N 446 
TRP HZ3  H  N N 447 
TRP HH2  H  N N 448 
TRP HXT  H  N N 449 
TYR N    N  N N 450 
TYR CA   C  N S 451 
TYR C    C  N N 452 
TYR O    O  N N 453 
TYR CB   C  N N 454 
TYR CG   C  Y N 455 
TYR CD1  C  Y N 456 
TYR CD2  C  Y N 457 
TYR CE1  C  Y N 458 
TYR CE2  C  Y N 459 
TYR CZ   C  Y N 460 
TYR OH   O  N N 461 
TYR OXT  O  N N 462 
TYR H    H  N N 463 
TYR H2   H  N N 464 
TYR HA   H  N N 465 
TYR HB2  H  N N 466 
TYR HB3  H  N N 467 
TYR HD1  H  N N 468 
TYR HD2  H  N N 469 
TYR HE1  H  N N 470 
TYR HE2  H  N N 471 
TYR HH   H  N N 472 
TYR HXT  H  N N 473 
VAL N    N  N N 474 
VAL CA   C  N S 475 
VAL C    C  N N 476 
VAL O    O  N N 477 
VAL CB   C  N N 478 
VAL CG1  C  N N 479 
VAL CG2  C  N N 480 
VAL OXT  O  N N 481 
VAL H    H  N N 482 
VAL H2   H  N N 483 
VAL HA   H  N N 484 
VAL HB   H  N N 485 
VAL HG11 H  N N 486 
VAL HG12 H  N N 487 
VAL HG13 H  N N 488 
VAL HG21 H  N N 489 
VAL HG22 H  N N 490 
VAL HG23 H  N N 491 
VAL HXT  H  N N 492 
# 
loop_
_chem_comp_bond.comp_id 
_chem_comp_bond.atom_id_1 
_chem_comp_bond.atom_id_2 
_chem_comp_bond.value_order 
_chem_comp_bond.pdbx_aromatic_flag 
_chem_comp_bond.pdbx_stereo_config 
_chem_comp_bond.pdbx_ordinal 
3QM C46 C45  doub Y N 1   
3QM C46 C47  sing Y N 2   
3QM C45 C44  sing Y N 3   
3QM C47 C48  doub Y N 4   
3QM C44 C43  sing N N 5   
3QM C44 C49  doub Y N 6   
3QM C43 C41  sing N N 7   
3QM C48 C49  sing Y N 8   
3QM C41 C42  sing N N 9   
3QM C41 N7   sing N N 10  
3QM N7  O1   doub N N 11  
3QM C45 H1   sing N N 12  
3QM C46 H2   sing N N 13  
3QM C47 H3   sing N N 14  
3QM C48 H4   sing N N 15  
3QM C49 H5   sing N N 16  
3QM C43 H6   sing N N 17  
3QM C43 H7   sing N N 18  
3QM C41 H8   sing N N 19  
3QM C42 H9   sing N N 20  
3QM C42 H10  sing N N 21  
3QM C42 H11  sing N N 22  
ALA N   CA   sing N N 23  
ALA N   H    sing N N 24  
ALA N   H2   sing N N 25  
ALA CA  C    sing N N 26  
ALA CA  CB   sing N N 27  
ALA CA  HA   sing N N 28  
ALA C   O    doub N N 29  
ALA C   OXT  sing N N 30  
ALA CB  HB1  sing N N 31  
ALA CB  HB2  sing N N 32  
ALA CB  HB3  sing N N 33  
ALA OXT HXT  sing N N 34  
ARG N   CA   sing N N 35  
ARG N   H    sing N N 36  
ARG N   H2   sing N N 37  
ARG CA  C    sing N N 38  
ARG CA  CB   sing N N 39  
ARG CA  HA   sing N N 40  
ARG C   O    doub N N 41  
ARG C   OXT  sing N N 42  
ARG CB  CG   sing N N 43  
ARG CB  HB2  sing N N 44  
ARG CB  HB3  sing N N 45  
ARG CG  CD   sing N N 46  
ARG CG  HG2  sing N N 47  
ARG CG  HG3  sing N N 48  
ARG CD  NE   sing N N 49  
ARG CD  HD2  sing N N 50  
ARG CD  HD3  sing N N 51  
ARG NE  CZ   sing N N 52  
ARG NE  HE   sing N N 53  
ARG CZ  NH1  sing N N 54  
ARG CZ  NH2  doub N N 55  
ARG NH1 HH11 sing N N 56  
ARG NH1 HH12 sing N N 57  
ARG NH2 HH21 sing N N 58  
ARG NH2 HH22 sing N N 59  
ARG OXT HXT  sing N N 60  
ASN N   CA   sing N N 61  
ASN N   H    sing N N 62  
ASN N   H2   sing N N 63  
ASN CA  C    sing N N 64  
ASN CA  CB   sing N N 65  
ASN CA  HA   sing N N 66  
ASN C   O    doub N N 67  
ASN C   OXT  sing N N 68  
ASN CB  CG   sing N N 69  
ASN CB  HB2  sing N N 70  
ASN CB  HB3  sing N N 71  
ASN CG  OD1  doub N N 72  
ASN CG  ND2  sing N N 73  
ASN ND2 HD21 sing N N 74  
ASN ND2 HD22 sing N N 75  
ASN OXT HXT  sing N N 76  
ASP N   CA   sing N N 77  
ASP N   H    sing N N 78  
ASP N   H2   sing N N 79  
ASP CA  C    sing N N 80  
ASP CA  CB   sing N N 81  
ASP CA  HA   sing N N 82  
ASP C   O    doub N N 83  
ASP C   OXT  sing N N 84  
ASP CB  CG   sing N N 85  
ASP CB  HB2  sing N N 86  
ASP CB  HB3  sing N N 87  
ASP CG  OD1  doub N N 88  
ASP CG  OD2  sing N N 89  
ASP OD2 HD2  sing N N 90  
ASP OXT HXT  sing N N 91  
GLN N   CA   sing N N 92  
GLN N   H    sing N N 93  
GLN N   H2   sing N N 94  
GLN CA  C    sing N N 95  
GLN CA  CB   sing N N 96  
GLN CA  HA   sing N N 97  
GLN C   O    doub N N 98  
GLN C   OXT  sing N N 99  
GLN CB  CG   sing N N 100 
GLN CB  HB2  sing N N 101 
GLN CB  HB3  sing N N 102 
GLN CG  CD   sing N N 103 
GLN CG  HG2  sing N N 104 
GLN CG  HG3  sing N N 105 
GLN CD  OE1  doub N N 106 
GLN CD  NE2  sing N N 107 
GLN NE2 HE21 sing N N 108 
GLN NE2 HE22 sing N N 109 
GLN OXT HXT  sing N N 110 
GLU N   CA   sing N N 111 
GLU N   H    sing N N 112 
GLU N   H2   sing N N 113 
GLU CA  C    sing N N 114 
GLU CA  CB   sing N N 115 
GLU CA  HA   sing N N 116 
GLU C   O    doub N N 117 
GLU C   OXT  sing N N 118 
GLU CB  CG   sing N N 119 
GLU CB  HB2  sing N N 120 
GLU CB  HB3  sing N N 121 
GLU CG  CD   sing N N 122 
GLU CG  HG2  sing N N 123 
GLU CG  HG3  sing N N 124 
GLU CD  OE1  doub N N 125 
GLU CD  OE2  sing N N 126 
GLU OE2 HE2  sing N N 127 
GLU OXT HXT  sing N N 128 
GLY N   CA   sing N N 129 
GLY N   H    sing N N 130 
GLY N   H2   sing N N 131 
GLY CA  C    sing N N 132 
GLY CA  HA2  sing N N 133 
GLY CA  HA3  sing N N 134 
GLY C   O    doub N N 135 
GLY C   OXT  sing N N 136 
GLY OXT HXT  sing N N 137 
GOL C1  O1   sing N N 138 
GOL C1  C2   sing N N 139 
GOL C1  H11  sing N N 140 
GOL C1  H12  sing N N 141 
GOL O1  HO1  sing N N 142 
GOL C2  O2   sing N N 143 
GOL C2  C3   sing N N 144 
GOL C2  H2   sing N N 145 
GOL O2  HO2  sing N N 146 
GOL C3  O3   sing N N 147 
GOL C3  H31  sing N N 148 
GOL C3  H32  sing N N 149 
GOL O3  HO3  sing N N 150 
HEM CHA C1A  sing N N 151 
HEM CHA C4D  doub N N 152 
HEM CHA HHA  sing N N 153 
HEM CHB C4A  sing N N 154 
HEM CHB C1B  doub N N 155 
HEM CHB HHB  sing N N 156 
HEM CHC C4B  sing N N 157 
HEM CHC C1C  doub N N 158 
HEM CHC HHC  sing N N 159 
HEM CHD C4C  doub N N 160 
HEM CHD C1D  sing N N 161 
HEM CHD HHD  sing N N 162 
HEM C1A C2A  doub Y N 163 
HEM C1A NA   sing Y N 164 
HEM C2A C3A  sing Y N 165 
HEM C2A CAA  sing N N 166 
HEM C3A C4A  doub Y N 167 
HEM C3A CMA  sing N N 168 
HEM C4A NA   sing Y N 169 
HEM CMA HMA  sing N N 170 
HEM CMA HMAA sing N N 171 
HEM CMA HMAB sing N N 172 
HEM CAA CBA  sing N N 173 
HEM CAA HAA  sing N N 174 
HEM CAA HAAA sing N N 175 
HEM CBA CGA  sing N N 176 
HEM CBA HBA  sing N N 177 
HEM CBA HBAA sing N N 178 
HEM CGA O1A  doub N N 179 
HEM CGA O2A  sing N N 180 
HEM C1B C2B  sing N N 181 
HEM C1B NB   sing N N 182 
HEM C2B C3B  doub N N 183 
HEM C2B CMB  sing N N 184 
HEM C3B C4B  sing N N 185 
HEM C3B CAB  sing N N 186 
HEM C4B NB   doub N N 187 
HEM CMB HMB  sing N N 188 
HEM CMB HMBA sing N N 189 
HEM CMB HMBB sing N N 190 
HEM CAB CBB  doub N N 191 
HEM CAB HAB  sing N N 192 
HEM CBB HBB  sing N N 193 
HEM CBB HBBA sing N N 194 
HEM C1C C2C  sing Y N 195 
HEM C1C NC   sing Y N 196 
HEM C2C C3C  doub Y N 197 
HEM C2C CMC  sing N N 198 
HEM C3C C4C  sing Y N 199 
HEM C3C CAC  sing N N 200 
HEM C4C NC   sing Y N 201 
HEM CMC HMC  sing N N 202 
HEM CMC HMCA sing N N 203 
HEM CMC HMCB sing N N 204 
HEM CAC CBC  doub N N 205 
HEM CAC HAC  sing N N 206 
HEM CBC HBC  sing N N 207 
HEM CBC HBCA sing N N 208 
HEM C1D C2D  sing N N 209 
HEM C1D ND   doub N N 210 
HEM C2D C3D  doub N N 211 
HEM C2D CMD  sing N N 212 
HEM C3D C4D  sing N N 213 
HEM C3D CAD  sing N N 214 
HEM C4D ND   sing N N 215 
HEM CMD HMD  sing N N 216 
HEM CMD HMDA sing N N 217 
HEM CMD HMDB sing N N 218 
HEM CAD CBD  sing N N 219 
HEM CAD HAD  sing N N 220 
HEM CAD HADA sing N N 221 
HEM CBD CGD  sing N N 222 
HEM CBD HBD  sing N N 223 
HEM CBD HBDA sing N N 224 
HEM CGD O1D  doub N N 225 
HEM CGD O2D  sing N N 226 
HEM O2A H2A  sing N N 227 
HEM O2D H2D  sing N N 228 
HEM FE  NA   sing N N 229 
HEM FE  NB   sing N N 230 
HEM FE  NC   sing N N 231 
HEM FE  ND   sing N N 232 
HIS N   CA   sing N N 233 
HIS N   H    sing N N 234 
HIS N   H2   sing N N 235 
HIS CA  C    sing N N 236 
HIS CA  CB   sing N N 237 
HIS CA  HA   sing N N 238 
HIS C   O    doub N N 239 
HIS C   OXT  sing N N 240 
HIS CB  CG   sing N N 241 
HIS CB  HB2  sing N N 242 
HIS CB  HB3  sing N N 243 
HIS CG  ND1  sing Y N 244 
HIS CG  CD2  doub Y N 245 
HIS ND1 CE1  doub Y N 246 
HIS ND1 HD1  sing N N 247 
HIS CD2 NE2  sing Y N 248 
HIS CD2 HD2  sing N N 249 
HIS CE1 NE2  sing Y N 250 
HIS CE1 HE1  sing N N 251 
HIS NE2 HE2  sing N N 252 
HIS OXT HXT  sing N N 253 
HOH O   H1   sing N N 254 
HOH O   H2   sing N N 255 
ILE N   CA   sing N N 256 
ILE N   H    sing N N 257 
ILE N   H2   sing N N 258 
ILE CA  C    sing N N 259 
ILE CA  CB   sing N N 260 
ILE CA  HA   sing N N 261 
ILE C   O    doub N N 262 
ILE C   OXT  sing N N 263 
ILE CB  CG1  sing N N 264 
ILE CB  CG2  sing N N 265 
ILE CB  HB   sing N N 266 
ILE CG1 CD1  sing N N 267 
ILE CG1 HG12 sing N N 268 
ILE CG1 HG13 sing N N 269 
ILE CG2 HG21 sing N N 270 
ILE CG2 HG22 sing N N 271 
ILE CG2 HG23 sing N N 272 
ILE CD1 HD11 sing N N 273 
ILE CD1 HD12 sing N N 274 
ILE CD1 HD13 sing N N 275 
ILE OXT HXT  sing N N 276 
LEU N   CA   sing N N 277 
LEU N   H    sing N N 278 
LEU N   H2   sing N N 279 
LEU CA  C    sing N N 280 
LEU CA  CB   sing N N 281 
LEU CA  HA   sing N N 282 
LEU C   O    doub N N 283 
LEU C   OXT  sing N N 284 
LEU CB  CG   sing N N 285 
LEU CB  HB2  sing N N 286 
LEU CB  HB3  sing N N 287 
LEU CG  CD1  sing N N 288 
LEU CG  CD2  sing N N 289 
LEU CG  HG   sing N N 290 
LEU CD1 HD11 sing N N 291 
LEU CD1 HD12 sing N N 292 
LEU CD1 HD13 sing N N 293 
LEU CD2 HD21 sing N N 294 
LEU CD2 HD22 sing N N 295 
LEU CD2 HD23 sing N N 296 
LEU OXT HXT  sing N N 297 
LYS N   CA   sing N N 298 
LYS N   H    sing N N 299 
LYS N   H2   sing N N 300 
LYS CA  C    sing N N 301 
LYS CA  CB   sing N N 302 
LYS CA  HA   sing N N 303 
LYS C   O    doub N N 304 
LYS C   OXT  sing N N 305 
LYS CB  CG   sing N N 306 
LYS CB  HB2  sing N N 307 
LYS CB  HB3  sing N N 308 
LYS CG  CD   sing N N 309 
LYS CG  HG2  sing N N 310 
LYS CG  HG3  sing N N 311 
LYS CD  CE   sing N N 312 
LYS CD  HD2  sing N N 313 
LYS CD  HD3  sing N N 314 
LYS CE  NZ   sing N N 315 
LYS CE  HE2  sing N N 316 
LYS CE  HE3  sing N N 317 
LYS NZ  HZ1  sing N N 318 
LYS NZ  HZ2  sing N N 319 
LYS NZ  HZ3  sing N N 320 
LYS OXT HXT  sing N N 321 
MET N   CA   sing N N 322 
MET N   H    sing N N 323 
MET N   H2   sing N N 324 
MET CA  C    sing N N 325 
MET CA  CB   sing N N 326 
MET CA  HA   sing N N 327 
MET C   O    doub N N 328 
MET C   OXT  sing N N 329 
MET CB  CG   sing N N 330 
MET CB  HB2  sing N N 331 
MET CB  HB3  sing N N 332 
MET CG  SD   sing N N 333 
MET CG  HG2  sing N N 334 
MET CG  HG3  sing N N 335 
MET SD  CE   sing N N 336 
MET CE  HE1  sing N N 337 
MET CE  HE2  sing N N 338 
MET CE  HE3  sing N N 339 
MET OXT HXT  sing N N 340 
PHE N   CA   sing N N 341 
PHE N   H    sing N N 342 
PHE N   H2   sing N N 343 
PHE CA  C    sing N N 344 
PHE CA  CB   sing N N 345 
PHE CA  HA   sing N N 346 
PHE C   O    doub N N 347 
PHE C   OXT  sing N N 348 
PHE CB  CG   sing N N 349 
PHE CB  HB2  sing N N 350 
PHE CB  HB3  sing N N 351 
PHE CG  CD1  doub Y N 352 
PHE CG  CD2  sing Y N 353 
PHE CD1 CE1  sing Y N 354 
PHE CD1 HD1  sing N N 355 
PHE CD2 CE2  doub Y N 356 
PHE CD2 HD2  sing N N 357 
PHE CE1 CZ   doub Y N 358 
PHE CE1 HE1  sing N N 359 
PHE CE2 CZ   sing Y N 360 
PHE CE2 HE2  sing N N 361 
PHE CZ  HZ   sing N N 362 
PHE OXT HXT  sing N N 363 
PRO N   CA   sing N N 364 
PRO N   CD   sing N N 365 
PRO N   H    sing N N 366 
PRO CA  C    sing N N 367 
PRO CA  CB   sing N N 368 
PRO CA  HA   sing N N 369 
PRO C   O    doub N N 370 
PRO C   OXT  sing N N 371 
PRO CB  CG   sing N N 372 
PRO CB  HB2  sing N N 373 
PRO CB  HB3  sing N N 374 
PRO CG  CD   sing N N 375 
PRO CG  HG2  sing N N 376 
PRO CG  HG3  sing N N 377 
PRO CD  HD2  sing N N 378 
PRO CD  HD3  sing N N 379 
PRO OXT HXT  sing N N 380 
SER N   CA   sing N N 381 
SER N   H    sing N N 382 
SER N   H2   sing N N 383 
SER CA  C    sing N N 384 
SER CA  CB   sing N N 385 
SER CA  HA   sing N N 386 
SER C   O    doub N N 387 
SER C   OXT  sing N N 388 
SER CB  OG   sing N N 389 
SER CB  HB2  sing N N 390 
SER CB  HB3  sing N N 391 
SER OG  HG   sing N N 392 
SER OXT HXT  sing N N 393 
SO4 S   O1   doub N N 394 
SO4 S   O2   doub N N 395 
SO4 S   O3   sing N N 396 
SO4 S   O4   sing N N 397 
THR N   CA   sing N N 398 
THR N   H    sing N N 399 
THR N   H2   sing N N 400 
THR CA  C    sing N N 401 
THR CA  CB   sing N N 402 
THR CA  HA   sing N N 403 
THR C   O    doub N N 404 
THR C   OXT  sing N N 405 
THR CB  OG1  sing N N 406 
THR CB  CG2  sing N N 407 
THR CB  HB   sing N N 408 
THR OG1 HG1  sing N N 409 
THR CG2 HG21 sing N N 410 
THR CG2 HG22 sing N N 411 
THR CG2 HG23 sing N N 412 
THR OXT HXT  sing N N 413 
TRP N   CA   sing N N 414 
TRP N   H    sing N N 415 
TRP N   H2   sing N N 416 
TRP CA  C    sing N N 417 
TRP CA  CB   sing N N 418 
TRP CA  HA   sing N N 419 
TRP C   O    doub N N 420 
TRP C   OXT  sing N N 421 
TRP CB  CG   sing N N 422 
TRP CB  HB2  sing N N 423 
TRP CB  HB3  sing N N 424 
TRP CG  CD1  doub Y N 425 
TRP CG  CD2  sing Y N 426 
TRP CD1 NE1  sing Y N 427 
TRP CD1 HD1  sing N N 428 
TRP CD2 CE2  doub Y N 429 
TRP CD2 CE3  sing Y N 430 
TRP NE1 CE2  sing Y N 431 
TRP NE1 HE1  sing N N 432 
TRP CE2 CZ2  sing Y N 433 
TRP CE3 CZ3  doub Y N 434 
TRP CE3 HE3  sing N N 435 
TRP CZ2 CH2  doub Y N 436 
TRP CZ2 HZ2  sing N N 437 
TRP CZ3 CH2  sing Y N 438 
TRP CZ3 HZ3  sing N N 439 
TRP CH2 HH2  sing N N 440 
TRP OXT HXT  sing N N 441 
TYR N   CA   sing N N 442 
TYR N   H    sing N N 443 
TYR N   H2   sing N N 444 
TYR CA  C    sing N N 445 
TYR CA  CB   sing N N 446 
TYR CA  HA   sing N N 447 
TYR C   O    doub N N 448 
TYR C   OXT  sing N N 449 
TYR CB  CG   sing N N 450 
TYR CB  HB2  sing N N 451 
TYR CB  HB3  sing N N 452 
TYR CG  CD1  doub Y N 453 
TYR CG  CD2  sing Y N 454 
TYR CD1 CE1  sing Y N 455 
TYR CD1 HD1  sing N N 456 
TYR CD2 CE2  doub Y N 457 
TYR CD2 HD2  sing N N 458 
TYR CE1 CZ   doub Y N 459 
TYR CE1 HE1  sing N N 460 
TYR CE2 CZ   sing Y N 461 
TYR CE2 HE2  sing N N 462 
TYR CZ  OH   sing N N 463 
TYR OH  HH   sing N N 464 
TYR OXT HXT  sing N N 465 
VAL N   CA   sing N N 466 
VAL N   H    sing N N 467 
VAL N   H2   sing N N 468 
VAL CA  C    sing N N 469 
VAL CA  CB   sing N N 470 
VAL CA  HA   sing N N 471 
VAL C   O    doub N N 472 
VAL C   OXT  sing N N 473 
VAL CB  CG1  sing N N 474 
VAL CB  CG2  sing N N 475 
VAL CB  HB   sing N N 476 
VAL CG1 HG11 sing N N 477 
VAL CG1 HG12 sing N N 478 
VAL CG1 HG13 sing N N 479 
VAL CG2 HG21 sing N N 480 
VAL CG2 HG22 sing N N 481 
VAL CG2 HG23 sing N N 482 
VAL OXT HXT  sing N N 483 
# 
_pdbx_audit_support.funding_organization   'National Science Foundation (NSF, United States)' 
_pdbx_audit_support.country                'United States' 
_pdbx_audit_support.grant_number           CHE-1213674 
_pdbx_audit_support.ordinal                1 
# 
loop_
_pdbx_entity_nonpoly.entity_id 
_pdbx_entity_nonpoly.name 
_pdbx_entity_nonpoly.comp_id 
2 'PROTOPORPHYRIN IX CONTAINING FE' HEM 
3 'SULFATE ION'                     SO4 
4 '[(2R)-2-nitrosopropyl]benzene'   3QM 
5 GLYCEROL                          GOL 
6 water                             HOH 
# 
_pdbx_initial_refinement_model.id               1 
_pdbx_initial_refinement_model.entity_id_list   ? 
_pdbx_initial_refinement_model.type             'experimental model' 
_pdbx_initial_refinement_model.source_name      PDB 
_pdbx_initial_refinement_model.accession_code   2MBW 
_pdbx_initial_refinement_model.details          ? 
# 
_pdbx_struct_assembly_auth_evidence.id                     1 
_pdbx_struct_assembly_auth_evidence.assembly_id            1 
_pdbx_struct_assembly_auth_evidence.experimental_support   'gel filtration' 
_pdbx_struct_assembly_auth_evidence.details                ? 
# 
